data_7UMY
#
_entry.id   7UMY
#
_cell.length_a   256.215
_cell.length_b   79.137
_cell.length_c   89.425
_cell.angle_alpha   90.000
_cell.angle_beta   110.297
_cell.angle_gamma   90.000
#
_symmetry.space_group_name_H-M   'C 1 2 1'
#
loop_
_entity.id
_entity.type
_entity.pdbx_description
1 polymer 'Enoyl-[acyl-carrier-protein] reductase [NADH]'
2 non-polymer NICOTINAMIDE-ADENINE-DINUCLEOTIDE
3 non-polymer (2E)-3-[(7S)-7-amino-8-oxo-6,7,8,9-tetrahydro-5H-pyrido[2,3-b]azepin-3-yl]-N-methyl-N-[(3-methyl-1-benzofuran-2-yl)methyl]prop-2-enamide
4 water water
#
_entity_poly.entity_id   1
_entity_poly.type   'polypeptide(L)'
_entity_poly.pdbx_seq_one_letter_code
;GDHGMTQGLLAGKRFLIAGVASKLSIAYGIAQALHREGAELAFTYPNEKLKKRVDEFAEQFGSKLVFPCDVAVDAEIDNA
FAELAKHWDGVDGVVHSIGFAPAHTLDGDFTDVTDRDGFKIAHDISAYSFVAMARAAKPLLQARQGCLLTLTYQGSERVM
PNYNVMGMAKASLEAGVRYLASSLGVDGIRVNAISAGPIRTLAASGIKSFRKMLDANEKVAPLKRNVTIEEVGNAALFLC
SPWASGITGEILYVDAGFNTVGMSQSMMDDE
;
_entity_poly.pdbx_strand_id   A,B,C,D,E,F
#
loop_
_chem_comp.id
_chem_comp.type
_chem_comp.name
_chem_comp.formula
NAD non-polymer NICOTINAMIDE-ADENINE-DINUCLEOTIDE 'C21 H27 N7 O14 P2'
NUC non-polymer (2E)-3-[(7S)-7-amino-8-oxo-6,7,8,9-tetrahydro-5H-pyrido[2,3-b]azepin-3-yl]-N-methyl-N-[(3-methyl-1-benzofuran-2-yl)methyl]prop-2-enamide 'C23 H24 N4 O3'
#
# COMPACT_ATOMS: atom_id res chain seq x y z
N GLY A 8 -9.45 28.85 -24.35
CA GLY A 8 -8.30 27.96 -24.26
C GLY A 8 -8.66 26.59 -23.70
N LEU A 9 -7.64 25.75 -23.52
CA LEU A 9 -7.88 24.39 -23.04
C LEU A 9 -8.60 24.40 -21.69
N LEU A 10 -8.22 25.31 -20.80
CA LEU A 10 -8.82 25.41 -19.47
C LEU A 10 -9.90 26.48 -19.40
N ALA A 11 -10.72 26.59 -20.44
CA ALA A 11 -11.82 27.55 -20.43
C ALA A 11 -12.80 27.25 -19.31
N GLY A 12 -12.95 28.19 -18.38
CA GLY A 12 -13.91 28.13 -17.31
C GLY A 12 -13.56 27.24 -16.13
N LYS A 13 -12.41 26.58 -16.14
CA LYS A 13 -11.99 25.77 -15.00
C LYS A 13 -11.12 26.60 -14.07
N ARG A 14 -11.17 26.27 -12.78
CA ARG A 14 -10.48 27.04 -11.74
C ARG A 14 -9.41 26.18 -11.06
N PHE A 15 -8.39 26.86 -10.55
CA PHE A 15 -7.23 26.21 -9.94
C PHE A 15 -6.68 27.09 -8.83
N LEU A 16 -6.33 26.46 -7.71
CA LEU A 16 -5.67 27.11 -6.60
C LEU A 16 -4.16 26.89 -6.71
N ILE A 17 -3.40 27.96 -6.55
CA ILE A 17 -1.93 27.92 -6.67
C ILE A 17 -1.34 28.33 -5.33
N ALA A 18 -0.76 27.37 -4.63
CA ALA A 18 -0.01 27.64 -3.40
C ALA A 18 1.48 27.56 -3.69
N GLY A 19 2.22 28.60 -3.30
CA GLY A 19 3.67 28.54 -3.35
C GLY A 19 4.34 29.57 -4.23
N VAL A 20 3.60 30.58 -4.66
CA VAL A 20 4.19 31.68 -5.42
C VAL A 20 4.92 32.60 -4.46
N ALA A 21 6.25 32.59 -4.52
CA ALA A 21 7.07 33.50 -3.71
C ALA A 21 7.71 34.62 -4.51
N SER A 22 7.96 34.42 -5.81
CA SER A 22 8.58 35.43 -6.64
C SER A 22 8.34 35.08 -8.10
N LYS A 23 8.77 35.98 -8.99
CA LYS A 23 8.69 35.74 -10.43
C LYS A 23 9.47 34.53 -10.89
N LEU A 24 10.37 33.99 -10.07
CA LEU A 24 11.16 32.81 -10.37
C LEU A 24 10.49 31.52 -9.88
N SER A 25 9.46 31.66 -9.06
CA SER A 25 8.61 30.56 -8.66
C SER A 25 8.62 29.29 -9.53
N ILE A 26 8.68 28.10 -8.92
CA ILE A 26 8.25 26.98 -9.78
C ILE A 26 6.78 27.22 -10.06
N ALA A 27 6.05 27.63 -9.03
CA ALA A 27 4.62 27.95 -9.13
C ALA A 27 4.27 29.10 -10.07
N TYR A 28 5.12 30.12 -10.19
CA TYR A 28 4.79 31.25 -11.06
C TYR A 28 4.78 30.82 -12.53
N GLY A 29 5.83 30.14 -12.95
CA GLY A 29 5.87 29.65 -14.32
C GLY A 29 4.73 28.70 -14.64
N ILE A 30 4.36 27.84 -13.69
CA ILE A 30 3.19 26.99 -13.88
C ILE A 30 1.94 27.86 -13.95
N ALA A 31 1.72 28.68 -12.92
CA ALA A 31 0.57 29.58 -12.92
C ALA A 31 0.47 30.31 -14.25
N GLN A 32 1.60 30.82 -14.75
CA GLN A 32 1.58 31.51 -16.04
C GLN A 32 1.04 30.61 -17.14
N ALA A 33 1.46 29.34 -17.16
CA ALA A 33 0.98 28.42 -18.18
C ALA A 33 -0.51 28.16 -18.03
N LEU A 34 -0.99 28.01 -16.79
CA LEU A 34 -2.42 27.78 -16.57
C LEU A 34 -3.24 28.94 -17.13
N HIS A 35 -2.89 30.17 -16.78
CA HIS A 35 -3.61 31.32 -17.30
C HIS A 35 -3.56 31.36 -18.83
N ARG A 36 -2.40 31.03 -19.41
CA ARG A 36 -2.25 31.06 -20.86
C ARG A 36 -3.38 30.33 -21.56
N GLU A 37 -4.00 29.35 -20.89
CA GLU A 37 -5.07 28.56 -21.50
C GLU A 37 -6.46 28.92 -21.00
N GLY A 38 -6.57 29.97 -20.18
CA GLY A 38 -7.86 30.52 -19.82
C GLY A 38 -8.42 30.16 -18.46
N ALA A 39 -7.70 29.34 -17.68
CA ALA A 39 -8.16 29.03 -16.34
C ALA A 39 -7.90 30.23 -15.44
N GLU A 40 -8.70 30.38 -14.39
CA GLU A 40 -8.28 31.42 -13.47
C GLU A 40 -8.30 31.04 -12.00
N LEU A 41 -7.51 31.83 -11.29
CA LEU A 41 -6.52 31.38 -10.34
C LEU A 41 -6.80 31.95 -8.96
N ALA A 42 -6.32 31.23 -7.95
CA ALA A 42 -6.34 31.68 -6.58
C ALA A 42 -4.98 31.35 -5.98
N PHE A 43 -4.60 32.12 -4.98
CA PHE A 43 -3.25 32.06 -4.46
C PHE A 43 -3.26 32.17 -2.94
N THR A 44 -2.29 31.52 -2.33
CA THR A 44 -2.05 31.63 -0.90
C THR A 44 -0.67 32.25 -0.67
N TYR A 45 -0.48 32.76 0.54
CA TYR A 45 0.80 33.33 0.97
C TYR A 45 1.09 32.87 2.39
N PRO A 46 2.36 32.66 2.70
CA PRO A 46 2.70 32.10 4.03
C PRO A 46 2.53 33.09 5.18
N ASN A 47 2.75 34.39 4.95
CA ASN A 47 2.65 35.37 6.03
C ASN A 47 2.60 36.78 5.44
N GLU A 48 2.63 37.78 6.32
CA GLU A 48 2.40 39.17 5.92
C GLU A 48 3.42 39.65 4.90
N LYS A 49 4.73 39.50 5.19
CA LYS A 49 5.74 39.40 4.13
C LYS A 49 5.20 39.28 2.72
N LEU A 50 4.75 38.06 2.40
CA LEU A 50 4.42 37.60 1.08
C LEU A 50 3.01 37.94 0.71
N LYS A 51 2.21 38.40 1.67
CA LYS A 51 0.90 38.93 1.32
C LYS A 51 1.08 39.98 0.23
N LYS A 52 1.93 40.97 0.50
CA LYS A 52 2.11 42.09 -0.42
C LYS A 52 2.50 41.61 -1.82
N ARG A 53 3.46 40.70 -1.91
CA ARG A 53 3.94 40.29 -3.22
C ARG A 53 2.93 39.41 -3.95
N VAL A 54 2.22 38.55 -3.22
CA VAL A 54 1.21 37.70 -3.85
C VAL A 54 0.04 38.52 -4.36
N ASP A 55 -0.45 39.48 -3.56
CA ASP A 55 -1.52 40.36 -4.02
C ASP A 55 -1.29 40.86 -5.43
N GLU A 56 -0.06 41.29 -5.73
CA GLU A 56 0.19 41.85 -7.06
C GLU A 56 0.34 40.73 -8.08
N PHE A 57 0.96 39.62 -7.67
CA PHE A 57 1.08 38.49 -8.59
C PHE A 57 -0.29 37.97 -8.99
N ALA A 58 -1.27 38.09 -8.08
CA ALA A 58 -2.63 37.73 -8.43
C ALA A 58 -3.19 38.66 -9.50
N GLU A 59 -2.93 39.96 -9.37
CA GLU A 59 -3.58 40.93 -10.25
C GLU A 59 -2.98 40.96 -11.65
N GLN A 60 -1.79 40.41 -11.85
CA GLN A 60 -1.27 40.30 -13.21
C GLN A 60 -1.93 39.15 -13.95
N PHE A 61 -2.71 38.34 -13.24
CA PHE A 61 -3.45 37.23 -13.82
C PHE A 61 -4.96 37.42 -13.66
N GLY A 62 -5.41 38.67 -13.47
CA GLY A 62 -6.83 38.91 -13.36
C GLY A 62 -7.51 38.39 -12.11
N SER A 63 -6.76 38.18 -11.03
CA SER A 63 -7.27 37.53 -9.84
C SER A 63 -7.23 38.41 -8.60
N LYS A 64 -8.19 38.15 -7.69
CA LYS A 64 -8.12 38.59 -6.30
C LYS A 64 -7.55 37.54 -5.39
N LEU A 65 -7.86 36.28 -5.70
CA LEU A 65 -8.15 35.26 -4.69
C LEU A 65 -6.87 34.96 -3.91
N VAL A 66 -6.72 35.68 -2.80
CA VAL A 66 -5.47 35.79 -2.09
C VAL A 66 -5.78 35.62 -0.61
N PHE A 67 -5.35 34.47 -0.05
CA PHE A 67 -5.71 33.97 1.30
C PHE A 67 -4.49 33.59 2.10
N PRO A 68 -4.56 33.75 3.43
CA PRO A 68 -3.45 33.34 4.28
C PRO A 68 -3.30 31.83 4.45
N CYS A 69 -2.06 31.31 4.24
CA CYS A 69 -1.86 29.87 4.42
C CYS A 69 -0.41 29.64 4.82
N ASP A 70 -0.20 29.50 6.13
CA ASP A 70 1.00 28.90 6.69
C ASP A 70 0.64 27.46 7.00
N VAL A 71 1.30 26.52 6.32
CA VAL A 71 0.88 25.12 6.40
C VAL A 71 1.29 24.48 7.71
N ALA A 72 1.93 25.22 8.62
CA ALA A 72 2.23 24.68 9.93
C ALA A 72 1.01 24.71 10.84
N VAL A 73 0.07 25.62 10.57
CA VAL A 73 -1.11 25.80 11.41
C VAL A 73 -2.28 25.07 10.77
N ASP A 74 -2.90 24.15 11.52
CA ASP A 74 -4.05 23.42 11.00
C ASP A 74 -5.18 24.36 10.64
N ALA A 75 -5.51 25.30 11.53
CA ALA A 75 -6.64 26.20 11.29
C ALA A 75 -6.44 26.98 10.00
N GLU A 76 -5.26 27.57 9.81
CA GLU A 76 -5.01 28.37 8.62
C GLU A 76 -5.35 27.61 7.34
N ILE A 77 -5.11 26.29 7.34
CA ILE A 77 -5.41 25.48 6.17
C ILE A 77 -6.92 25.41 5.94
N ASP A 78 -7.65 24.86 6.92
CA ASP A 78 -9.09 24.69 6.75
C ASP A 78 -9.78 26.02 6.52
N ASN A 79 -9.38 27.05 7.27
CA ASN A 79 -9.91 28.37 7.02
C ASN A 79 -9.66 28.76 5.57
N ALA A 80 -8.46 28.45 5.08
CA ALA A 80 -8.09 28.76 3.69
C ALA A 80 -9.02 28.09 2.69
N PHE A 81 -9.44 26.86 2.96
CA PHE A 81 -10.38 26.25 2.03
C PHE A 81 -11.81 26.69 2.35
N ALA A 82 -12.05 27.09 3.60
CA ALA A 82 -13.32 27.71 3.95
C ALA A 82 -13.49 29.10 3.35
N GLU A 83 -12.45 29.94 3.37
CA GLU A 83 -12.62 31.25 2.76
C GLU A 83 -13.00 31.08 1.31
N LEU A 84 -12.21 30.26 0.61
CA LEU A 84 -12.37 30.05 -0.83
C LEU A 84 -13.74 29.49 -1.18
N ALA A 85 -14.40 28.80 -0.25
CA ALA A 85 -15.76 28.33 -0.52
C ALA A 85 -16.70 29.48 -0.83
N LYS A 86 -16.57 30.59 -0.09
CA LYS A 86 -17.48 31.72 -0.28
C LYS A 86 -17.48 32.23 -1.71
N HIS A 87 -16.32 32.23 -2.37
CA HIS A 87 -16.23 32.79 -3.71
C HIS A 87 -16.44 31.78 -4.82
N TRP A 88 -15.97 30.55 -4.65
CA TRP A 88 -15.98 29.55 -5.71
C TRP A 88 -16.89 28.39 -5.37
N ASP A 89 -17.72 27.99 -6.34
CA ASP A 89 -18.54 26.80 -6.22
C ASP A 89 -17.68 25.57 -5.94
N GLY A 90 -16.73 25.29 -6.82
CA GLY A 90 -15.84 24.16 -6.66
C GLY A 90 -14.44 24.47 -7.17
N VAL A 91 -13.65 23.44 -7.44
CA VAL A 91 -12.29 23.64 -7.94
C VAL A 91 -11.90 22.44 -8.79
N ASP A 92 -11.24 22.71 -9.91
CA ASP A 92 -10.80 21.69 -10.84
C ASP A 92 -9.37 21.23 -10.58
N GLY A 93 -8.70 21.80 -9.59
CA GLY A 93 -7.34 21.39 -9.29
C GLY A 93 -6.67 22.24 -8.24
N VAL A 94 -5.75 21.63 -7.48
CA VAL A 94 -4.98 22.31 -6.46
C VAL A 94 -3.50 22.00 -6.71
N VAL A 95 -2.69 23.06 -6.77
CA VAL A 95 -1.27 22.95 -7.10
C VAL A 95 -0.47 23.17 -5.83
N HIS A 96 0.32 22.17 -5.44
CA HIS A 96 1.13 22.20 -4.22
C HIS A 96 2.60 22.35 -4.60
N SER A 97 3.16 23.53 -4.35
CA SER A 97 4.54 23.87 -4.70
C SER A 97 5.28 24.40 -3.47
N ILE A 98 5.24 23.64 -2.39
CA ILE A 98 5.76 24.08 -1.09
C ILE A 98 6.76 23.06 -0.56
N GLY A 99 7.92 23.54 -0.14
CA GLY A 99 8.90 22.70 0.53
C GLY A 99 9.79 23.55 1.40
N PHE A 100 10.25 22.96 2.51
CA PHE A 100 11.06 23.74 3.44
C PHE A 100 11.77 22.81 4.42
N ALA A 101 13.00 23.20 4.79
CA ALA A 101 13.82 22.56 5.79
C ALA A 101 14.68 23.61 6.43
N PRO A 102 15.15 23.43 7.66
CA PRO A 102 15.92 24.45 8.36
C PRO A 102 17.12 25.01 7.61
N ALA A 103 17.43 24.48 6.43
CA ALA A 103 18.56 24.96 5.64
C ALA A 103 19.87 24.48 6.25
N HIS A 104 20.02 24.59 7.57
CA HIS A 104 21.22 24.09 8.21
C HIS A 104 21.30 22.58 8.03
N THR A 105 20.14 21.93 7.98
CA THR A 105 20.04 20.50 7.68
C THR A 105 20.40 20.21 6.23
N LEU A 106 20.56 21.24 5.41
CA LEU A 106 20.89 21.12 4.00
C LEU A 106 22.30 21.62 3.71
N ASP A 107 23.15 21.65 4.74
CA ASP A 107 24.50 22.21 4.62
C ASP A 107 25.42 21.42 5.56
N GLY A 108 26.02 20.37 5.03
CA GLY A 108 26.96 19.54 5.75
C GLY A 108 26.62 18.07 5.63
N ASP A 109 27.40 17.26 6.34
CA ASP A 109 27.16 15.82 6.35
C ASP A 109 25.74 15.52 6.80
N PHE A 110 25.09 14.58 6.10
CA PHE A 110 23.72 14.22 6.43
C PHE A 110 23.59 13.77 7.89
N THR A 111 24.48 12.86 8.32
CA THR A 111 24.37 12.35 9.69
C THR A 111 24.54 13.47 10.71
N ASP A 112 25.58 14.29 10.54
CA ASP A 112 25.92 15.26 11.57
C ASP A 112 24.85 16.32 11.73
N VAL A 113 24.25 16.77 10.63
CA VAL A 113 23.43 17.98 10.64
C VAL A 113 21.93 17.71 10.72
N THR A 114 21.51 16.46 10.69
CA THR A 114 20.08 16.13 10.68
C THR A 114 19.61 15.91 12.12
N ASP A 115 19.10 16.98 12.73
CA ASP A 115 18.54 16.89 14.07
C ASP A 115 17.06 16.55 14.00
N ARG A 116 16.47 16.29 15.17
CA ARG A 116 15.07 15.87 15.22
C ARG A 116 14.14 16.98 14.75
N ASP A 117 14.34 18.20 15.25
CA ASP A 117 13.48 19.30 14.86
C ASP A 117 13.58 19.55 13.35
N GLY A 118 14.79 19.78 12.85
CA GLY A 118 14.97 19.94 11.42
C GLY A 118 14.29 18.85 10.61
N PHE A 119 14.29 17.62 11.16
CA PHE A 119 13.54 16.54 10.52
C PHE A 119 12.04 16.79 10.58
N LYS A 120 11.55 17.13 11.78
CA LYS A 120 10.12 17.37 11.94
C LYS A 120 9.64 18.47 10.99
N ILE A 121 10.33 19.61 11.00
CA ILE A 121 9.93 20.73 10.14
C ILE A 121 9.96 20.30 8.68
N ALA A 122 11.05 19.66 8.26
CA ALA A 122 11.18 19.21 6.87
C ALA A 122 9.97 18.41 6.42
N HIS A 123 9.68 17.31 7.12
CA HIS A 123 8.57 16.45 6.72
C HIS A 123 7.23 17.13 6.93
N ASP A 124 7.10 17.94 7.98
CA ASP A 124 5.83 18.61 8.24
C ASP A 124 5.50 19.60 7.13
N ILE A 125 6.39 20.57 6.88
CA ILE A 125 6.11 21.60 5.89
C ILE A 125 6.06 21.01 4.48
N SER A 126 6.92 20.05 4.20
CA SER A 126 7.13 19.58 2.83
C SER A 126 6.33 18.34 2.47
N ALA A 127 5.90 17.56 3.45
CA ALA A 127 5.21 16.29 3.17
C ALA A 127 3.77 16.29 3.66
N TYR A 128 3.53 16.51 4.96
CA TYR A 128 2.17 16.46 5.47
C TYR A 128 1.28 17.52 4.82
N SER A 129 1.83 18.72 4.60
CA SER A 129 1.04 19.83 4.07
C SER A 129 0.18 19.40 2.89
N PHE A 130 0.77 18.69 1.93
CA PHE A 130 0.01 18.26 0.76
C PHE A 130 -1.20 17.42 1.16
N VAL A 131 -1.01 16.49 2.11
CA VAL A 131 -2.12 15.64 2.53
C VAL A 131 -3.19 16.47 3.22
N ALA A 132 -2.78 17.44 4.04
CA ALA A 132 -3.75 18.31 4.71
C ALA A 132 -4.52 19.13 3.69
N MET A 133 -3.82 19.86 2.83
CA MET A 133 -4.48 20.59 1.77
C MET A 133 -5.44 19.70 1.00
N ALA A 134 -4.97 18.50 0.62
CA ALA A 134 -5.84 17.57 -0.09
C ALA A 134 -7.13 17.33 0.67
N ARG A 135 -7.06 17.15 1.98
CA ARG A 135 -8.27 16.91 2.76
C ARG A 135 -9.15 18.16 2.77
N ALA A 136 -8.61 19.29 3.23
CA ALA A 136 -9.38 20.53 3.25
C ALA A 136 -9.94 20.89 1.87
N ALA A 137 -9.35 20.37 0.81
CA ALA A 137 -9.79 20.66 -0.56
C ALA A 137 -10.72 19.61 -1.13
N LYS A 138 -10.89 18.46 -0.46
CA LYS A 138 -11.70 17.37 -0.99
C LYS A 138 -13.09 17.82 -1.40
N PRO A 139 -13.86 18.46 -0.53
CA PRO A 139 -15.21 18.89 -0.95
C PRO A 139 -15.16 19.80 -2.16
N LEU A 140 -14.36 20.87 -2.09
CA LEU A 140 -14.24 21.81 -3.19
C LEU A 140 -13.79 21.11 -4.48
N LEU A 141 -13.05 20.00 -4.35
CA LEU A 141 -12.57 19.27 -5.51
C LEU A 141 -13.59 18.27 -6.06
N GLN A 142 -14.45 17.71 -5.20
CA GLN A 142 -15.46 16.78 -5.69
C GLN A 142 -16.45 17.47 -6.60
N ALA A 143 -16.82 18.72 -6.28
CA ALA A 143 -17.77 19.46 -7.09
C ALA A 143 -17.45 19.38 -8.58
N ARG A 144 -16.17 19.54 -8.94
CA ARG A 144 -15.78 19.63 -10.34
C ARG A 144 -14.87 18.51 -10.79
N GLN A 145 -14.71 17.45 -9.99
CA GLN A 145 -13.82 16.36 -10.34
C GLN A 145 -12.44 16.88 -10.71
N GLY A 146 -11.92 17.80 -9.90
CA GLY A 146 -10.61 18.36 -10.13
C GLY A 146 -9.51 17.34 -9.87
N CYS A 147 -8.28 17.87 -9.82
CA CYS A 147 -7.09 17.05 -9.62
C CYS A 147 -6.15 17.76 -8.66
N LEU A 148 -5.19 17.00 -8.14
CA LEU A 148 -4.15 17.52 -7.26
C LEU A 148 -2.78 17.31 -7.91
N LEU A 149 -1.86 18.25 -7.65
CA LEU A 149 -0.54 18.18 -8.24
C LEU A 149 0.49 18.80 -7.28
N THR A 150 1.63 18.12 -7.14
CA THR A 150 2.75 18.60 -6.34
C THR A 150 4.04 18.46 -7.13
N LEU A 151 5.09 19.07 -6.60
CA LEU A 151 6.43 19.03 -7.17
C LEU A 151 7.36 18.32 -6.18
N THR A 152 8.06 17.29 -6.65
CA THR A 152 9.01 16.61 -5.77
C THR A 152 10.36 16.75 -6.45
N TYR A 153 11.31 16.00 -5.94
CA TYR A 153 12.66 16.03 -6.48
C TYR A 153 13.23 14.62 -6.42
N GLN A 154 13.98 14.26 -7.45
CA GLN A 154 14.50 12.91 -7.55
C GLN A 154 15.59 12.62 -6.54
N GLY A 155 15.87 13.56 -5.65
CA GLY A 155 16.69 13.26 -4.49
C GLY A 155 16.04 12.24 -3.59
N SER A 156 14.73 11.99 -3.77
CA SER A 156 14.06 10.93 -3.03
C SER A 156 14.56 9.55 -3.47
N GLU A 157 14.84 9.37 -4.75
CA GLU A 157 15.39 8.08 -5.13
C GLU A 157 16.89 8.03 -5.07
N ARG A 158 17.56 9.14 -5.24
CA ARG A 158 19.01 9.09 -5.39
C ARG A 158 19.63 10.19 -4.58
N VAL A 159 20.84 9.91 -4.12
CA VAL A 159 21.52 10.78 -3.17
C VAL A 159 22.14 11.93 -3.94
N MET A 160 21.75 13.14 -3.58
CA MET A 160 22.40 14.37 -3.97
C MET A 160 23.04 15.03 -2.76
N PRO A 161 24.25 15.55 -2.89
CA PRO A 161 24.92 16.16 -1.74
C PRO A 161 24.17 17.39 -1.24
N ASN A 162 24.04 17.49 0.07
CA ASN A 162 23.43 18.59 0.80
C ASN A 162 21.91 18.66 0.66
N TYR A 163 21.28 17.72 -0.06
CA TYR A 163 19.83 17.68 -0.06
C TYR A 163 19.29 16.99 1.19
N ASN A 164 20.03 16.00 1.70
CA ASN A 164 19.82 15.44 3.02
C ASN A 164 18.35 15.18 3.35
N VAL A 165 17.88 15.74 4.47
CA VAL A 165 16.56 15.41 4.99
C VAL A 165 15.47 15.73 3.98
N MET A 166 15.72 16.68 3.06
CA MET A 166 14.73 16.95 2.03
C MET A 166 14.50 15.73 1.15
N GLY A 167 15.51 14.89 0.96
CA GLY A 167 15.31 13.66 0.21
C GLY A 167 14.30 12.74 0.88
N MET A 168 14.44 12.54 2.20
CA MET A 168 13.47 11.72 2.92
C MET A 168 12.07 12.33 2.84
N ALA A 169 11.96 13.65 2.98
CA ALA A 169 10.66 14.30 2.90
C ALA A 169 10.03 14.10 1.52
N LYS A 170 10.80 14.36 0.46
CA LYS A 170 10.28 14.17 -0.89
C LYS A 170 9.88 12.71 -1.12
N ALA A 171 10.65 11.78 -0.56
CA ALA A 171 10.28 10.37 -0.66
C ALA A 171 8.97 10.10 0.05
N SER A 172 8.77 10.70 1.23
CA SER A 172 7.49 10.61 1.91
C SER A 172 6.40 11.26 1.07
N LEU A 173 6.66 12.47 0.57
CA LEU A 173 5.74 13.14 -0.35
C LEU A 173 5.29 12.19 -1.46
N GLU A 174 6.24 11.59 -2.18
CA GLU A 174 5.89 10.77 -3.32
C GLU A 174 5.00 9.59 -2.93
N ALA A 175 5.28 8.99 -1.76
CA ALA A 175 4.40 7.94 -1.26
C ALA A 175 2.98 8.48 -1.02
N GLY A 176 2.89 9.72 -0.53
CA GLY A 176 1.58 10.32 -0.34
C GLY A 176 0.77 10.38 -1.61
N VAL A 177 1.39 10.85 -2.70
CA VAL A 177 0.70 10.94 -3.99
C VAL A 177 0.03 9.61 -4.31
N ARG A 178 0.73 8.51 -4.11
CA ARG A 178 0.15 7.20 -4.44
C ARG A 178 -1.02 6.88 -3.54
N TYR A 179 -0.90 7.14 -2.23
CA TYR A 179 -1.99 6.85 -1.32
C TYR A 179 -3.16 7.81 -1.52
N LEU A 180 -2.85 9.09 -1.78
CA LEU A 180 -3.91 10.03 -2.13
C LEU A 180 -4.63 9.61 -3.41
N ALA A 181 -3.86 9.25 -4.44
CA ALA A 181 -4.47 8.83 -5.70
C ALA A 181 -5.37 7.63 -5.49
N SER A 182 -4.96 6.68 -4.64
CA SER A 182 -5.79 5.52 -4.36
C SER A 182 -6.99 5.90 -3.49
N SER A 183 -6.79 6.80 -2.53
CA SER A 183 -7.90 7.23 -1.67
C SER A 183 -8.93 8.03 -2.46
N LEU A 184 -8.49 9.03 -3.20
CA LEU A 184 -9.38 9.95 -3.90
C LEU A 184 -9.75 9.48 -5.30
N GLY A 185 -9.10 8.43 -5.81
CA GLY A 185 -9.40 7.97 -7.16
C GLY A 185 -10.84 7.53 -7.33
N VAL A 186 -11.40 6.89 -6.31
CA VAL A 186 -12.82 6.52 -6.37
C VAL A 186 -13.67 7.76 -6.60
N ASP A 187 -13.23 8.90 -6.07
CA ASP A 187 -13.89 10.18 -6.31
C ASP A 187 -13.51 10.82 -7.63
N GLY A 188 -12.89 10.07 -8.54
CA GLY A 188 -12.52 10.63 -9.83
C GLY A 188 -11.49 11.74 -9.71
N ILE A 189 -10.88 11.86 -8.54
CA ILE A 189 -9.89 12.91 -8.30
C ILE A 189 -8.51 12.32 -8.56
N ARG A 190 -7.80 12.89 -9.53
CA ARG A 190 -6.48 12.41 -9.89
C ARG A 190 -5.42 13.09 -9.04
N VAL A 191 -4.38 12.35 -8.69
CA VAL A 191 -3.28 12.84 -7.87
C VAL A 191 -1.99 12.49 -8.57
N ASN A 192 -1.20 13.49 -8.90
CA ASN A 192 0.06 13.29 -9.60
C ASN A 192 1.07 14.32 -9.11
N ALA A 193 2.33 14.11 -9.51
CA ALA A 193 3.41 14.99 -9.11
C ALA A 193 4.39 15.15 -10.27
N ILE A 194 5.13 16.25 -10.24
CA ILE A 194 6.19 16.53 -11.21
C ILE A 194 7.52 16.52 -10.50
N SER A 195 8.45 15.70 -11.00
CA SER A 195 9.83 15.70 -10.51
C SER A 195 10.63 16.59 -11.47
N ALA A 196 10.85 17.84 -11.06
CA ALA A 196 11.49 18.82 -11.92
C ALA A 196 12.99 18.79 -11.71
N GLY A 197 13.74 18.98 -12.79
CA GLY A 197 15.16 19.16 -12.68
C GLY A 197 15.48 20.38 -11.85
N PRO A 198 16.71 20.46 -11.34
CA PRO A 198 17.09 21.60 -10.51
C PRO A 198 17.18 22.88 -11.33
N ILE A 199 16.60 23.96 -10.81
CA ILE A 199 16.62 25.26 -11.45
C ILE A 199 16.74 26.34 -10.39
N ARG A 200 17.47 27.41 -10.73
CA ARG A 200 17.69 28.53 -9.83
C ARG A 200 16.42 29.30 -9.50
N THR A 201 15.88 29.07 -8.31
CA THR A 201 14.75 29.84 -7.80
C THR A 201 15.07 30.32 -6.39
N LEU A 202 14.08 30.90 -5.69
CA LEU A 202 14.31 31.30 -4.30
C LEU A 202 14.57 30.09 -3.40
N ALA A 203 14.33 28.88 -3.89
CA ALA A 203 14.71 27.66 -3.20
C ALA A 203 16.18 27.32 -3.40
N ALA A 204 16.96 28.24 -3.98
CA ALA A 204 18.40 28.07 -4.12
C ALA A 204 19.21 28.97 -3.19
N SER A 205 18.56 29.90 -2.50
CA SER A 205 19.27 30.83 -1.63
C SER A 205 19.84 30.10 -0.42
N GLY A 206 21.13 30.33 -0.16
CA GLY A 206 21.80 29.68 0.94
C GLY A 206 22.46 28.36 0.61
N ILE A 207 22.37 27.92 -0.64
CA ILE A 207 22.98 26.67 -1.09
C ILE A 207 24.24 27.05 -1.86
N LYS A 208 25.41 26.75 -1.27
CA LYS A 208 26.66 27.21 -1.86
C LYS A 208 27.01 26.49 -3.16
N SER A 209 26.66 25.21 -3.28
CA SER A 209 26.99 24.36 -4.41
C SER A 209 26.10 24.52 -5.64
N PHE A 210 25.04 25.33 -5.55
CA PHE A 210 23.94 25.26 -6.49
C PHE A 210 24.23 25.18 -7.97
N ARG A 211 24.65 26.26 -8.59
CA ARG A 211 24.89 26.36 -10.01
C ARG A 211 25.89 25.31 -10.42
N LYS A 212 26.81 24.93 -9.52
CA LYS A 212 27.76 23.87 -9.79
C LYS A 212 27.04 22.56 -9.86
N MET A 213 25.99 22.44 -9.06
CA MET A 213 24.99 21.40 -9.27
C MET A 213 24.30 21.65 -10.61
N LEU A 214 23.96 22.91 -10.89
CA LEU A 214 23.35 23.27 -12.17
C LEU A 214 24.26 22.92 -13.34
N ASP A 215 25.55 23.24 -13.21
CA ASP A 215 26.47 22.98 -14.31
C ASP A 215 26.66 21.50 -14.54
N ALA A 216 26.59 20.69 -13.48
CA ALA A 216 26.69 19.24 -13.65
C ALA A 216 25.45 18.69 -14.35
N ASN A 217 24.27 19.11 -13.91
CA ASN A 217 23.03 18.68 -14.58
C ASN A 217 23.07 19.05 -16.05
N GLU A 218 23.63 20.23 -16.37
CA GLU A 218 23.74 20.65 -17.76
C GLU A 218 24.59 19.69 -18.59
N LYS A 219 25.60 19.06 -17.97
CA LYS A 219 26.46 18.14 -18.71
C LYS A 219 25.89 16.72 -18.77
N VAL A 220 25.13 16.31 -17.77
CA VAL A 220 24.65 14.93 -17.68
C VAL A 220 23.32 14.75 -18.41
N ALA A 221 22.44 15.74 -18.34
CA ALA A 221 21.10 15.57 -18.89
C ALA A 221 21.21 15.23 -20.38
N PRO A 222 20.53 14.16 -20.85
CA PRO A 222 20.61 13.79 -22.27
C PRO A 222 20.50 14.98 -23.20
N LEU A 223 19.71 15.98 -22.82
CA LEU A 223 19.51 17.17 -23.64
C LEU A 223 20.58 18.23 -23.41
N LYS A 224 21.50 18.01 -22.47
CA LYS A 224 22.64 18.90 -22.25
C LYS A 224 22.18 20.29 -21.82
N ARG A 225 21.09 20.36 -21.07
CA ARG A 225 20.56 21.64 -20.63
C ARG A 225 19.65 21.41 -19.43
N ASN A 226 19.36 22.50 -18.74
CA ASN A 226 18.48 22.49 -17.58
C ASN A 226 17.09 22.99 -17.98
N VAL A 227 16.07 22.46 -17.31
CA VAL A 227 14.69 22.78 -17.63
C VAL A 227 14.40 24.21 -17.18
N THR A 228 13.24 24.74 -17.55
CA THR A 228 12.82 26.06 -17.14
C THR A 228 11.49 25.97 -16.40
N ILE A 229 11.14 27.05 -15.71
CA ILE A 229 9.85 27.10 -15.02
C ILE A 229 8.71 27.07 -16.04
N GLU A 230 8.97 27.54 -17.26
CA GLU A 230 7.98 27.42 -18.32
C GLU A 230 7.72 25.96 -18.67
N GLU A 231 8.79 25.22 -18.95
CA GLU A 231 8.63 23.82 -19.34
C GLU A 231 7.94 23.01 -18.26
N VAL A 232 8.21 23.32 -16.99
CA VAL A 232 7.49 22.68 -15.91
C VAL A 232 6.04 23.15 -15.91
N GLY A 233 5.82 24.45 -16.10
CA GLY A 233 4.46 24.95 -16.22
C GLY A 233 3.66 24.24 -17.30
N ASN A 234 4.25 24.08 -18.48
CA ASN A 234 3.53 23.39 -19.55
C ASN A 234 3.14 21.98 -19.14
N ALA A 235 4.05 21.26 -18.48
CA ALA A 235 3.75 19.90 -18.06
C ALA A 235 2.66 19.88 -16.99
N ALA A 236 2.77 20.75 -15.99
CA ALA A 236 1.73 20.84 -14.98
C ALA A 236 0.39 21.21 -15.60
N LEU A 237 0.41 22.07 -16.62
CA LEU A 237 -0.82 22.40 -17.33
C LEU A 237 -1.52 21.13 -17.81
N PHE A 238 -0.76 20.23 -18.44
CA PHE A 238 -1.33 18.97 -18.92
C PHE A 238 -1.95 18.17 -17.79
N LEU A 239 -1.22 18.00 -16.69
CA LEU A 239 -1.70 17.13 -15.62
C LEU A 239 -2.96 17.71 -14.99
N CYS A 240 -3.14 19.02 -15.05
CA CYS A 240 -4.35 19.67 -14.57
C CYS A 240 -5.42 19.76 -15.63
N SER A 241 -5.29 18.98 -16.69
CA SER A 241 -6.14 19.09 -17.87
C SER A 241 -6.83 17.76 -18.17
N PRO A 242 -7.95 17.79 -18.90
CA PRO A 242 -8.63 16.54 -19.26
C PRO A 242 -7.77 15.62 -20.11
N TRP A 243 -6.72 16.14 -20.75
CA TRP A 243 -5.82 15.27 -21.50
C TRP A 243 -5.14 14.27 -20.57
N ALA A 244 -4.99 14.62 -19.29
CA ALA A 244 -4.40 13.74 -18.29
C ALA A 244 -5.46 12.96 -17.51
N SER A 245 -6.62 12.72 -18.11
CA SER A 245 -7.69 12.06 -17.40
C SER A 245 -7.36 10.60 -17.07
N GLY A 246 -6.46 9.98 -17.82
CA GLY A 246 -6.07 8.60 -17.61
C GLY A 246 -4.84 8.39 -16.75
N ILE A 247 -4.38 9.43 -16.04
CA ILE A 247 -3.15 9.36 -15.28
C ILE A 247 -3.44 9.80 -13.86
N THR A 248 -3.10 8.95 -12.90
CA THR A 248 -3.19 9.30 -11.49
C THR A 248 -2.04 8.62 -10.75
N GLY A 249 -1.62 9.23 -9.64
CA GLY A 249 -0.52 8.67 -8.88
C GLY A 249 0.78 8.59 -9.65
N GLU A 250 0.95 9.47 -10.65
CA GLU A 250 2.12 9.44 -11.52
C GLU A 250 3.12 10.49 -11.07
N ILE A 251 4.40 10.13 -11.11
CA ILE A 251 5.51 11.05 -10.88
C ILE A 251 6.13 11.30 -12.24
N LEU A 252 5.85 12.47 -12.81
CA LEU A 252 6.37 12.83 -14.12
C LEU A 252 7.69 13.57 -13.97
N TYR A 253 8.73 13.07 -14.61
CA TYR A 253 10.07 13.64 -14.51
C TYR A 253 10.26 14.70 -15.60
N VAL A 254 10.51 15.93 -15.17
CA VAL A 254 10.82 17.02 -16.09
C VAL A 254 12.23 17.51 -15.80
N ASP A 255 13.22 16.72 -16.23
CA ASP A 255 14.63 16.99 -15.92
C ASP A 255 15.51 16.86 -17.16
N ALA A 256 14.93 17.01 -18.35
CA ALA A 256 15.66 16.78 -19.60
C ALA A 256 16.26 15.38 -19.65
N GLY A 257 15.61 14.43 -18.97
CA GLY A 257 16.08 13.07 -18.96
C GLY A 257 17.26 12.80 -18.04
N PHE A 258 17.70 13.78 -17.26
CA PHE A 258 18.82 13.55 -16.34
C PHE A 258 18.61 12.27 -15.55
N ASN A 259 17.38 12.03 -15.09
CA ASN A 259 17.04 10.88 -14.25
C ASN A 259 17.36 9.55 -14.92
N THR A 260 17.64 9.56 -16.23
CA THR A 260 17.85 8.34 -17.00
C THR A 260 19.33 7.95 -17.17
N VAL A 261 20.28 8.79 -16.77
CA VAL A 261 21.70 8.53 -17.01
C VAL A 261 22.33 7.86 -15.80
N GLY A 262 23.04 6.76 -16.03
CA GLY A 262 23.79 6.11 -14.98
C GLY A 262 25.13 6.78 -14.73
N MET A 263 25.77 7.22 -15.81
CA MET A 263 26.99 8.03 -15.75
C MET A 263 27.28 8.55 -17.15
N SER A 264 27.76 9.78 -17.22
CA SER A 264 28.06 10.43 -18.49
C SER A 264 29.54 10.26 -18.83
N GLN A 265 29.86 10.48 -20.11
CA GLN A 265 31.25 10.64 -20.49
C GLN A 265 31.92 11.55 -19.48
N SER A 266 33.02 11.07 -18.89
CA SER A 266 33.59 11.61 -17.65
C SER A 266 32.94 12.91 -17.16
N GLY B 8 -32.25 8.63 24.53
CA GLY B 8 -32.69 9.97 24.21
C GLY B 8 -34.17 10.07 23.91
N LEU B 9 -34.62 11.26 23.52
CA LEU B 9 -36.03 11.50 23.26
C LEU B 9 -36.57 10.55 22.20
N LEU B 10 -35.74 10.17 21.23
CA LEU B 10 -36.17 9.30 20.14
C LEU B 10 -35.99 7.84 20.52
N ALA B 11 -36.37 7.52 21.75
CA ALA B 11 -36.29 6.17 22.27
C ALA B 11 -37.10 5.22 21.41
N GLY B 12 -36.43 4.27 20.76
CA GLY B 12 -37.09 3.25 19.98
C GLY B 12 -37.64 3.72 18.65
N LYS B 13 -37.43 4.97 18.28
CA LYS B 13 -38.00 5.52 17.06
C LYS B 13 -37.06 5.35 15.87
N ARG B 14 -37.66 5.16 14.69
CA ARG B 14 -36.97 4.99 13.43
C ARG B 14 -37.40 6.08 12.46
N PHE B 15 -36.51 6.44 11.54
CA PHE B 15 -36.80 7.52 10.60
C PHE B 15 -36.10 7.25 9.28
N LEU B 16 -36.80 7.54 8.17
CA LEU B 16 -36.24 7.46 6.84
C LEU B 16 -35.75 8.84 6.40
N ILE B 17 -34.55 8.90 5.85
CA ILE B 17 -33.91 10.15 5.46
C ILE B 17 -33.67 10.12 3.95
N ALA B 18 -34.45 10.91 3.22
CA ALA B 18 -34.23 11.11 1.78
C ALA B 18 -33.61 12.47 1.56
N GLY B 19 -32.48 12.52 0.84
CA GLY B 19 -31.94 13.78 0.40
C GLY B 19 -30.54 14.12 0.88
N VAL B 20 -29.81 13.13 1.41
CA VAL B 20 -28.43 13.34 1.80
C VAL B 20 -27.56 13.27 0.55
N ALA B 21 -27.01 14.41 0.14
CA ALA B 21 -26.07 14.48 -0.98
C ALA B 21 -24.63 14.69 -0.54
N SER B 22 -24.41 15.31 0.60
CA SER B 22 -23.07 15.56 1.11
C SER B 22 -23.16 15.86 2.60
N LYS B 23 -21.98 15.98 3.24
CA LYS B 23 -21.93 16.37 4.63
C LYS B 23 -22.58 17.73 4.86
N LEU B 24 -22.79 18.49 3.79
CA LEU B 24 -23.48 19.77 3.90
C LEU B 24 -24.95 19.68 3.55
N SER B 25 -25.38 18.59 2.90
CA SER B 25 -26.80 18.43 2.63
C SER B 25 -27.54 18.75 3.92
N ILE B 26 -28.65 19.48 3.82
CA ILE B 26 -29.32 19.78 5.06
C ILE B 26 -29.87 18.52 5.71
N ALA B 27 -30.34 17.57 4.90
CA ALA B 27 -30.81 16.31 5.45
C ALA B 27 -29.74 15.67 6.33
N TYR B 28 -28.46 15.93 6.05
CA TYR B 28 -27.40 15.40 6.88
C TYR B 28 -27.51 15.97 8.30
N GLY B 29 -27.72 17.29 8.39
CA GLY B 29 -27.94 17.90 9.70
C GLY B 29 -29.14 17.32 10.43
N ILE B 30 -30.19 16.94 9.69
CA ILE B 30 -31.30 16.25 10.33
C ILE B 30 -30.85 14.91 10.90
N ALA B 31 -30.26 14.06 10.05
CA ALA B 31 -29.79 12.76 10.49
C ALA B 31 -28.93 12.87 11.75
N GLN B 32 -27.97 13.79 11.74
CA GLN B 32 -27.10 13.94 12.91
C GLN B 32 -27.91 14.23 14.17
N ALA B 33 -28.87 15.14 14.06
CA ALA B 33 -29.70 15.47 15.22
C ALA B 33 -30.57 14.29 15.62
N LEU B 34 -31.15 13.60 14.63
CA LEU B 34 -32.06 12.49 14.94
C LEU B 34 -31.36 11.37 15.73
N HIS B 35 -30.24 10.85 15.24
CA HIS B 35 -29.59 9.79 16.01
C HIS B 35 -29.16 10.30 17.37
N ARG B 36 -28.58 11.50 17.41
CA ARG B 36 -28.03 12.06 18.62
C ARG B 36 -29.00 11.85 19.77
N GLU B 37 -30.30 11.75 19.45
CA GLU B 37 -31.34 11.51 20.43
C GLU B 37 -31.81 10.06 20.43
N GLY B 38 -31.16 9.19 19.66
CA GLY B 38 -31.38 7.76 19.73
C GLY B 38 -32.17 7.09 18.62
N ALA B 39 -32.52 7.80 17.56
CA ALA B 39 -33.31 7.20 16.49
C ALA B 39 -32.47 6.23 15.64
N GLU B 40 -33.15 5.23 15.05
CA GLU B 40 -32.52 4.41 14.02
C GLU B 40 -32.85 5.03 12.67
N LEU B 41 -31.90 4.97 11.74
CA LEU B 41 -31.96 5.74 10.51
C LEU B 41 -31.92 4.83 9.28
N ALA B 42 -32.53 5.32 8.21
CA ALA B 42 -32.48 4.71 6.88
C ALA B 42 -32.31 5.81 5.85
N PHE B 43 -31.74 5.46 4.70
CA PHE B 43 -31.33 6.46 3.72
C PHE B 43 -31.59 6.00 2.29
N THR B 44 -31.88 6.97 1.43
CA THR B 44 -32.00 6.76 0.00
C THR B 44 -30.93 7.56 -0.75
N TYR B 45 -30.69 7.13 -1.99
CA TYR B 45 -29.78 7.79 -2.92
C TYR B 45 -30.42 7.83 -4.25
N PRO B 46 -30.15 8.86 -5.08
CA PRO B 46 -30.87 9.00 -6.32
C PRO B 46 -30.52 7.91 -7.34
N ASN B 47 -29.23 7.52 -7.44
CA ASN B 47 -28.87 6.38 -8.29
C ASN B 47 -27.41 6.00 -8.08
N GLU B 48 -26.80 5.44 -9.11
CA GLU B 48 -25.53 4.73 -8.97
C GLU B 48 -24.39 5.59 -8.43
N LYS B 49 -24.11 6.76 -9.05
CA LYS B 49 -22.98 7.56 -8.58
C LYS B 49 -22.96 7.75 -7.08
N LEU B 50 -24.13 8.00 -6.48
CA LEU B 50 -24.23 8.38 -5.08
C LEU B 50 -24.36 7.19 -4.15
N LYS B 51 -24.56 5.99 -4.69
CA LYS B 51 -24.80 4.81 -3.86
C LYS B 51 -23.75 4.66 -2.77
N LYS B 52 -22.47 4.54 -3.15
CA LYS B 52 -21.42 4.28 -2.19
C LYS B 52 -21.37 5.36 -1.10
N ARG B 53 -21.52 6.62 -1.50
CA ARG B 53 -21.35 7.71 -0.54
C ARG B 53 -22.48 7.72 0.49
N VAL B 54 -23.70 7.43 0.07
CA VAL B 54 -24.78 7.32 1.05
C VAL B 54 -24.53 6.11 1.93
N ASP B 55 -24.15 4.99 1.32
CA ASP B 55 -23.68 3.82 2.05
C ASP B 55 -22.68 4.25 3.10
N GLU B 56 -21.79 5.19 2.76
CA GLU B 56 -20.76 5.60 3.70
C GLU B 56 -21.32 6.54 4.75
N PHE B 57 -22.24 7.42 4.36
CA PHE B 57 -22.90 8.29 5.31
C PHE B 57 -23.74 7.49 6.29
N ALA B 58 -24.18 6.29 5.88
CA ALA B 58 -25.09 5.51 6.71
C ALA B 58 -24.49 5.18 8.07
N GLU B 59 -23.24 4.72 8.12
CA GLU B 59 -22.65 4.30 9.39
C GLU B 59 -21.82 5.40 10.07
N GLN B 60 -22.02 6.67 9.71
CA GLN B 60 -22.33 7.63 10.76
C GLN B 60 -23.19 7.01 11.83
N PHE B 61 -24.33 6.49 11.39
CA PHE B 61 -25.54 6.43 12.16
C PHE B 61 -25.92 5.00 12.46
N GLY B 62 -24.93 4.10 12.41
CA GLY B 62 -25.16 2.70 12.72
C GLY B 62 -26.02 1.98 11.71
N SER B 63 -26.18 2.54 10.52
CA SER B 63 -27.11 2.00 9.54
C SER B 63 -26.38 1.59 8.28
N LYS B 64 -26.88 0.51 7.68
CA LYS B 64 -26.52 0.11 6.33
C LYS B 64 -27.72 0.13 5.38
N LEU B 65 -28.92 0.34 5.90
CA LEU B 65 -30.13 0.25 5.10
C LEU B 65 -30.21 1.42 4.13
N VAL B 66 -29.71 1.22 2.92
CA VAL B 66 -29.55 2.27 1.92
C VAL B 66 -30.11 1.74 0.62
N PHE B 67 -31.15 2.37 0.11
CA PHE B 67 -31.88 1.83 -1.03
C PHE B 67 -31.92 2.83 -2.18
N PRO B 68 -31.89 2.33 -3.41
CA PRO B 68 -31.96 3.23 -4.58
C PRO B 68 -33.34 3.83 -4.69
N CYS B 69 -33.39 5.15 -4.90
CA CYS B 69 -34.67 5.84 -5.06
C CYS B 69 -34.44 7.09 -5.91
N ASP B 70 -34.74 6.97 -7.20
CA ASP B 70 -34.91 8.12 -8.07
C ASP B 70 -36.40 8.41 -8.11
N VAL B 71 -36.81 9.57 -7.59
CA VAL B 71 -38.23 9.84 -7.44
C VAL B 71 -38.91 10.18 -8.75
N ALA B 72 -38.16 10.19 -9.85
CA ALA B 72 -38.76 10.42 -11.16
C ALA B 72 -39.41 9.19 -11.76
N VAL B 73 -39.24 8.00 -11.16
CA VAL B 73 -39.94 6.80 -11.61
C VAL B 73 -40.82 6.29 -10.47
N ASP B 74 -42.09 6.06 -10.77
CA ASP B 74 -43.02 5.56 -9.76
C ASP B 74 -42.50 4.28 -9.09
N ALA B 75 -41.99 3.35 -9.89
CA ALA B 75 -41.64 2.03 -9.38
C ALA B 75 -40.61 2.09 -8.24
N GLU B 76 -39.46 2.75 -8.46
CA GLU B 76 -38.44 2.74 -7.40
C GLU B 76 -39.01 3.25 -6.08
N ILE B 77 -39.98 4.15 -6.13
CA ILE B 77 -40.56 4.69 -4.90
C ILE B 77 -41.20 3.55 -4.10
N ASP B 78 -42.20 2.89 -4.69
CA ASP B 78 -42.86 1.80 -3.99
C ASP B 78 -41.87 0.67 -3.71
N ASN B 79 -41.02 0.37 -4.68
CA ASN B 79 -39.99 -0.66 -4.47
C ASN B 79 -39.08 -0.29 -3.30
N ALA B 80 -38.65 0.97 -3.24
CA ALA B 80 -37.78 1.39 -2.13
C ALA B 80 -38.47 1.19 -0.79
N PHE B 81 -39.78 1.39 -0.74
CA PHE B 81 -40.54 1.18 0.49
C PHE B 81 -40.89 -0.28 0.72
N ALA B 82 -40.97 -1.08 -0.35
CA ALA B 82 -41.15 -2.52 -0.20
C ALA B 82 -39.91 -3.21 0.39
N GLU B 83 -38.72 -2.86 -0.10
CA GLU B 83 -37.50 -3.50 0.40
C GLU B 83 -37.35 -3.32 1.91
N LEU B 84 -37.32 -2.07 2.37
CA LEU B 84 -37.13 -1.81 3.79
C LEU B 84 -38.28 -2.36 4.63
N ALA B 85 -39.43 -2.63 4.02
CA ALA B 85 -40.53 -3.26 4.75
C ALA B 85 -40.09 -4.59 5.35
N LYS B 86 -39.37 -5.39 4.57
CA LYS B 86 -38.90 -6.66 5.10
C LYS B 86 -38.07 -6.43 6.34
N HIS B 87 -37.30 -5.37 6.35
CA HIS B 87 -36.36 -4.96 7.38
C HIS B 87 -36.96 -4.21 8.55
N TRP B 88 -37.96 -3.36 8.33
CA TRP B 88 -38.56 -2.55 9.38
C TRP B 88 -40.03 -2.94 9.58
N ASP B 89 -40.44 -3.13 10.83
CA ASP B 89 -41.85 -3.33 11.14
C ASP B 89 -42.67 -2.10 10.70
N GLY B 90 -42.34 -0.94 11.24
CA GLY B 90 -43.04 0.29 10.91
C GLY B 90 -42.10 1.48 10.86
N VAL B 91 -42.63 2.70 10.92
CA VAL B 91 -41.80 3.90 10.86
C VAL B 91 -42.50 5.02 11.62
N ASP B 92 -41.73 5.78 12.37
CA ASP B 92 -42.26 6.90 13.12
C ASP B 92 -42.08 8.20 12.34
N HIS B 96 -38.37 14.30 4.00
CA HIS B 96 -38.28 14.69 2.60
C HIS B 96 -37.41 15.95 2.44
N SER B 97 -36.21 15.76 1.91
CA SER B 97 -35.22 16.83 1.74
C SER B 97 -34.73 16.86 0.29
N ILE B 98 -35.66 16.91 -0.66
CA ILE B 98 -35.35 16.77 -2.07
C ILE B 98 -35.94 17.96 -2.83
N GLY B 99 -35.13 18.59 -3.68
CA GLY B 99 -35.61 19.61 -4.58
C GLY B 99 -34.66 19.72 -5.77
N PHE B 100 -35.24 20.04 -6.93
CA PHE B 100 -34.41 20.10 -8.13
C PHE B 100 -35.18 20.79 -9.26
N ALA B 101 -34.45 21.58 -10.05
CA ALA B 101 -34.99 22.18 -11.26
C ALA B 101 -33.84 22.39 -12.25
N PRO B 102 -34.13 22.34 -13.55
CA PRO B 102 -33.09 22.57 -14.57
C PRO B 102 -32.38 23.91 -14.43
N ALA B 103 -31.15 23.85 -13.93
CA ALA B 103 -30.27 25.01 -13.80
C ALA B 103 -30.67 26.22 -14.63
N HIS B 104 -31.01 26.02 -15.91
CA HIS B 104 -31.31 27.16 -16.78
C HIS B 104 -32.56 27.91 -16.33
N THR B 105 -33.53 27.21 -15.75
CA THR B 105 -34.73 27.87 -15.24
C THR B 105 -34.45 28.70 -14.00
N LEU B 106 -33.26 28.58 -13.41
CA LEU B 106 -32.87 29.30 -12.21
C LEU B 106 -31.78 30.32 -12.48
N ASP B 107 -31.64 30.79 -13.72
CA ASP B 107 -30.56 31.69 -14.11
C ASP B 107 -31.08 32.66 -15.17
N GLY B 108 -31.55 33.83 -14.71
CA GLY B 108 -32.03 34.89 -15.54
C GLY B 108 -33.38 35.38 -15.05
N ASP B 109 -33.97 36.31 -15.81
CA ASP B 109 -35.29 36.82 -15.48
C ASP B 109 -36.25 35.64 -15.36
N PHE B 110 -37.12 35.70 -14.34
CA PHE B 110 -38.07 34.61 -14.13
C PHE B 110 -38.86 34.34 -15.41
N THR B 111 -39.38 35.39 -16.04
CA THR B 111 -40.19 35.20 -17.24
C THR B 111 -39.40 34.53 -18.35
N ASP B 112 -38.18 35.01 -18.61
CA ASP B 112 -37.46 34.61 -19.81
C ASP B 112 -37.09 33.13 -19.84
N VAL B 113 -36.74 32.54 -18.69
CA VAL B 113 -36.06 31.25 -18.67
C VAL B 113 -36.99 30.06 -18.40
N THR B 114 -38.27 30.28 -18.12
CA THR B 114 -39.15 29.19 -17.68
C THR B 114 -39.84 28.49 -18.86
N ASP B 115 -39.22 27.40 -19.33
CA ASP B 115 -39.80 26.53 -20.34
C ASP B 115 -40.60 25.41 -19.65
N ARG B 116 -41.26 24.58 -20.45
CA ARG B 116 -42.11 23.52 -19.90
C ARG B 116 -41.28 22.51 -19.11
N ASP B 117 -40.13 22.11 -19.63
CA ASP B 117 -39.31 21.15 -18.89
C ASP B 117 -38.99 21.68 -17.51
N GLY B 118 -38.31 22.82 -17.44
CA GLY B 118 -37.99 23.40 -16.14
C GLY B 118 -39.18 23.46 -15.22
N PHE B 119 -40.37 23.74 -15.77
CA PHE B 119 -41.58 23.68 -14.96
C PHE B 119 -41.93 22.23 -14.60
N LYS B 120 -41.97 21.35 -15.61
CA LYS B 120 -42.38 19.96 -15.36
C LYS B 120 -41.48 19.28 -14.34
N ILE B 121 -40.17 19.23 -14.61
CA ILE B 121 -39.27 18.56 -13.67
C ILE B 121 -39.31 19.27 -12.31
N ALA B 122 -39.27 20.60 -12.32
CA ALA B 122 -39.31 21.35 -11.07
C ALA B 122 -40.44 20.86 -10.18
N HIS B 123 -41.67 20.92 -10.69
CA HIS B 123 -42.82 20.53 -9.88
C HIS B 123 -42.82 19.03 -9.62
N ASP B 124 -42.36 18.24 -10.59
CA ASP B 124 -42.35 16.78 -10.43
C ASP B 124 -41.39 16.36 -9.32
N ILE B 125 -40.11 16.70 -9.47
CA ILE B 125 -39.11 16.23 -8.52
C ILE B 125 -39.32 16.85 -7.14
N SER B 126 -39.72 18.11 -7.09
CA SER B 126 -39.70 18.87 -5.85
C SER B 126 -41.04 18.91 -5.12
N ALA B 127 -42.16 18.67 -5.81
CA ALA B 127 -43.47 18.81 -5.19
C ALA B 127 -44.23 17.49 -5.14
N TYR B 128 -44.47 16.84 -6.28
CA TYR B 128 -45.24 15.61 -6.29
C TYR B 128 -44.56 14.54 -5.45
N SER B 129 -43.23 14.46 -5.51
CA SER B 129 -42.48 13.43 -4.81
C SER B 129 -42.99 13.26 -3.38
N PHE B 130 -43.17 14.37 -2.67
CA PHE B 130 -43.62 14.30 -1.28
C PHE B 130 -44.95 13.56 -1.18
N VAL B 131 -45.90 13.86 -2.06
CA VAL B 131 -47.20 13.19 -2.01
C VAL B 131 -47.06 11.71 -2.36
N ALA B 132 -46.23 11.41 -3.36
CA ALA B 132 -45.99 10.01 -3.70
C ALA B 132 -45.30 9.29 -2.56
N MET B 133 -44.23 9.89 -2.03
CA MET B 133 -43.56 9.35 -0.84
C MET B 133 -44.58 9.06 0.25
N ALA B 134 -45.47 10.02 0.53
CA ALA B 134 -46.49 9.83 1.54
C ALA B 134 -47.29 8.56 1.30
N ARG B 135 -47.61 8.26 0.05
CA ARG B 135 -48.38 7.08 -0.28
C ARG B 135 -47.66 5.81 0.11
N ALA B 136 -46.51 5.56 -0.53
CA ALA B 136 -45.73 4.36 -0.25
C ALA B 136 -45.36 4.22 1.22
N ALA B 137 -45.37 5.33 1.97
CA ALA B 137 -45.03 5.31 3.38
C ALA B 137 -46.24 5.19 4.30
N LYS B 138 -47.45 5.37 3.78
CA LYS B 138 -48.63 5.33 4.65
C LYS B 138 -48.74 4.05 5.46
N PRO B 139 -48.72 2.86 4.88
CA PRO B 139 -48.80 1.64 5.70
C PRO B 139 -47.68 1.58 6.73
N LEU B 140 -46.43 1.66 6.26
CA LEU B 140 -45.29 1.61 7.16
C LEU B 140 -45.35 2.71 8.20
N LEU B 141 -45.94 3.84 7.86
CA LEU B 141 -46.10 4.96 8.77
C LEU B 141 -47.37 4.86 9.62
N GLN B 142 -48.42 4.21 9.09
CA GLN B 142 -49.63 4.00 9.88
C GLN B 142 -49.38 3.08 11.06
N ALA B 143 -48.57 2.04 10.88
CA ALA B 143 -48.27 1.13 11.97
C ALA B 143 -47.94 1.89 13.25
N ARG B 144 -47.17 2.97 13.13
CA ARG B 144 -46.67 3.66 14.32
C ARG B 144 -47.17 5.11 14.44
N GLN B 145 -48.16 5.52 13.66
CA GLN B 145 -48.61 6.91 13.71
C GLN B 145 -47.43 7.86 13.60
N GLY B 146 -46.54 7.57 12.65
CA GLY B 146 -45.38 8.41 12.44
C GLY B 146 -45.80 9.76 11.88
N CYS B 147 -44.80 10.49 11.40
CA CYS B 147 -45.04 11.81 10.88
C CYS B 147 -44.25 11.98 9.58
N LEU B 148 -44.63 12.99 8.82
CA LEU B 148 -43.96 13.35 7.59
C LEU B 148 -43.41 14.77 7.71
N LEU B 149 -42.27 15.00 7.07
CA LEU B 149 -41.63 16.30 7.12
C LEU B 149 -40.94 16.56 5.79
N THR B 150 -41.09 17.78 5.28
CA THR B 150 -40.42 18.22 4.07
C THR B 150 -39.77 19.57 4.34
N LEU B 151 -38.91 19.98 3.40
CA LEU B 151 -38.20 21.24 3.49
C LEU B 151 -38.69 22.18 2.40
N THR B 152 -39.13 23.37 2.81
CA THR B 152 -39.61 24.39 1.89
C THR B 152 -38.76 25.64 2.04
N TYR B 153 -39.13 26.67 1.29
CA TYR B 153 -38.39 27.92 1.28
C TYR B 153 -39.38 29.05 1.05
N GLN B 154 -39.14 30.18 1.71
CA GLN B 154 -40.11 31.26 1.65
C GLN B 154 -40.14 31.94 0.29
N GLY B 155 -39.37 31.46 -0.69
CA GLY B 155 -39.57 31.89 -2.06
C GLY B 155 -40.90 31.47 -2.63
N SER B 156 -41.56 30.48 -2.01
CA SER B 156 -42.92 30.14 -2.39
C SER B 156 -43.88 31.26 -2.07
N GLU B 157 -43.62 31.99 -0.99
CA GLU B 157 -44.49 33.07 -0.62
C GLU B 157 -44.07 34.36 -1.29
N ARG B 158 -42.80 34.49 -1.65
CA ARG B 158 -42.39 35.73 -2.32
C ARG B 158 -41.24 35.57 -3.29
N VAL B 159 -41.01 36.67 -4.01
CA VAL B 159 -40.08 36.72 -5.11
C VAL B 159 -38.66 36.90 -4.59
N MET B 160 -37.81 35.96 -4.90
CA MET B 160 -36.38 36.05 -4.82
C MET B 160 -35.83 36.03 -6.23
N PRO B 161 -34.84 36.86 -6.56
CA PRO B 161 -34.33 36.85 -7.94
C PRO B 161 -33.69 35.50 -8.25
N ASN B 162 -34.03 34.96 -9.42
CA ASN B 162 -33.50 33.71 -9.95
C ASN B 162 -34.03 32.46 -9.25
N TYR B 163 -34.91 32.58 -8.25
CA TYR B 163 -35.54 31.38 -7.71
C TYR B 163 -36.68 30.92 -8.59
N ASN B 164 -37.35 31.85 -9.25
CA ASN B 164 -38.25 31.58 -10.37
C ASN B 164 -39.18 30.40 -10.13
N VAL B 165 -39.15 29.44 -11.07
CA VAL B 165 -40.14 28.36 -11.04
C VAL B 165 -40.08 27.57 -9.74
N MET B 166 -38.91 27.56 -9.07
CA MET B 166 -38.83 26.89 -7.79
C MET B 166 -39.78 27.50 -6.77
N GLY B 167 -40.05 28.81 -6.88
CA GLY B 167 -41.03 29.42 -6.01
C GLY B 167 -42.41 28.80 -6.20
N MET B 168 -42.83 28.63 -7.45
CA MET B 168 -44.11 27.97 -7.72
C MET B 168 -44.12 26.56 -7.17
N ALA B 169 -43.04 25.81 -7.39
CA ALA B 169 -42.97 24.44 -6.89
C ALA B 169 -43.04 24.40 -5.37
N LYS B 170 -42.23 25.23 -4.71
CA LYS B 170 -42.26 25.27 -3.25
C LYS B 170 -43.63 25.70 -2.74
N ALA B 171 -44.28 26.62 -3.46
CA ALA B 171 -45.64 27.02 -3.09
C ALA B 171 -46.62 25.86 -3.22
N SER B 172 -46.47 25.07 -4.28
CA SER B 172 -47.28 23.85 -4.40
C SER B 172 -46.97 22.88 -3.27
N LEU B 173 -45.69 22.64 -3.00
CA LEU B 173 -45.29 21.80 -1.87
C LEU B 173 -46.03 22.17 -0.59
N GLU B 174 -46.02 23.45 -0.23
CA GLU B 174 -46.60 23.86 1.05
C GLU B 174 -48.08 23.51 1.12
N ALA B 175 -48.80 23.65 0.01
CA ALA B 175 -50.20 23.23 -0.01
C ALA B 175 -50.32 21.74 0.25
N GLY B 176 -49.39 20.94 -0.30
CA GLY B 176 -49.45 19.51 -0.05
C GLY B 176 -49.38 19.18 1.43
N VAL B 177 -48.35 19.69 2.11
CA VAL B 177 -48.24 19.44 3.56
C VAL B 177 -49.56 19.75 4.24
N ARG B 178 -50.19 20.86 3.84
CA ARG B 178 -51.48 21.22 4.42
C ARG B 178 -52.56 20.21 4.01
N TYR B 179 -52.57 19.81 2.75
CA TYR B 179 -53.57 18.84 2.29
C TYR B 179 -53.27 17.44 2.80
N LEU B 180 -51.99 17.06 2.83
CA LEU B 180 -51.62 15.77 3.42
C LEU B 180 -52.01 15.71 4.90
N ALA B 181 -51.73 16.77 5.65
CA ALA B 181 -52.06 16.78 7.07
C ALA B 181 -53.55 16.54 7.30
N SER B 182 -54.40 17.11 6.44
CA SER B 182 -55.83 16.88 6.56
C SER B 182 -56.20 15.46 6.13
N SER B 183 -55.55 14.95 5.09
CA SER B 183 -55.82 13.58 4.63
C SER B 183 -55.35 12.56 5.66
N LEU B 184 -54.10 12.67 6.10
CA LEU B 184 -53.51 11.66 6.97
C LEU B 184 -53.71 11.96 8.45
N GLY B 185 -54.21 13.13 8.80
CA GLY B 185 -54.42 13.50 10.19
C GLY B 185 -55.41 12.59 10.90
N GLY B 188 -53.89 9.96 12.78
CA GLY B 188 -52.99 10.34 13.85
C GLY B 188 -51.58 10.61 13.36
N ILE B 189 -51.44 10.72 12.04
CA ILE B 189 -50.15 10.92 11.39
C ILE B 189 -50.00 12.40 11.07
N ARG B 190 -48.97 13.03 11.62
CA ARG B 190 -48.74 14.46 11.45
C ARG B 190 -47.89 14.75 10.22
N VAL B 191 -48.19 15.86 9.54
CA VAL B 191 -47.49 16.29 8.35
C VAL B 191 -47.15 17.76 8.48
N ASN B 192 -45.88 18.10 8.41
CA ASN B 192 -45.45 19.48 8.56
C ASN B 192 -44.24 19.73 7.66
N ALA B 193 -43.88 21.01 7.53
CA ALA B 193 -42.74 21.42 6.73
C ALA B 193 -42.03 22.58 7.42
N ILE B 194 -40.74 22.72 7.14
CA ILE B 194 -39.92 23.81 7.64
C ILE B 194 -39.43 24.64 6.47
N SER B 195 -39.65 25.95 6.52
CA SER B 195 -39.12 26.89 5.55
C SER B 195 -37.82 27.45 6.14
N ALA B 196 -36.70 26.91 5.68
CA ALA B 196 -35.40 27.25 6.24
C ALA B 196 -34.78 28.43 5.50
N GLY B 197 -34.08 29.27 6.24
CA GLY B 197 -33.27 30.31 5.65
C GLY B 197 -32.25 29.75 4.69
N PRO B 198 -31.68 30.62 3.86
CA PRO B 198 -30.73 30.19 2.83
C PRO B 198 -29.48 29.57 3.44
N ILE B 199 -28.99 28.51 2.75
CA ILE B 199 -27.85 27.74 3.21
C ILE B 199 -26.96 27.33 2.09
N ARG B 200 -25.65 27.51 2.27
CA ARG B 200 -24.65 27.02 1.33
C ARG B 200 -24.54 25.51 1.44
N THR B 201 -25.21 24.83 0.53
CA THR B 201 -25.06 23.38 0.38
C THR B 201 -24.85 23.07 -1.09
N LEU B 202 -24.89 21.79 -1.45
CA LEU B 202 -24.80 21.48 -2.87
C LEU B 202 -26.00 22.01 -3.65
N ALA B 203 -27.04 22.48 -2.95
CA ALA B 203 -28.14 23.16 -3.60
C ALA B 203 -27.81 24.61 -3.93
N ALA B 204 -26.55 25.02 -3.75
CA ALA B 204 -26.08 26.34 -4.14
C ALA B 204 -25.14 26.31 -5.34
N SER B 205 -24.74 25.13 -5.80
CA SER B 205 -23.80 25.03 -6.90
C SER B 205 -24.43 25.52 -8.20
N GLY B 206 -23.72 26.40 -8.91
CA GLY B 206 -24.22 26.97 -10.14
C GLY B 206 -25.02 28.23 -9.97
N ILE B 207 -25.19 28.71 -8.74
CA ILE B 207 -25.95 29.93 -8.46
C ILE B 207 -24.95 31.04 -8.21
N LYS B 208 -24.86 31.98 -9.16
CA LYS B 208 -23.83 33.01 -9.09
C LYS B 208 -24.11 34.02 -7.98
N SER B 209 -25.38 34.33 -7.72
CA SER B 209 -25.75 35.35 -6.75
C SER B 209 -25.65 34.88 -5.30
N PHE B 210 -25.39 33.59 -5.07
CA PHE B 210 -25.60 33.01 -3.74
C PHE B 210 -24.92 33.82 -2.65
N ARG B 211 -23.62 34.08 -2.79
CA ARG B 211 -22.90 34.75 -1.72
C ARG B 211 -23.48 36.12 -1.42
N LYS B 212 -23.91 36.85 -2.45
CA LYS B 212 -24.65 38.08 -2.21
C LYS B 212 -26.02 37.80 -1.59
N MET B 213 -26.65 36.69 -1.97
CA MET B 213 -27.90 36.29 -1.32
C MET B 213 -27.66 35.96 0.14
N LEU B 214 -26.62 35.17 0.42
CA LEU B 214 -26.25 34.89 1.80
C LEU B 214 -25.93 36.18 2.54
N ASP B 215 -25.21 37.10 1.87
CA ASP B 215 -24.85 38.36 2.48
C ASP B 215 -26.06 39.25 2.72
N ALA B 216 -27.11 39.12 1.90
CA ALA B 216 -28.33 39.90 2.15
C ALA B 216 -29.10 39.36 3.35
N ASN B 217 -29.36 38.05 3.36
CA ASN B 217 -30.07 37.43 4.49
C ASN B 217 -29.35 37.73 5.80
N GLU B 218 -28.03 37.74 5.75
CA GLU B 218 -27.17 38.06 6.87
C GLU B 218 -27.43 39.45 7.46
N LYS B 219 -27.77 40.42 6.61
CA LYS B 219 -28.01 41.78 7.06
C LYS B 219 -29.44 42.02 7.50
N VAL B 220 -30.39 41.28 6.92
CA VAL B 220 -31.81 41.51 7.16
C VAL B 220 -32.32 40.73 8.36
N ALA B 221 -31.86 39.50 8.56
CA ALA B 221 -32.43 38.65 9.60
C ALA B 221 -32.29 39.33 10.96
N PRO B 222 -33.39 39.46 11.72
CA PRO B 222 -33.31 40.11 13.05
C PRO B 222 -32.11 39.67 13.87
N LEU B 223 -31.68 38.42 13.70
CA LEU B 223 -30.53 37.91 14.43
C LEU B 223 -29.21 38.24 13.75
N LYS B 224 -29.24 38.84 12.56
CA LYS B 224 -28.03 39.31 11.88
C LYS B 224 -27.11 38.16 11.51
N ARG B 225 -27.67 37.00 11.20
CA ARG B 225 -26.86 35.84 10.85
C ARG B 225 -27.74 34.85 10.08
N ASN B 226 -27.07 33.91 9.42
CA ASN B 226 -27.74 32.85 8.68
C ASN B 226 -27.72 31.55 9.48
N VAL B 227 -28.79 30.77 9.34
CA VAL B 227 -28.95 29.54 10.12
C VAL B 227 -27.99 28.48 9.61
N THR B 228 -27.89 27.37 10.34
CA THR B 228 -27.03 26.25 9.95
C THR B 228 -27.86 24.98 9.84
N ILE B 229 -27.24 23.95 9.23
CA ILE B 229 -27.93 22.68 9.10
C ILE B 229 -28.21 22.07 10.46
N GLU B 230 -27.42 22.43 11.47
CA GLU B 230 -27.70 21.97 12.82
C GLU B 230 -29.03 22.54 13.30
N GLU B 231 -29.19 23.86 13.21
CA GLU B 231 -30.43 24.48 13.67
C GLU B 231 -31.63 23.99 12.86
N VAL B 232 -31.44 23.75 11.56
CA VAL B 232 -32.53 23.21 10.75
C VAL B 232 -32.80 21.76 11.10
N GLY B 233 -31.75 20.94 11.14
CA GLY B 233 -31.92 19.58 11.60
C GLY B 233 -32.55 19.52 12.98
N ASN B 234 -32.03 20.35 13.88
CA ASN B 234 -32.54 20.39 15.25
C ASN B 234 -34.03 20.69 15.30
N ALA B 235 -34.49 21.64 14.48
CA ALA B 235 -35.91 21.99 14.48
C ALA B 235 -36.75 20.84 13.94
N ALA B 236 -36.31 20.23 12.85
CA ALA B 236 -37.03 19.07 12.31
C ALA B 236 -37.11 17.96 13.35
N LEU B 237 -36.05 17.78 14.14
CA LEU B 237 -36.08 16.80 15.22
C LEU B 237 -37.30 17.00 16.10
N PHE B 238 -37.55 18.24 16.51
CA PHE B 238 -38.72 18.53 17.33
C PHE B 238 -39.99 18.12 16.59
N LEU B 239 -40.11 18.48 15.32
CA LEU B 239 -41.33 18.19 14.58
C LEU B 239 -41.54 16.70 14.41
N CYS B 240 -40.46 15.92 14.41
CA CYS B 240 -40.53 14.47 14.30
C CYS B 240 -40.63 13.80 15.67
N SER B 241 -40.99 14.55 16.70
CA SER B 241 -40.96 14.08 18.08
C SER B 241 -42.33 14.24 18.72
N PRO B 242 -42.60 13.49 19.80
CA PRO B 242 -43.90 13.63 20.48
C PRO B 242 -44.13 15.03 21.03
N TRP B 243 -43.09 15.84 21.22
CA TRP B 243 -43.29 17.21 21.65
C TRP B 243 -44.07 18.01 20.62
N ALA B 244 -43.98 17.61 19.34
CA ALA B 244 -44.75 18.22 18.26
C ALA B 244 -46.04 17.47 17.98
N SER B 245 -46.59 16.77 18.96
CA SER B 245 -47.78 15.96 18.74
C SER B 245 -49.02 16.80 18.46
N GLY B 246 -49.03 18.06 18.89
CA GLY B 246 -50.15 18.96 18.68
C GLY B 246 -50.06 19.85 17.46
N ILE B 247 -49.14 19.58 16.54
CA ILE B 247 -48.89 20.44 15.39
C ILE B 247 -48.93 19.59 14.13
N THR B 248 -49.79 20.00 13.19
CA THR B 248 -49.83 19.37 11.87
C THR B 248 -50.14 20.45 10.84
N GLY B 249 -49.67 20.22 9.61
CA GLY B 249 -49.88 21.19 8.55
C GLY B 249 -49.25 22.53 8.82
N GLU B 250 -48.18 22.56 9.61
CA GLU B 250 -47.53 23.80 9.99
C GLU B 250 -46.28 24.03 9.15
N ILE B 251 -46.07 25.28 8.76
CA ILE B 251 -44.86 25.71 8.07
C ILE B 251 -44.05 26.52 9.08
N LEU B 252 -43.01 25.89 9.63
CA LEU B 252 -42.18 26.52 10.65
C LEU B 252 -40.99 27.20 9.97
N TYR B 253 -40.83 28.49 10.24
CA TYR B 253 -39.77 29.29 9.63
C TYR B 253 -38.52 29.24 10.50
N VAL B 254 -37.43 28.71 9.93
CA VAL B 254 -36.13 28.71 10.59
C VAL B 254 -35.18 29.54 9.74
N ASP B 255 -35.33 30.86 9.81
CA ASP B 255 -34.56 31.78 8.97
C ASP B 255 -34.00 32.93 9.79
N ALA B 256 -33.83 32.74 11.09
CA ALA B 256 -33.41 33.82 11.99
C ALA B 256 -34.39 34.99 11.94
N GLY B 257 -35.66 34.69 11.65
CA GLY B 257 -36.67 35.73 11.59
C GLY B 257 -36.66 36.54 10.31
N PHE B 258 -35.83 36.18 9.33
CA PHE B 258 -35.74 36.93 8.08
C PHE B 258 -37.11 37.25 7.52
N ASN B 259 -38.01 36.26 7.52
CA ASN B 259 -39.31 36.43 6.90
C ASN B 259 -40.13 37.57 7.52
N THR B 260 -39.77 38.04 8.72
CA THR B 260 -40.60 38.99 9.43
C THR B 260 -40.24 40.44 9.17
N VAL B 261 -39.16 40.71 8.44
CA VAL B 261 -38.70 42.07 8.20
C VAL B 261 -39.26 42.55 6.87
N GLY B 262 -39.89 43.72 6.87
CA GLY B 262 -40.37 44.30 5.65
C GLY B 262 -39.25 44.98 4.90
N MET B 263 -38.35 45.61 5.65
CA MET B 263 -37.14 46.22 5.12
C MET B 263 -36.24 46.62 6.28
N SER B 264 -34.94 46.42 6.09
CA SER B 264 -33.96 46.74 7.11
C SER B 264 -33.37 48.12 6.87
N GLN B 265 -32.70 48.63 7.90
CA GLN B 265 -31.86 49.81 7.73
C GLN B 265 -31.04 49.65 6.46
N SER B 266 -31.13 50.65 5.58
CA SER B 266 -30.72 50.53 4.17
C SER B 266 -30.03 49.23 3.79
N GLN C 7 32.38 -29.67 7.11
CA GLN C 7 30.93 -29.47 7.14
C GLN C 7 30.57 -27.99 7.14
N GLY C 8 30.46 -27.41 5.94
CA GLY C 8 30.12 -26.01 5.78
C GLY C 8 28.64 -25.80 5.48
N LEU C 9 28.30 -24.54 5.23
CA LEU C 9 26.91 -24.18 4.98
C LEU C 9 26.33 -24.95 3.81
N LEU C 10 27.14 -25.16 2.77
CA LEU C 10 26.71 -25.90 1.58
C LEU C 10 27.16 -27.35 1.62
N ALA C 11 27.10 -27.96 2.79
CA ALA C 11 27.45 -29.38 2.95
C ALA C 11 26.53 -30.25 2.12
N GLY C 12 27.11 -30.98 1.17
CA GLY C 12 26.37 -31.92 0.36
C GLY C 12 25.59 -31.30 -0.77
N LYS C 13 25.65 -29.98 -0.94
CA LYS C 13 24.95 -29.31 -2.03
C LYS C 13 25.86 -29.21 -3.25
N ARG C 14 25.26 -29.31 -4.43
CA ARG C 14 25.97 -29.24 -5.69
C ARG C 14 25.43 -28.05 -6.49
N PHE C 15 26.27 -27.50 -7.36
CA PHE C 15 25.86 -26.31 -8.11
C PHE C 15 26.52 -26.31 -9.48
N LEU C 16 25.78 -25.90 -10.49
CA LEU C 16 26.38 -25.73 -11.81
C LEU C 16 26.84 -24.28 -11.97
N ILE C 17 28.08 -24.10 -12.42
CA ILE C 17 28.71 -22.77 -12.60
C ILE C 17 28.86 -22.60 -14.12
N ALA C 18 28.09 -21.72 -14.73
CA ALA C 18 28.28 -21.43 -16.14
C ALA C 18 28.96 -20.08 -16.30
N GLY C 19 30.08 -20.07 -17.00
CA GLY C 19 30.70 -18.82 -17.39
C GLY C 19 32.10 -18.57 -16.89
N VAL C 20 32.79 -19.61 -16.42
CA VAL C 20 34.16 -19.48 -15.98
C VAL C 20 35.08 -19.43 -17.21
N ALA C 21 35.65 -18.26 -17.48
CA ALA C 21 36.61 -18.10 -18.56
C ALA C 21 38.05 -17.94 -18.07
N SER C 22 38.25 -17.42 -16.86
CA SER C 22 39.59 -17.22 -16.33
C SER C 22 39.48 -17.06 -14.82
N LYS C 23 40.66 -16.99 -14.17
CA LYS C 23 40.71 -16.74 -12.73
C LYS C 23 40.06 -15.42 -12.34
N LEU C 24 39.77 -14.55 -13.30
CA LEU C 24 39.13 -13.28 -13.01
C LEU C 24 37.62 -13.30 -13.24
N SER C 25 37.11 -14.29 -13.98
CA SER C 25 35.69 -14.38 -14.27
C SER C 25 34.87 -14.17 -13.00
N ILE C 26 33.68 -13.56 -13.16
CA ILE C 26 32.79 -13.45 -12.00
C ILE C 26 32.37 -14.84 -11.53
N ALA C 27 32.19 -15.77 -12.46
CA ALA C 27 31.87 -17.14 -12.10
C ALA C 27 32.96 -17.74 -11.23
N TYR C 28 34.21 -17.34 -11.43
CA TYR C 28 35.30 -17.90 -10.63
C TYR C 28 35.16 -17.49 -9.17
N GLY C 29 34.95 -16.20 -8.90
CA GLY C 29 34.71 -15.76 -7.55
C GLY C 29 33.50 -16.43 -6.94
N ILE C 30 32.48 -16.70 -7.76
CA ILE C 30 31.33 -17.46 -7.29
C ILE C 30 31.75 -18.87 -6.90
N ALA C 31 32.34 -19.59 -7.85
CA ALA C 31 32.78 -20.96 -7.60
C ALA C 31 33.60 -21.08 -6.32
N GLN C 32 34.56 -20.18 -6.14
CA GLN C 32 35.40 -20.25 -4.95
C GLN C 32 34.57 -20.15 -3.68
N ALA C 33 33.62 -19.21 -3.64
CA ALA C 33 32.81 -19.05 -2.44
C ALA C 33 31.94 -20.27 -2.19
N LEU C 34 31.32 -20.80 -3.24
CA LEU C 34 30.53 -22.02 -3.09
C LEU C 34 31.39 -23.16 -2.57
N HIS C 35 32.53 -23.39 -3.23
CA HIS C 35 33.44 -24.43 -2.77
C HIS C 35 33.90 -24.15 -1.35
N ARG C 36 34.19 -22.88 -1.04
CA ARG C 36 34.61 -22.52 0.31
C ARG C 36 33.69 -23.10 1.37
N GLU C 37 32.42 -23.31 1.03
CA GLU C 37 31.44 -23.81 1.99
C GLU C 37 31.12 -25.29 1.82
N GLY C 38 31.83 -25.99 0.93
CA GLY C 38 31.72 -27.43 0.84
C GLY C 38 30.87 -27.94 -0.30
N ALA C 39 30.39 -27.08 -1.18
CA ALA C 39 29.54 -27.52 -2.27
C ALA C 39 30.35 -28.29 -3.32
N GLU C 40 29.68 -29.19 -4.02
CA GLU C 40 30.26 -29.86 -5.17
C GLU C 40 29.87 -29.11 -6.44
N LEU C 41 30.81 -29.05 -7.38
CA LEU C 41 30.72 -28.11 -8.49
C LEU C 41 30.71 -28.85 -9.83
N ALA C 42 30.09 -28.20 -10.81
CA ALA C 42 30.08 -28.64 -12.20
C ALA C 42 30.32 -27.42 -13.08
N PHE C 43 30.85 -27.66 -14.28
CA PHE C 43 31.33 -26.57 -15.12
C PHE C 43 30.97 -26.80 -16.58
N THR C 44 30.73 -25.70 -17.29
CA THR C 44 30.55 -25.71 -18.72
C THR C 44 31.62 -24.87 -19.40
N TYR C 45 31.87 -25.15 -20.68
CA TYR C 45 32.77 -24.37 -21.51
C TYR C 45 32.13 -24.19 -22.89
N PRO C 46 32.39 -23.05 -23.54
CA PRO C 46 31.71 -22.77 -24.82
C PRO C 46 32.22 -23.58 -26.00
N ASN C 47 33.50 -23.97 -26.04
CA ASN C 47 34.05 -24.77 -27.13
C ASN C 47 35.42 -25.28 -26.71
N GLU C 48 35.99 -26.18 -27.52
CA GLU C 48 37.38 -26.60 -27.29
C GLU C 48 38.32 -25.52 -26.82
N LYS C 49 38.52 -24.45 -27.59
CA LYS C 49 39.54 -23.51 -27.16
C LYS C 49 39.42 -23.28 -25.67
N LEU C 50 38.21 -23.34 -25.13
CA LEU C 50 37.91 -23.09 -23.74
C LEU C 50 37.99 -24.35 -22.87
N LYS C 51 38.13 -25.53 -23.49
CA LYS C 51 38.07 -26.81 -22.79
C LYS C 51 39.05 -26.92 -21.62
N LYS C 52 40.35 -26.78 -21.90
CA LYS C 52 41.38 -27.02 -20.89
C LYS C 52 41.13 -26.19 -19.64
N ARG C 53 40.64 -24.96 -19.82
CA ARG C 53 40.53 -24.03 -18.70
C ARG C 53 39.50 -24.48 -17.68
N VAL C 54 38.36 -24.96 -18.15
CA VAL C 54 37.36 -25.49 -17.25
C VAL C 54 37.81 -26.81 -16.66
N ASP C 55 38.41 -27.68 -17.49
CA ASP C 55 38.93 -28.95 -17.00
C ASP C 55 39.75 -28.76 -15.74
N GLU C 56 40.67 -27.78 -15.77
CA GLU C 56 41.58 -27.54 -14.65
C GLU C 56 40.90 -26.62 -13.61
N PHE C 57 40.01 -25.69 -14.03
CA PHE C 57 39.20 -24.91 -13.09
C PHE C 57 38.26 -25.82 -12.28
N ALA C 58 37.75 -26.90 -12.88
CA ALA C 58 37.01 -27.90 -12.11
C ALA C 58 37.91 -28.61 -11.10
N GLU C 59 39.15 -28.90 -11.49
CA GLU C 59 40.03 -29.79 -10.72
C GLU C 59 40.59 -29.08 -9.47
N GLN C 60 40.41 -27.77 -9.44
CA GLN C 60 40.51 -26.85 -8.31
C GLN C 60 39.34 -26.75 -7.36
N PHE C 61 38.22 -27.34 -7.69
CA PHE C 61 37.13 -27.44 -6.74
C PHE C 61 36.70 -28.89 -6.51
N GLY C 62 37.63 -29.82 -6.74
CA GLY C 62 37.39 -31.24 -6.59
C GLY C 62 36.54 -31.83 -7.69
N SER C 63 36.42 -31.15 -8.82
CA SER C 63 35.53 -31.59 -9.88
C SER C 63 36.29 -31.86 -11.17
N LYS C 64 35.79 -32.86 -11.91
CA LYS C 64 36.15 -33.05 -13.29
C LYS C 64 34.94 -32.90 -14.20
N LEU C 65 33.75 -32.72 -13.62
CA LEU C 65 32.51 -32.69 -14.38
C LEU C 65 32.50 -31.42 -15.23
N VAL C 66 32.96 -31.55 -16.47
CA VAL C 66 33.21 -30.43 -17.36
C VAL C 66 32.57 -30.75 -18.70
N PHE C 67 31.56 -29.97 -19.08
CA PHE C 67 30.75 -30.31 -20.23
C PHE C 67 30.72 -29.16 -21.23
N PRO C 68 30.72 -29.46 -22.53
CA PRO C 68 30.64 -28.40 -23.53
C PRO C 68 29.23 -27.83 -23.61
N CYS C 69 29.13 -26.51 -23.61
CA CYS C 69 27.83 -25.85 -23.72
C CYS C 69 28.04 -24.48 -24.34
N ASP C 70 27.79 -24.38 -25.65
CA ASP C 70 27.66 -23.10 -26.33
C ASP C 70 26.18 -22.74 -26.36
N VAL C 71 25.82 -21.62 -25.73
CA VAL C 71 24.41 -21.28 -25.53
C VAL C 71 23.74 -20.79 -26.80
N ALA C 72 24.47 -20.72 -27.92
CA ALA C 72 23.83 -20.38 -29.19
C ALA C 72 23.12 -21.57 -29.80
N VAL C 73 23.53 -22.79 -29.46
CA VAL C 73 22.97 -24.02 -30.02
C VAL C 73 21.97 -24.60 -29.01
N ASP C 74 20.74 -24.84 -29.48
CA ASP C 74 19.74 -25.45 -28.62
C ASP C 74 20.20 -26.81 -28.11
N ALA C 75 20.70 -27.64 -29.02
CA ALA C 75 21.08 -29.01 -28.65
C ALA C 75 22.14 -29.01 -27.55
N GLU C 76 23.19 -28.20 -27.72
CA GLU C 76 24.28 -28.17 -26.73
C GLU C 76 23.76 -27.95 -25.33
N ILE C 77 22.68 -27.18 -25.18
CA ILE C 77 22.13 -26.91 -23.85
C ILE C 77 21.55 -28.19 -23.25
N ASP C 78 20.55 -28.78 -23.92
CA ASP C 78 19.89 -29.96 -23.38
C ASP C 78 20.86 -31.12 -23.21
N ASN C 79 21.75 -31.31 -24.19
CA ASN C 79 22.75 -32.36 -24.08
C ASN C 79 23.61 -32.18 -22.83
N ALA C 80 24.04 -30.94 -22.58
CA ALA C 80 24.87 -30.69 -21.40
C ALA C 80 24.14 -31.08 -20.13
N PHE C 81 22.82 -30.88 -20.09
CA PHE C 81 22.05 -31.28 -18.93
C PHE C 81 21.66 -32.75 -18.95
N ALA C 82 21.56 -33.36 -20.13
CA ALA C 82 21.46 -34.81 -20.18
C ALA C 82 22.77 -35.45 -19.75
N GLU C 83 23.89 -34.95 -20.28
CA GLU C 83 25.20 -35.40 -19.81
C GLU C 83 25.37 -35.09 -18.32
N LEU C 84 25.14 -33.83 -17.94
CA LEU C 84 25.31 -33.45 -16.54
C LEU C 84 24.41 -34.28 -15.65
N ALA C 85 23.30 -34.78 -16.20
CA ALA C 85 22.52 -35.73 -15.44
C ALA C 85 23.37 -36.93 -15.06
N LYS C 86 24.26 -37.35 -15.96
CA LYS C 86 24.81 -38.70 -15.90
C LYS C 86 25.38 -39.07 -14.53
N HIS C 87 26.04 -38.14 -13.83
CA HIS C 87 26.49 -38.47 -12.47
C HIS C 87 25.53 -38.01 -11.37
N TRP C 88 24.77 -36.94 -11.55
CA TRP C 88 24.04 -36.34 -10.45
C TRP C 88 22.55 -36.64 -10.52
N ASP C 89 22.00 -37.10 -9.39
CA ASP C 89 20.56 -37.28 -9.26
C ASP C 89 19.81 -35.98 -9.48
N GLY C 90 20.16 -34.94 -8.72
CA GLY C 90 19.53 -33.64 -8.86
C GLY C 90 20.52 -32.51 -8.68
N VAL C 91 20.03 -31.29 -8.46
CA VAL C 91 20.90 -30.13 -8.33
C VAL C 91 20.21 -29.08 -7.47
N ASP C 92 20.99 -28.42 -6.61
CA ASP C 92 20.48 -27.40 -5.71
C ASP C 92 20.57 -25.99 -6.28
N GLY C 93 21.15 -25.81 -7.46
CA GLY C 93 21.26 -24.49 -8.04
C GLY C 93 22.04 -24.44 -9.33
N VAL C 94 21.71 -23.47 -10.18
CA VAL C 94 22.41 -23.23 -11.44
C VAL C 94 22.83 -21.77 -11.47
N VAL C 95 24.13 -21.53 -11.62
CA VAL C 95 24.68 -20.18 -11.67
C VAL C 95 24.92 -19.82 -13.14
N HIS C 96 24.37 -18.68 -13.56
CA HIS C 96 24.45 -18.25 -14.96
C HIS C 96 25.14 -16.89 -15.02
N SER C 97 26.39 -16.90 -15.51
CA SER C 97 27.28 -15.74 -15.54
C SER C 97 27.80 -15.54 -16.96
N ILE C 98 26.89 -15.42 -17.93
CA ILE C 98 27.23 -15.37 -19.34
C ILE C 98 26.62 -14.11 -19.96
N GLY C 99 27.44 -13.36 -20.68
CA GLY C 99 26.95 -12.23 -21.44
C GLY C 99 27.91 -11.92 -22.57
N PHE C 100 27.35 -11.45 -23.69
CA PHE C 100 28.19 -11.19 -24.86
C PHE C 100 27.43 -10.38 -25.89
N ALA C 101 28.13 -9.47 -26.56
CA ALA C 101 27.62 -8.72 -27.69
C ALA C 101 28.78 -8.40 -28.63
N PRO C 102 28.51 -8.27 -29.93
CA PRO C 102 29.58 -7.94 -30.89
C PRO C 102 30.30 -6.65 -30.56
N ALA C 103 31.53 -6.80 -30.05
CA ALA C 103 32.44 -5.70 -29.72
C ALA C 103 32.06 -4.35 -30.33
N HIS C 104 31.73 -4.35 -31.63
CA HIS C 104 31.40 -3.10 -32.30
C HIS C 104 30.16 -2.47 -31.71
N THR C 105 29.27 -3.30 -31.18
CA THR C 105 27.99 -2.81 -30.69
C THR C 105 28.15 -1.96 -29.44
N LEU C 106 29.31 -2.06 -28.79
CA LEU C 106 29.62 -1.43 -27.51
C LEU C 106 30.71 -0.37 -27.63
N ASP C 107 30.92 0.20 -28.82
CA ASP C 107 32.01 1.14 -29.05
C ASP C 107 31.49 2.17 -30.05
N GLY C 108 30.92 3.25 -29.53
CA GLY C 108 30.41 4.35 -30.30
C GLY C 108 29.00 4.69 -29.91
N ASP C 109 28.42 5.64 -30.65
CA ASP C 109 27.05 6.06 -30.42
C ASP C 109 26.09 4.87 -30.49
N PHE C 110 25.16 4.83 -29.54
CA PHE C 110 24.17 3.74 -29.49
C PHE C 110 23.39 3.63 -30.80
N THR C 111 22.89 4.75 -31.32
CA THR C 111 22.09 4.69 -32.53
C THR C 111 22.90 4.15 -33.70
N ASP C 112 24.10 4.69 -33.91
CA ASP C 112 24.86 4.38 -35.12
C ASP C 112 25.29 2.92 -35.17
N VAL C 113 25.69 2.35 -34.02
CA VAL C 113 26.40 1.08 -34.02
C VAL C 113 25.50 -0.12 -33.70
N THR C 114 24.24 0.12 -33.36
CA THR C 114 23.35 -0.98 -32.95
C THR C 114 22.64 -1.51 -34.20
N ASP C 115 23.22 -2.54 -34.81
CA ASP C 115 22.61 -3.19 -35.95
C ASP C 115 21.67 -4.29 -35.48
N ARG C 116 20.93 -4.86 -36.43
CA ARG C 116 19.93 -5.86 -36.07
C ARG C 116 20.57 -7.12 -35.51
N ASP C 117 21.57 -7.65 -36.20
CA ASP C 117 22.22 -8.86 -35.71
C ASP C 117 22.86 -8.61 -34.34
N GLY C 118 23.75 -7.62 -34.26
CA GLY C 118 24.38 -7.30 -32.99
C GLY C 118 23.35 -7.19 -31.88
N PHE C 119 22.16 -6.71 -32.20
CA PHE C 119 21.05 -6.79 -31.25
C PHE C 119 20.65 -8.25 -31.04
N LYS C 120 20.51 -9.00 -32.12
CA LYS C 120 20.13 -10.41 -32.03
C LYS C 120 21.13 -11.19 -31.17
N ILE C 121 22.42 -11.13 -31.51
CA ILE C 121 23.41 -11.88 -30.73
C ILE C 121 23.36 -11.43 -29.27
N ALA C 122 23.34 -10.10 -29.04
CA ALA C 122 23.31 -9.57 -27.69
C ALA C 122 22.19 -10.20 -26.86
N HIS C 123 20.94 -10.08 -27.33
CA HIS C 123 19.82 -10.59 -26.56
C HIS C 123 19.81 -12.11 -26.51
N ASP C 124 20.25 -12.77 -27.59
CA ASP C 124 20.25 -14.22 -27.62
C ASP C 124 21.22 -14.80 -26.58
N ILE C 125 22.49 -14.42 -26.68
CA ILE C 125 23.51 -15.01 -25.81
C ILE C 125 23.31 -14.59 -24.36
N SER C 126 22.89 -13.34 -24.14
CA SER C 126 22.92 -12.76 -22.80
C SER C 126 21.58 -12.82 -22.07
N ALA C 127 20.47 -12.96 -22.78
CA ALA C 127 19.15 -12.92 -22.15
C ALA C 127 18.41 -14.24 -22.28
N TYR C 128 18.18 -14.73 -23.50
CA TYR C 128 17.41 -15.97 -23.66
C TYR C 128 18.13 -17.14 -22.99
N SER C 129 19.46 -17.18 -23.09
CA SER C 129 20.22 -18.30 -22.55
C SER C 129 19.76 -18.67 -21.14
N PHE C 130 19.58 -17.67 -20.28
CA PHE C 130 19.14 -17.95 -18.92
C PHE C 130 17.82 -18.70 -18.91
N VAL C 131 16.87 -18.27 -19.75
CA VAL C 131 15.57 -18.93 -19.79
C VAL C 131 15.68 -20.35 -20.33
N ALA C 132 16.52 -20.54 -21.36
CA ALA C 132 16.70 -21.87 -21.93
C ALA C 132 17.32 -22.82 -20.91
N MET C 133 18.47 -22.44 -20.36
CA MET C 133 19.09 -23.24 -19.31
C MET C 133 18.09 -23.58 -18.21
N ALA C 134 17.33 -22.57 -17.75
CA ALA C 134 16.35 -22.80 -16.70
C ALA C 134 15.42 -23.96 -17.06
N ARG C 135 14.96 -24.02 -18.31
CA ARG C 135 14.06 -25.09 -18.72
C ARG C 135 14.78 -26.44 -18.68
N ALA C 136 15.88 -26.57 -19.43
CA ALA C 136 16.65 -27.81 -19.43
C ALA C 136 17.10 -28.22 -18.04
N ALA C 137 17.17 -27.27 -17.10
CA ALA C 137 17.59 -27.54 -15.74
C ALA C 137 16.43 -27.80 -14.80
N LYS C 138 15.19 -27.57 -15.24
CA LYS C 138 14.03 -27.73 -14.37
C LYS C 138 13.98 -29.10 -13.70
N PRO C 139 14.07 -30.22 -14.42
CA PRO C 139 13.95 -31.52 -13.74
C PRO C 139 14.98 -31.66 -12.62
N LEU C 140 16.26 -31.47 -12.95
CA LEU C 140 17.30 -31.58 -11.96
C LEU C 140 17.10 -30.59 -10.81
N LEU C 141 16.44 -29.46 -11.07
CA LEU C 141 16.22 -28.47 -10.01
C LEU C 141 15.02 -28.82 -9.13
N GLN C 142 14.01 -29.48 -9.70
CA GLN C 142 12.88 -29.93 -8.89
C GLN C 142 13.31 -31.00 -7.91
N ALA C 143 14.20 -31.90 -8.33
CA ALA C 143 14.68 -32.97 -7.47
C ALA C 143 15.08 -32.46 -6.09
N ARG C 144 15.80 -31.33 -6.05
CA ARG C 144 16.32 -30.80 -4.80
C ARG C 144 15.77 -29.42 -4.48
N GLN C 145 14.77 -28.96 -5.23
CA GLN C 145 14.20 -27.63 -5.02
C GLN C 145 15.30 -26.57 -4.95
N GLY C 146 16.24 -26.66 -5.88
CA GLY C 146 17.33 -25.72 -5.96
C GLY C 146 16.84 -24.35 -6.38
N CYS C 147 17.81 -23.51 -6.75
CA CYS C 147 17.54 -22.14 -7.14
C CYS C 147 18.37 -21.78 -8.37
N LEU C 148 17.99 -20.68 -9.01
CA LEU C 148 18.69 -20.15 -10.16
C LEU C 148 19.21 -18.75 -9.86
N LEU C 149 20.36 -18.42 -10.46
CA LEU C 149 21.00 -17.14 -10.25
C LEU C 149 21.70 -16.71 -11.53
N THR C 150 21.56 -15.44 -11.88
CA THR C 150 22.23 -14.84 -13.02
C THR C 150 22.91 -13.55 -12.60
N LEU C 151 23.74 -13.01 -13.49
CA LEU C 151 24.47 -11.78 -13.24
C LEU C 151 23.96 -10.69 -14.17
N THR C 152 23.55 -9.56 -13.59
CA THR C 152 23.07 -8.41 -14.35
C THR C 152 23.91 -7.18 -14.02
N TYR C 153 23.51 -6.06 -14.61
CA TYR C 153 24.24 -4.81 -14.46
C TYR C 153 23.24 -3.67 -14.52
N GLN C 154 23.48 -2.63 -13.71
CA GLN C 154 22.52 -1.54 -13.60
C GLN C 154 22.48 -0.65 -14.83
N GLY C 155 23.20 -1.00 -15.90
CA GLY C 155 23.01 -0.33 -17.19
C GLY C 155 21.64 -0.55 -17.80
N SER C 156 20.90 -1.55 -17.33
CA SER C 156 19.53 -1.77 -17.78
C SER C 156 18.58 -0.65 -17.33
N GLU C 157 18.78 -0.13 -16.13
CA GLU C 157 17.94 0.90 -15.56
C GLU C 157 18.46 2.29 -15.87
N ARG C 158 19.77 2.38 -16.10
CA ARG C 158 20.45 3.67 -16.09
C ARG C 158 21.43 3.68 -17.27
N VAL C 159 21.54 4.83 -17.92
CA VAL C 159 22.31 4.91 -19.15
C VAL C 159 23.79 5.08 -18.80
N MET C 160 24.60 4.15 -19.27
CA MET C 160 26.05 4.20 -19.26
C MET C 160 26.60 4.31 -20.69
N PRO C 161 27.61 5.15 -20.91
CA PRO C 161 28.17 5.27 -22.26
C PRO C 161 28.87 3.98 -22.68
N ASN C 162 28.63 3.60 -23.94
CA ASN C 162 29.24 2.44 -24.59
C ASN C 162 28.69 1.10 -24.11
N TYR C 163 27.72 1.08 -23.20
CA TYR C 163 27.07 -0.19 -22.89
C TYR C 163 25.97 -0.53 -23.89
N ASN C 164 25.28 0.49 -24.43
CA ASN C 164 24.35 0.35 -25.56
C ASN C 164 23.44 -0.86 -25.42
N VAL C 165 23.43 -1.72 -26.44
CA VAL C 165 22.48 -2.81 -26.52
C VAL C 165 22.59 -3.76 -25.33
N MET C 166 23.76 -3.82 -24.69
CA MET C 166 23.88 -4.65 -23.50
C MET C 166 22.94 -4.19 -22.40
N GLY C 167 22.66 -2.88 -22.34
CA GLY C 167 21.66 -2.40 -21.40
C GLY C 167 20.29 -2.99 -21.68
N MET C 168 19.87 -2.97 -22.94
CA MET C 168 18.60 -3.56 -23.31
C MET C 168 18.56 -5.05 -22.99
N ALA C 169 19.64 -5.76 -23.30
CA ALA C 169 19.68 -7.20 -23.03
C ALA C 169 19.59 -7.47 -21.54
N LYS C 170 20.40 -6.79 -20.73
CA LYS C 170 20.35 -7.00 -19.29
C LYS C 170 18.98 -6.62 -18.74
N ALA C 171 18.36 -5.58 -19.31
CA ALA C 171 17.01 -5.21 -18.90
C ALA C 171 16.00 -6.32 -19.23
N SER C 172 16.16 -6.94 -20.40
CA SER C 172 15.34 -8.11 -20.72
C SER C 172 15.63 -9.25 -19.75
N LEU C 173 16.91 -9.52 -19.50
CA LEU C 173 17.30 -10.51 -18.50
C LEU C 173 16.56 -10.29 -17.19
N GLU C 174 16.60 -9.07 -16.66
CA GLU C 174 16.00 -8.80 -15.36
C GLU C 174 14.51 -9.10 -15.37
N ALA C 175 13.82 -8.78 -16.47
CA ALA C 175 12.41 -9.16 -16.60
C ALA C 175 12.25 -10.67 -16.56
N GLY C 176 13.18 -11.40 -17.19
CA GLY C 176 13.12 -12.86 -17.16
C GLY C 176 13.12 -13.41 -15.75
N VAL C 177 14.05 -12.93 -14.92
CA VAL C 177 14.13 -13.39 -13.53
C VAL C 177 12.77 -13.32 -12.86
N ARG C 178 12.04 -12.23 -13.07
CA ARG C 178 10.73 -12.09 -12.43
C ARG C 178 9.75 -13.11 -12.98
N TYR C 179 9.75 -13.33 -14.30
CA TYR C 179 8.82 -14.30 -14.88
C TYR C 179 9.24 -15.72 -14.54
N LEU C 180 10.56 -16.00 -14.53
CA LEU C 180 11.03 -17.29 -14.06
C LEU C 180 10.66 -17.52 -12.61
N ALA C 181 10.90 -16.51 -11.76
CA ALA C 181 10.59 -16.65 -10.34
C ALA C 181 9.12 -16.94 -10.13
N SER C 182 8.25 -16.29 -10.92
CA SER C 182 6.82 -16.58 -10.80
C SER C 182 6.48 -17.93 -11.40
N SER C 183 7.11 -18.28 -12.53
CA SER C 183 6.87 -19.58 -13.14
C SER C 183 7.42 -20.72 -12.29
N LEU C 184 8.69 -20.62 -11.90
CA LEU C 184 9.35 -21.70 -11.18
C LEU C 184 9.21 -21.59 -9.67
N GLY C 185 8.76 -20.44 -9.16
CA GLY C 185 8.58 -20.30 -7.73
C GLY C 185 7.56 -21.26 -7.18
N VAL C 186 6.60 -21.67 -8.02
CA VAL C 186 5.59 -22.63 -7.60
C VAL C 186 6.22 -23.94 -7.16
N ASP C 187 7.34 -24.32 -7.79
CA ASP C 187 8.03 -25.56 -7.46
C ASP C 187 9.08 -25.39 -6.36
N GLY C 188 9.00 -24.30 -5.60
CA GLY C 188 9.98 -24.06 -4.55
C GLY C 188 11.37 -23.73 -5.03
N ILE C 189 11.56 -23.48 -6.32
CA ILE C 189 12.86 -23.14 -6.89
C ILE C 189 12.91 -21.62 -6.99
N ARG C 190 13.89 -21.03 -6.31
CA ARG C 190 14.03 -19.58 -6.27
C ARG C 190 14.88 -19.08 -7.43
N VAL C 191 14.52 -17.89 -7.93
CA VAL C 191 15.20 -17.27 -9.06
C VAL C 191 15.52 -15.84 -8.67
N ASN C 192 16.81 -15.50 -8.69
CA ASN C 192 17.26 -14.17 -8.31
C ASN C 192 18.45 -13.79 -9.18
N ALA C 193 18.85 -12.53 -9.09
CA ALA C 193 19.98 -12.01 -9.85
C ALA C 193 20.76 -11.03 -9.00
N ILE C 194 22.03 -10.88 -9.34
CA ILE C 194 22.93 -9.93 -8.68
C ILE C 194 23.31 -8.85 -9.69
N SER C 195 23.10 -7.60 -9.33
CA SER C 195 23.55 -6.46 -10.13
C SER C 195 24.88 -6.02 -9.53
N ALA C 196 25.97 -6.46 -10.15
CA ALA C 196 27.31 -6.22 -9.62
C ALA C 196 27.89 -4.93 -10.18
N GLY C 197 28.63 -4.22 -9.34
CA GLY C 197 29.42 -3.09 -9.77
C GLY C 197 30.41 -3.51 -10.83
N PRO C 198 30.98 -2.55 -11.56
CA PRO C 198 31.93 -2.88 -12.61
C PRO C 198 33.20 -3.49 -12.04
N ILE C 199 33.70 -4.52 -12.71
CA ILE C 199 34.92 -5.20 -12.29
C ILE C 199 35.74 -5.53 -13.52
N ARG C 200 37.05 -5.31 -13.43
CA ARG C 200 37.99 -5.61 -14.51
C ARG C 200 38.13 -7.13 -14.63
N THR C 201 37.43 -7.71 -15.61
CA THR C 201 37.59 -9.12 -15.93
C THR C 201 37.83 -9.24 -17.43
N LEU C 202 37.84 -10.46 -17.96
CA LEU C 202 37.98 -10.57 -19.40
C LEU C 202 36.79 -9.99 -20.13
N ALA C 203 35.72 -9.64 -19.42
CA ALA C 203 34.63 -8.87 -19.98
C ALA C 203 34.95 -7.39 -20.06
N ALA C 204 36.21 -7.02 -19.82
CA ALA C 204 36.66 -5.65 -20.01
C ALA C 204 37.61 -5.50 -21.19
N SER C 205 38.01 -6.60 -21.81
CA SER C 205 38.95 -6.53 -22.92
C SER C 205 38.32 -5.86 -24.13
N GLY C 206 39.01 -4.88 -24.68
CA GLY C 206 38.53 -4.13 -25.82
C GLY C 206 37.69 -2.92 -25.46
N ILE C 207 37.46 -2.69 -24.17
CA ILE C 207 36.69 -1.53 -23.71
C ILE C 207 37.68 -0.54 -23.11
N LYS C 208 37.93 0.55 -23.83
CA LYS C 208 38.94 1.51 -23.42
C LYS C 208 38.47 2.34 -22.23
N SER C 209 37.17 2.59 -22.11
CA SER C 209 36.67 3.49 -21.07
C SER C 209 36.77 2.88 -19.68
N PHE C 210 37.15 1.61 -19.57
CA PHE C 210 37.00 0.90 -18.31
C PHE C 210 37.63 1.69 -17.16
N ARG C 211 38.87 2.14 -17.34
CA ARG C 211 39.57 2.79 -16.23
C ARG C 211 38.90 4.07 -15.79
N LYS C 212 38.46 4.87 -16.75
CA LYS C 212 37.63 6.01 -16.39
C LYS C 212 36.32 5.52 -15.80
N MET C 213 35.85 4.36 -16.27
CA MET C 213 34.73 3.69 -15.63
C MET C 213 35.05 3.27 -14.22
N LEU C 214 36.15 2.54 -14.05
CA LEU C 214 36.51 2.06 -12.73
C LEU C 214 36.80 3.22 -11.78
N ASP C 215 37.57 4.20 -12.25
CA ASP C 215 37.93 5.32 -11.39
C ASP C 215 36.73 6.18 -11.05
N ALA C 216 35.76 6.29 -11.97
CA ALA C 216 34.55 7.04 -11.67
C ALA C 216 33.70 6.31 -10.63
N ASN C 217 33.47 5.01 -10.83
CA ASN C 217 32.71 4.26 -9.86
C ASN C 217 33.38 4.32 -8.49
N GLU C 218 34.71 4.29 -8.48
CA GLU C 218 35.47 4.39 -7.23
C GLU C 218 35.21 5.71 -6.52
N LYS C 219 34.95 6.78 -7.27
CA LYS C 219 34.70 8.08 -6.64
C LYS C 219 33.24 8.26 -6.24
N VAL C 220 32.31 7.61 -6.94
CA VAL C 220 30.89 7.82 -6.70
C VAL C 220 30.34 6.86 -5.65
N ALA C 221 30.83 5.63 -5.62
CA ALA C 221 30.26 4.62 -4.74
C ALA C 221 30.37 5.08 -3.29
N PRO C 222 29.28 5.02 -2.52
CA PRO C 222 29.33 5.46 -1.12
C PRO C 222 30.53 4.96 -0.33
N LEU C 223 31.00 3.74 -0.62
CA LEU C 223 32.12 3.10 0.09
C LEU C 223 33.47 3.49 -0.47
N LYS C 224 33.48 4.22 -1.55
CA LYS C 224 34.65 4.88 -2.07
C LYS C 224 35.54 3.85 -2.77
N ARG C 225 34.95 2.78 -3.30
CA ARG C 225 35.76 1.70 -3.82
C ARG C 225 34.92 0.82 -4.74
N ASN C 226 35.61 -0.04 -5.49
CA ASN C 226 34.98 -0.98 -6.41
C ASN C 226 34.95 -2.38 -5.81
N VAL C 227 33.90 -3.14 -6.15
CA VAL C 227 33.69 -4.47 -5.59
C VAL C 227 34.67 -5.47 -6.22
N THR C 228 34.73 -6.67 -5.64
CA THR C 228 35.57 -7.75 -6.15
C THR C 228 34.73 -8.99 -6.43
N ILE C 229 35.31 -9.95 -7.15
CA ILE C 229 34.62 -11.21 -7.40
C ILE C 229 34.39 -11.97 -6.11
N GLU C 230 35.22 -11.72 -5.09
CA GLU C 230 35.00 -12.32 -3.78
C GLU C 230 33.67 -11.84 -3.19
N GLU C 231 33.49 -10.52 -3.14
CA GLU C 231 32.25 -9.97 -2.58
C GLU C 231 31.04 -10.40 -3.39
N VAL C 232 31.20 -10.53 -4.71
CA VAL C 232 30.12 -11.04 -5.55
C VAL C 232 29.89 -12.53 -5.28
N GLY C 233 30.97 -13.31 -5.22
CA GLY C 233 30.83 -14.71 -4.88
C GLY C 233 30.13 -14.91 -3.55
N ASN C 234 30.55 -14.16 -2.52
CA ASN C 234 29.93 -14.29 -1.21
C ASN C 234 28.43 -13.99 -1.28
N ALA C 235 28.05 -12.95 -2.04
CA ALA C 235 26.63 -12.62 -2.15
C ALA C 235 25.89 -13.71 -2.89
N ALA C 236 26.44 -14.19 -4.01
CA ALA C 236 25.82 -15.29 -4.73
C ALA C 236 25.72 -16.53 -3.85
N LEU C 237 26.74 -16.78 -3.04
CA LEU C 237 26.68 -17.89 -2.08
C LEU C 237 25.43 -17.78 -1.23
N PHE C 238 25.17 -16.58 -0.68
CA PHE C 238 23.98 -16.37 0.14
C PHE C 238 22.71 -16.68 -0.64
N LEU C 239 22.61 -16.18 -1.87
CA LEU C 239 21.38 -16.37 -2.64
C LEU C 239 21.16 -17.83 -3.00
N CYS C 240 22.23 -18.61 -3.11
CA CYS C 240 22.13 -20.03 -3.41
C CYS C 240 22.01 -20.89 -2.15
N SER C 241 21.68 -20.30 -1.02
CA SER C 241 21.70 -20.98 0.26
C SER C 241 20.34 -20.90 0.93
N PRO C 242 20.06 -21.79 1.89
CA PRO C 242 18.78 -21.73 2.60
C PRO C 242 18.57 -20.43 3.35
N TRP C 243 19.63 -19.66 3.63
CA TRP C 243 19.44 -18.36 4.27
C TRP C 243 18.65 -17.42 3.37
N ALA C 244 18.74 -17.60 2.05
CA ALA C 244 17.97 -16.82 1.09
C ALA C 244 16.70 -17.53 0.66
N SER C 245 16.16 -18.41 1.52
CA SER C 245 14.99 -19.19 1.15
C SER C 245 13.75 -18.32 0.99
N GLY C 246 13.73 -17.14 1.62
CA GLY C 246 12.61 -16.24 1.55
C GLY C 246 12.70 -15.18 0.46
N ILE C 247 13.62 -15.33 -0.48
CA ILE C 247 13.87 -14.31 -1.50
C ILE C 247 13.79 -14.96 -2.86
N THR C 248 12.95 -14.41 -3.73
CA THR C 248 12.89 -14.85 -5.12
C THR C 248 12.59 -13.65 -5.99
N GLY C 249 13.02 -13.71 -7.25
CA GLY C 249 12.80 -12.62 -8.17
C GLY C 249 13.45 -11.31 -7.74
N GLU C 250 14.53 -11.39 -6.97
CA GLU C 250 15.20 -10.21 -6.43
C GLU C 250 16.43 -9.87 -7.26
N ILE C 251 16.64 -8.57 -7.47
CA ILE C 251 17.84 -8.06 -8.11
C ILE C 251 18.69 -7.43 -7.01
N LEU C 252 19.73 -8.14 -6.60
CA LEU C 252 20.60 -7.69 -5.51
C LEU C 252 21.75 -6.90 -6.09
N TYR C 253 21.91 -5.66 -5.64
CA TYR C 253 22.95 -4.77 -6.13
C TYR C 253 24.22 -4.93 -5.31
N VAL C 254 25.30 -5.33 -5.97
CA VAL C 254 26.61 -5.43 -5.34
C VAL C 254 27.53 -4.43 -6.02
N ASP C 255 27.35 -3.15 -5.72
CA ASP C 255 28.09 -2.08 -6.38
C ASP C 255 28.65 -1.09 -5.38
N ALA C 256 28.83 -1.49 -4.13
CA ALA C 256 29.23 -0.58 -3.06
C ALA C 256 28.25 0.57 -2.92
N GLY C 257 26.99 0.33 -3.26
CA GLY C 257 25.99 1.37 -3.17
C GLY C 257 26.00 2.37 -4.30
N PHE C 258 26.83 2.16 -5.33
CA PHE C 258 26.91 3.11 -6.43
C PHE C 258 25.51 3.48 -6.95
N ASN C 259 24.64 2.49 -7.10
CA ASN C 259 23.31 2.72 -7.67
C ASN C 259 22.50 3.75 -6.90
N THR C 260 22.88 4.08 -5.66
CA THR C 260 22.05 4.92 -4.81
C THR C 260 22.40 6.40 -4.90
N VAL C 261 23.44 6.76 -5.63
CA VAL C 261 23.89 8.15 -5.68
C VAL C 261 23.28 8.83 -6.90
N GLY C 262 22.66 9.98 -6.68
CA GLY C 262 22.15 10.76 -7.79
C GLY C 262 23.26 11.58 -8.41
N MET C 263 24.15 12.10 -7.56
CA MET C 263 25.37 12.75 -8.02
C MET C 263 26.25 13.06 -6.82
N SER C 264 27.54 12.75 -6.95
CA SER C 264 28.53 13.06 -5.93
C SER C 264 29.30 14.31 -6.36
N GLN C 265 29.99 14.92 -5.39
CA GLN C 265 30.98 15.94 -5.71
C GLN C 265 31.86 15.45 -6.85
N SER C 266 31.45 15.70 -8.10
CA SER C 266 32.06 15.06 -9.26
C SER C 266 33.57 15.21 -9.28
N GLY D 8 -20.95 -3.20 27.88
CA GLY D 8 -20.72 -3.74 29.20
C GLY D 8 -19.26 -3.82 29.54
N LEU D 9 -18.93 -4.37 30.73
CA LEU D 9 -17.53 -4.41 31.20
C LEU D 9 -16.61 -5.15 30.23
N LEU D 10 -17.12 -6.22 29.63
CA LEU D 10 -16.28 -7.00 28.72
C LEU D 10 -16.51 -6.59 27.27
N ALA D 11 -16.72 -5.29 27.08
CA ALA D 11 -16.84 -4.71 25.76
C ALA D 11 -15.54 -4.90 25.03
N GLY D 12 -15.59 -5.66 23.93
CA GLY D 12 -14.42 -5.88 23.12
C GLY D 12 -13.46 -6.90 23.66
N LYS D 13 -13.76 -7.54 24.78
CA LYS D 13 -12.89 -8.55 25.36
C LYS D 13 -13.26 -9.93 24.82
N ARG D 14 -12.26 -10.78 24.70
CA ARG D 14 -12.43 -12.13 24.17
C ARG D 14 -12.04 -13.15 25.24
N PHE D 15 -12.64 -14.34 25.17
CA PHE D 15 -12.40 -15.37 26.17
C PHE D 15 -12.51 -16.77 25.59
N LEU D 16 -11.62 -17.67 26.03
CA LEU D 16 -11.65 -19.08 25.66
C LEU D 16 -12.47 -19.81 26.72
N ILE D 17 -13.42 -20.63 26.30
CA ILE D 17 -14.19 -21.43 27.26
C ILE D 17 -14.08 -22.89 26.87
N ALA D 18 -13.33 -23.64 27.66
CA ALA D 18 -13.23 -25.09 27.52
C ALA D 18 -14.03 -25.75 28.64
N GLY D 19 -14.91 -26.67 28.25
CA GLY D 19 -15.58 -27.51 29.22
C GLY D 19 -17.09 -27.42 29.23
N VAL D 20 -17.66 -26.82 28.19
CA VAL D 20 -19.12 -26.76 28.05
C VAL D 20 -19.59 -28.11 27.51
N ALA D 21 -20.27 -28.88 28.37
CA ALA D 21 -20.89 -30.14 27.95
C ALA D 21 -22.40 -30.06 27.83
N SER D 22 -23.04 -29.18 28.57
CA SER D 22 -24.50 -29.03 28.51
C SER D 22 -24.85 -27.68 29.11
N LYS D 23 -26.14 -27.34 29.01
CA LYS D 23 -26.64 -26.11 29.63
C LYS D 23 -26.45 -26.09 31.14
N LEU D 24 -26.09 -27.21 31.76
CA LEU D 24 -25.87 -27.30 33.20
C LEU D 24 -24.40 -27.16 33.60
N SER D 25 -23.46 -27.32 32.68
CA SER D 25 -22.05 -27.16 32.99
C SER D 25 -21.79 -25.86 33.73
N ILE D 26 -20.82 -25.86 34.66
CA ILE D 26 -20.46 -24.56 35.23
C ILE D 26 -19.86 -23.67 34.15
N ALA D 27 -19.15 -24.26 33.18
CA ALA D 27 -18.65 -23.47 32.07
C ALA D 27 -19.78 -22.75 31.36
N TYR D 28 -20.97 -23.34 31.33
CA TYR D 28 -22.10 -22.71 30.69
C TYR D 28 -22.52 -21.45 31.44
N GLY D 29 -22.70 -21.57 32.76
CA GLY D 29 -23.04 -20.40 33.56
C GLY D 29 -21.95 -19.34 33.49
N ILE D 30 -20.69 -19.76 33.41
CA ILE D 30 -19.60 -18.81 33.21
C ILE D 30 -19.79 -18.10 31.87
N ALA D 31 -19.88 -18.88 30.80
CA ALA D 31 -20.09 -18.31 29.47
C ALA D 31 -21.25 -17.32 29.48
N GLN D 32 -22.38 -17.70 30.08
CA GLN D 32 -23.54 -16.82 30.12
C GLN D 32 -23.21 -15.49 30.78
N ALA D 33 -22.49 -15.53 31.91
CA ALA D 33 -22.10 -14.29 32.57
C ALA D 33 -21.13 -13.51 31.70
N LEU D 34 -20.18 -14.20 31.08
CA LEU D 34 -19.25 -13.53 30.17
C LEU D 34 -19.97 -12.86 29.01
N HIS D 35 -20.83 -13.61 28.32
CA HIS D 35 -21.60 -13.02 27.22
C HIS D 35 -22.48 -11.88 27.72
N ARG D 36 -23.11 -12.06 28.88
CA ARG D 36 -24.01 -11.05 29.43
C ARG D 36 -23.41 -9.65 29.41
N GLU D 37 -22.08 -9.53 29.47
CA GLU D 37 -21.42 -8.25 29.52
C GLU D 37 -20.82 -7.83 28.19
N GLY D 38 -21.06 -8.60 27.12
CA GLY D 38 -20.66 -8.19 25.79
C GLY D 38 -19.40 -8.86 25.27
N ALA D 39 -18.84 -9.80 26.02
CA ALA D 39 -17.60 -10.46 25.61
C ALA D 39 -17.84 -11.38 24.42
N GLU D 40 -16.79 -11.58 23.62
CA GLU D 40 -16.82 -12.57 22.55
C GLU D 40 -16.22 -13.87 23.07
N LEU D 41 -16.80 -14.99 22.64
CA LEU D 41 -16.52 -16.29 23.25
C LEU D 41 -15.99 -17.27 22.22
N ALA D 42 -15.20 -18.23 22.71
CA ALA D 42 -14.72 -19.36 21.94
C ALA D 42 -14.82 -20.60 22.81
N PHE D 43 -14.97 -21.76 22.16
CA PHE D 43 -15.29 -22.98 22.87
C PHE D 43 -14.54 -24.16 22.26
N THR D 44 -14.22 -25.13 23.11
CA THR D 44 -13.64 -26.39 22.68
C THR D 44 -14.59 -27.54 23.02
N TYR D 45 -14.38 -28.66 22.35
CA TYR D 45 -15.12 -29.88 22.61
C TYR D 45 -14.15 -31.06 22.62
N PRO D 46 -14.40 -32.05 23.49
CA PRO D 46 -13.44 -33.16 23.62
C PRO D 46 -13.44 -34.13 22.44
N ASN D 47 -14.56 -34.32 21.75
CA ASN D 47 -14.59 -35.26 20.65
C ASN D 47 -15.81 -34.98 19.79
N GLU D 48 -16.04 -35.84 18.81
CA GLU D 48 -17.01 -35.55 17.75
C GLU D 48 -18.42 -35.34 18.28
N LYS D 49 -18.94 -36.30 19.09
CA LYS D 49 -20.30 -36.20 19.61
C LYS D 49 -20.55 -34.82 20.23
N LEU D 50 -19.55 -34.25 20.88
CA LEU D 50 -19.79 -32.96 21.49
C LEU D 50 -19.68 -31.85 20.46
N LYS D 51 -19.14 -32.16 19.29
CA LYS D 51 -19.00 -31.18 18.22
C LYS D 51 -20.33 -30.51 17.94
N LYS D 52 -21.36 -31.30 17.61
CA LYS D 52 -22.65 -30.71 17.30
C LYS D 52 -23.19 -29.91 18.48
N ARG D 53 -23.07 -30.46 19.69
CA ARG D 53 -23.67 -29.80 20.85
C ARG D 53 -22.89 -28.55 21.25
N VAL D 54 -21.57 -28.59 21.17
CA VAL D 54 -20.81 -27.37 21.46
C VAL D 54 -21.11 -26.34 20.39
N ASP D 55 -21.15 -26.77 19.12
CA ASP D 55 -21.60 -25.90 18.04
C ASP D 55 -22.90 -25.19 18.42
N GLU D 56 -23.84 -25.90 19.07
CA GLU D 56 -25.11 -25.26 19.40
C GLU D 56 -24.88 -24.04 20.27
N PHE D 57 -24.27 -24.30 21.43
CA PHE D 57 -24.10 -23.29 22.48
C PHE D 57 -23.28 -22.10 21.99
N ALA D 58 -22.33 -22.32 21.08
CA ALA D 58 -21.55 -21.20 20.58
C ALA D 58 -22.45 -20.21 19.83
N GLU D 59 -23.27 -20.73 18.91
CA GLU D 59 -24.07 -19.87 18.06
C GLU D 59 -25.32 -19.39 18.78
N GLN D 60 -25.55 -19.89 20.01
CA GLN D 60 -26.46 -19.31 20.99
C GLN D 60 -25.82 -18.13 21.71
N PHE D 61 -24.52 -17.93 21.54
CA PHE D 61 -23.78 -16.80 22.10
C PHE D 61 -23.14 -15.95 21.01
N GLY D 62 -23.65 -16.03 19.78
CA GLY D 62 -23.13 -15.25 18.68
C GLY D 62 -21.77 -15.69 18.17
N SER D 63 -21.36 -16.90 18.48
CA SER D 63 -20.04 -17.42 18.13
C SER D 63 -20.16 -18.69 17.30
N LYS D 64 -19.18 -18.93 16.41
CA LYS D 64 -18.97 -20.25 15.85
C LYS D 64 -17.66 -20.87 16.32
N LEU D 65 -16.79 -20.08 16.93
CA LEU D 65 -15.41 -20.51 17.13
C LEU D 65 -15.40 -21.71 18.06
N VAL D 66 -15.40 -22.90 17.45
CA VAL D 66 -15.56 -24.17 18.14
C VAL D 66 -14.47 -25.09 17.63
N PHE D 67 -13.55 -25.47 18.51
CA PHE D 67 -12.38 -26.20 18.08
C PHE D 67 -12.26 -27.51 18.84
N PRO D 68 -11.80 -28.58 18.18
CA PRO D 68 -11.62 -29.85 18.88
C PRO D 68 -10.41 -29.80 19.79
N CYS D 69 -10.59 -30.26 21.04
CA CYS D 69 -9.48 -30.30 21.98
C CYS D 69 -9.76 -31.40 23.00
N ASP D 70 -9.13 -32.55 22.82
CA ASP D 70 -9.04 -33.55 23.87
C ASP D 70 -7.72 -33.33 24.61
N VAL D 71 -7.81 -33.01 25.90
CA VAL D 71 -6.63 -32.59 26.66
C VAL D 71 -5.69 -33.73 26.98
N ALA D 72 -6.01 -34.95 26.55
CA ALA D 72 -5.11 -36.08 26.73
C ALA D 72 -3.99 -36.02 25.69
N ASP D 74 -1.28 -34.07 23.40
CA ASP D 74 -0.47 -32.84 23.36
C ASP D 74 -0.77 -32.03 22.11
N ALA D 75 -0.78 -32.71 20.96
CA ALA D 75 -0.98 -32.02 19.69
C ALA D 75 -2.31 -31.28 19.66
N GLU D 76 -3.39 -31.95 20.07
CA GLU D 76 -4.71 -31.33 20.04
C GLU D 76 -4.72 -29.99 20.77
N ILE D 77 -3.93 -29.89 21.86
CA ILE D 77 -3.90 -28.66 22.63
C ILE D 77 -3.27 -27.53 21.82
N ASP D 78 -2.01 -27.71 21.40
CA ASP D 78 -1.32 -26.64 20.70
C ASP D 78 -2.02 -26.29 19.39
N ASN D 79 -2.51 -27.30 18.67
CA ASN D 79 -3.26 -27.03 17.45
C ASN D 79 -4.47 -26.15 17.73
N ALA D 80 -5.20 -26.43 18.81
CA ALA D 80 -6.38 -25.64 19.12
C ALA D 80 -6.04 -24.17 19.32
N PHE D 81 -4.87 -23.88 19.89
CA PHE D 81 -4.46 -22.49 20.04
C PHE D 81 -3.81 -21.95 18.77
N ALA D 82 -3.24 -22.84 17.95
CA ALA D 82 -2.85 -22.44 16.61
C ALA D 82 -4.08 -22.12 15.77
N GLU D 83 -5.12 -22.95 15.89
CA GLU D 83 -6.38 -22.65 15.22
C GLU D 83 -6.90 -21.29 15.63
N LEU D 84 -7.00 -21.04 16.93
CA LEU D 84 -7.49 -19.76 17.43
C LEU D 84 -6.62 -18.59 17.02
N ALA D 85 -5.34 -18.83 16.72
CA ALA D 85 -4.47 -17.73 16.30
C ALA D 85 -4.98 -17.06 15.03
N LYS D 86 -5.38 -17.84 14.03
CA LYS D 86 -5.84 -17.23 12.78
C LYS D 86 -7.01 -16.31 13.03
N HIS D 87 -7.89 -16.70 13.96
CA HIS D 87 -9.13 -16.00 14.18
C HIS D 87 -9.01 -14.90 15.21
N TRP D 88 -8.16 -15.05 16.22
CA TRP D 88 -8.02 -14.00 17.22
C TRP D 88 -6.59 -13.49 17.30
N ASP D 89 -6.46 -12.18 17.10
CA ASP D 89 -5.56 -11.30 17.82
C ASP D 89 -4.85 -11.97 19.00
N GLY D 90 -5.45 -11.86 20.18
CA GLY D 90 -4.93 -12.38 21.43
C GLY D 90 -6.11 -12.84 22.26
N VAL D 91 -5.94 -12.89 23.59
CA VAL D 91 -7.02 -13.34 24.47
C VAL D 91 -6.93 -12.59 25.78
N ASP D 92 -8.09 -12.22 26.33
CA ASP D 92 -8.18 -11.53 27.60
C ASP D 92 -8.34 -12.50 28.77
N GLY D 93 -8.52 -13.79 28.48
CA GLY D 93 -8.67 -14.80 29.49
C GLY D 93 -9.01 -16.16 28.93
N VAL D 94 -8.60 -17.20 29.64
CA VAL D 94 -8.90 -18.59 29.28
C VAL D 94 -9.54 -19.27 30.48
N VAL D 95 -10.69 -19.92 30.26
CA VAL D 95 -11.47 -20.52 31.33
C VAL D 95 -11.29 -22.04 31.25
N HIS D 96 -10.81 -22.63 32.34
CA HIS D 96 -10.55 -24.07 32.41
C HIS D 96 -11.57 -24.71 33.35
N SER D 97 -12.50 -25.46 32.78
CA SER D 97 -13.59 -26.09 33.51
C SER D 97 -13.64 -27.59 33.20
N ILE D 98 -12.50 -28.27 33.36
CA ILE D 98 -12.35 -29.66 32.96
C ILE D 98 -11.83 -30.47 34.14
N GLY D 99 -12.49 -31.60 34.42
CA GLY D 99 -12.01 -32.55 35.39
C GLY D 99 -12.59 -33.92 35.10
N PHE D 100 -11.80 -34.95 35.40
CA PHE D 100 -12.27 -36.30 35.07
C PHE D 100 -11.40 -37.34 35.78
N ALA D 101 -12.04 -38.41 36.24
CA ALA D 101 -11.37 -39.58 36.78
C ALA D 101 -12.24 -40.81 36.53
N PRO D 102 -11.63 -41.98 36.38
CA PRO D 102 -12.39 -43.22 36.14
C PRO D 102 -13.40 -43.51 37.24
N ALA D 103 -14.69 -43.34 36.90
CA ALA D 103 -15.80 -43.70 37.77
C ALA D 103 -15.47 -44.67 38.91
N HIS D 104 -14.75 -45.77 38.63
CA HIS D 104 -14.48 -46.76 39.66
C HIS D 104 -13.63 -46.17 40.77
N THR D 105 -12.77 -45.25 40.39
CA THR D 105 -11.99 -44.42 41.27
C THR D 105 -12.79 -43.42 42.08
N LEU D 106 -14.07 -43.24 41.78
CA LEU D 106 -14.93 -42.34 42.52
C LEU D 106 -16.03 -43.09 43.27
N ASP D 107 -15.85 -44.39 43.54
CA ASP D 107 -16.93 -45.19 44.11
C ASP D 107 -16.32 -46.26 45.02
N GLY D 108 -16.23 -45.95 46.32
CA GLY D 108 -15.71 -46.95 47.23
C GLY D 108 -14.60 -46.37 48.08
N ASP D 109 -13.88 -47.23 48.77
CA ASP D 109 -12.67 -46.89 49.51
C ASP D 109 -11.87 -45.90 48.74
N PHE D 110 -11.25 -44.92 49.38
CA PHE D 110 -10.12 -44.29 48.73
C PHE D 110 -8.99 -45.29 48.46
N THR D 111 -8.60 -46.04 49.50
CA THR D 111 -7.46 -46.97 49.40
C THR D 111 -7.71 -48.09 48.39
N ASP D 112 -8.84 -48.80 48.52
CA ASP D 112 -9.04 -50.03 47.75
C ASP D 112 -9.14 -49.77 46.26
N VAL D 113 -9.81 -48.67 45.87
CA VAL D 113 -10.20 -48.46 44.49
C VAL D 113 -9.24 -47.53 43.75
N THR D 114 -8.22 -47.02 44.43
CA THR D 114 -7.32 -46.04 43.84
C THR D 114 -6.19 -46.80 43.16
N ASP D 115 -6.39 -47.08 41.88
CA ASP D 115 -5.35 -47.74 41.10
C ASP D 115 -4.44 -46.72 40.45
N ARG D 116 -3.36 -47.23 39.88
CA ARG D 116 -2.36 -46.36 39.29
C ARG D 116 -2.90 -45.63 38.07
N ASP D 117 -3.53 -46.38 37.16
CA ASP D 117 -4.06 -45.74 35.97
C ASP D 117 -5.08 -44.68 36.36
N GLY D 118 -6.12 -45.08 37.10
CA GLY D 118 -7.09 -44.13 37.59
C GLY D 118 -6.42 -42.94 38.27
N PHE D 119 -5.28 -43.17 38.91
CA PHE D 119 -4.50 -42.07 39.47
C PHE D 119 -3.97 -41.17 38.36
N LYS D 120 -3.30 -41.75 37.36
CA LYS D 120 -2.75 -40.95 36.26
C LYS D 120 -3.84 -40.19 35.53
N ILE D 121 -4.88 -40.90 35.06
CA ILE D 121 -5.94 -40.23 34.33
C ILE D 121 -6.47 -39.09 35.19
N ALA D 122 -6.67 -39.38 36.48
CA ALA D 122 -7.14 -38.35 37.38
C ALA D 122 -6.25 -37.11 37.33
N HIS D 123 -4.97 -37.20 37.68
CA HIS D 123 -4.21 -35.93 37.58
C HIS D 123 -3.93 -35.53 36.13
N ASP D 124 -3.88 -36.47 35.19
CA ASP D 124 -3.59 -36.04 33.83
C ASP D 124 -4.66 -35.07 33.34
N ILE D 125 -5.92 -35.54 33.26
CA ILE D 125 -6.98 -34.73 32.66
C ILE D 125 -7.34 -33.54 33.54
N SER D 126 -7.37 -33.73 34.87
CA SER D 126 -8.00 -32.74 35.74
C SER D 126 -7.03 -31.75 36.35
N ALA D 127 -5.75 -32.08 36.44
CA ALA D 127 -4.78 -31.20 37.08
C ALA D 127 -3.71 -30.72 36.10
N TYR D 128 -2.99 -31.65 35.46
CA TYR D 128 -1.93 -31.24 34.54
C TYR D 128 -2.48 -30.43 33.37
N SER D 129 -3.65 -30.81 32.86
CA SER D 129 -4.20 -30.18 31.65
C SER D 129 -4.13 -28.66 31.72
N PHE D 130 -4.50 -28.08 32.86
CA PHE D 130 -4.52 -26.62 32.98
C PHE D 130 -3.15 -26.03 32.66
N VAL D 131 -2.07 -26.67 33.12
CA VAL D 131 -0.74 -26.12 32.87
C VAL D 131 -0.41 -26.13 31.38
N ALA D 132 -0.80 -27.20 30.68
CA ALA D 132 -0.56 -27.26 29.24
C ALA D 132 -1.30 -26.16 28.50
N MET D 133 -2.62 -26.06 28.72
CA MET D 133 -3.39 -24.98 28.13
C MET D 133 -2.73 -23.63 28.35
N ALA D 134 -2.22 -23.39 29.56
CA ALA D 134 -1.53 -22.14 29.84
C ALA D 134 -0.45 -21.86 28.81
N ARG D 135 0.30 -22.88 28.39
CA ARG D 135 1.36 -22.68 27.42
C ARG D 135 0.82 -22.25 26.06
N ALA D 136 -0.03 -23.08 25.45
CA ALA D 136 -0.60 -22.74 24.16
C ALA D 136 -1.32 -21.41 24.17
N ALA D 137 -1.75 -20.94 25.34
CA ALA D 137 -2.44 -19.65 25.43
C ALA D 137 -1.50 -18.51 25.79
N LYS D 138 -0.28 -18.80 26.22
CA LYS D 138 0.64 -17.75 26.66
C LYS D 138 0.82 -16.65 25.63
N PRO D 139 1.19 -16.94 24.37
CA PRO D 139 1.33 -15.85 23.39
C PRO D 139 0.06 -15.04 23.26
N LEU D 140 -1.06 -15.70 22.97
CA LEU D 140 -2.33 -14.99 22.82
C LEU D 140 -2.70 -14.21 24.08
N LEU D 141 -2.26 -14.69 25.24
CA LEU D 141 -2.57 -13.99 26.50
C LEU D 141 -1.59 -12.85 26.77
N GLN D 142 -0.34 -12.99 26.34
CA GLN D 142 0.63 -11.91 26.55
C GLN D 142 0.24 -10.66 25.76
N ALA D 143 -0.25 -10.85 24.53
CA ALA D 143 -0.68 -9.72 23.72
C ALA D 143 -1.57 -8.77 24.49
N ARG D 144 -2.53 -9.31 25.24
CA ARG D 144 -3.53 -8.49 25.91
C ARG D 144 -3.49 -8.60 27.43
N GLN D 145 -2.45 -9.20 27.99
CA GLN D 145 -2.32 -9.36 29.43
C GLN D 145 -3.61 -9.94 30.03
N GLY D 146 -4.10 -11.00 29.39
CA GLY D 146 -5.28 -11.67 29.86
C GLY D 146 -5.05 -12.38 31.18
N CYS D 147 -6.00 -13.24 31.53
CA CYS D 147 -5.96 -13.97 32.79
C CYS D 147 -6.38 -15.42 32.55
N LEU D 148 -6.07 -16.27 33.54
CA LEU D 148 -6.46 -17.67 33.52
C LEU D 148 -7.34 -17.98 34.73
N LEU D 149 -8.27 -18.91 34.53
CA LEU D 149 -9.20 -19.30 35.59
C LEU D 149 -9.51 -20.77 35.45
N THR D 150 -9.53 -21.48 36.58
CA THR D 150 -9.92 -22.88 36.62
C THR D 150 -10.93 -23.08 37.74
N LEU D 151 -11.56 -24.26 37.74
CA LEU D 151 -12.55 -24.62 38.74
C LEU D 151 -11.99 -25.73 39.62
N THR D 152 -11.98 -25.49 40.93
CA THR D 152 -11.49 -26.47 41.89
C THR D 152 -12.61 -26.80 42.89
N TYR D 153 -12.26 -27.63 43.86
CA TYR D 153 -13.23 -28.10 44.84
C TYR D 153 -12.49 -28.31 46.15
N GLN D 154 -13.16 -27.98 47.26
CA GLN D 154 -12.48 -28.07 48.55
C GLN D 154 -12.25 -29.50 49.00
N GLY D 155 -12.60 -30.50 48.18
CA GLY D 155 -12.16 -31.86 48.44
C GLY D 155 -10.66 -32.05 48.35
N SER D 156 -9.97 -31.13 47.66
CA SER D 156 -8.51 -31.14 47.68
C SER D 156 -8.00 -30.79 49.07
N GLU D 157 -8.73 -29.92 49.75
CA GLU D 157 -8.39 -29.44 51.08
C GLU D 157 -8.96 -30.34 52.16
N ARG D 158 -10.02 -31.07 51.85
CA ARG D 158 -10.72 -31.88 52.84
C ARG D 158 -11.43 -33.07 52.20
N VAL D 159 -11.66 -34.08 53.02
CA VAL D 159 -12.20 -35.36 52.59
C VAL D 159 -13.72 -35.27 52.47
N MET D 160 -14.23 -35.57 51.27
CA MET D 160 -15.62 -35.88 50.94
C MET D 160 -15.68 -37.35 50.55
N PRO D 161 -16.69 -38.08 50.99
CA PRO D 161 -16.73 -39.51 50.65
C PRO D 161 -16.87 -39.70 49.14
N ASN D 162 -16.08 -40.63 48.61
CA ASN D 162 -16.06 -41.01 47.21
C ASN D 162 -15.44 -39.96 46.30
N TYR D 163 -14.96 -38.83 46.83
CA TYR D 163 -14.24 -37.89 45.99
C TYR D 163 -12.81 -38.33 45.76
N ASN D 164 -12.20 -38.99 46.76
CA ASN D 164 -10.97 -39.75 46.61
C ASN D 164 -9.90 -39.05 45.78
N VAL D 165 -9.38 -39.73 44.76
CA VAL D 165 -8.23 -39.22 44.03
C VAL D 165 -8.51 -37.86 43.41
N MET D 166 -9.79 -37.56 43.14
CA MET D 166 -10.11 -36.23 42.63
C MET D 166 -9.68 -35.16 43.62
N GLY D 167 -9.71 -35.47 44.92
CA GLY D 167 -9.16 -34.55 45.89
C GLY D 167 -7.68 -34.32 45.66
N MET D 168 -6.93 -35.40 45.43
CA MET D 168 -5.50 -35.26 45.13
C MET D 168 -5.30 -34.42 43.89
N ALA D 169 -6.09 -34.65 42.84
CA ALA D 169 -5.96 -33.87 41.62
C ALA D 169 -6.25 -32.40 41.89
N LYS D 170 -7.34 -32.11 42.60
CA LYS D 170 -7.67 -30.73 42.91
C LYS D 170 -6.59 -30.08 43.76
N ALA D 171 -5.99 -30.84 44.68
CA ALA D 171 -4.89 -30.31 45.47
C ALA D 171 -3.70 -29.99 44.59
N SER D 172 -3.40 -30.86 43.63
CA SER D 172 -2.37 -30.57 42.65
C SER D 172 -2.74 -29.35 41.81
N LEU D 173 -3.98 -29.33 41.31
CA LEU D 173 -4.48 -28.16 40.59
C LEU D 173 -4.23 -26.87 41.35
N GLU D 174 -4.67 -26.82 42.62
CA GLU D 174 -4.56 -25.59 43.38
C GLU D 174 -3.11 -25.14 43.51
N ALA D 175 -2.19 -26.09 43.71
CA ALA D 175 -0.77 -25.74 43.70
C ALA D 175 -0.36 -25.17 42.36
N GLY D 176 -0.88 -25.72 41.27
CA GLY D 176 -0.56 -25.18 39.96
C GLY D 176 -0.91 -23.72 39.82
N VAL D 177 -2.12 -23.35 40.24
CA VAL D 177 -2.56 -21.95 40.17
C VAL D 177 -1.50 -21.03 40.77
N ARG D 178 -0.95 -21.42 41.92
CA ARG D 178 0.05 -20.56 42.57
C ARG D 178 1.32 -20.48 41.73
N TYR D 179 1.76 -21.61 41.18
CA TYR D 179 2.98 -21.61 40.36
C TYR D 179 2.75 -20.90 39.04
N LEU D 180 1.56 -21.06 38.46
CA LEU D 180 1.22 -20.29 37.26
C LEU D 180 1.21 -18.79 37.54
N ALA D 181 0.58 -18.39 38.64
CA ALA D 181 0.51 -16.97 38.97
C ALA D 181 1.88 -16.37 39.18
N SER D 182 2.79 -17.11 39.84
CA SER D 182 4.13 -16.58 40.06
C SER D 182 4.94 -16.59 38.77
N SER D 183 4.78 -17.63 37.94
CA SER D 183 5.49 -17.69 36.67
C SER D 183 5.00 -16.63 35.71
N LEU D 184 3.67 -16.57 35.51
CA LEU D 184 3.09 -15.71 34.49
C LEU D 184 2.76 -14.31 35.00
N GLY D 185 2.85 -14.08 36.32
CA GLY D 185 2.53 -12.76 36.85
C GLY D 185 3.42 -11.66 36.29
N VAL D 186 4.68 -11.98 36.03
CA VAL D 186 5.60 -10.96 35.51
C VAL D 186 5.09 -10.41 34.19
N ASP D 187 4.44 -11.25 33.38
CA ASP D 187 3.91 -10.85 32.08
C ASP D 187 2.53 -10.20 32.19
N GLY D 188 2.09 -9.84 33.39
CA GLY D 188 0.78 -9.23 33.57
C GLY D 188 -0.39 -10.19 33.47
N ILE D 189 -0.14 -11.49 33.47
CA ILE D 189 -1.19 -12.49 33.36
C ILE D 189 -1.57 -12.97 34.75
N ARG D 190 -2.82 -12.79 35.13
CA ARG D 190 -3.33 -13.21 36.43
C ARG D 190 -3.83 -14.64 36.33
N VAL D 191 -3.63 -15.42 37.40
CA VAL D 191 -4.04 -16.81 37.45
C VAL D 191 -4.78 -17.03 38.77
N ASN D 192 -6.03 -17.47 38.68
CA ASN D 192 -6.86 -17.69 39.85
C ASN D 192 -7.76 -18.89 39.61
N ALA D 193 -8.43 -19.33 40.67
CA ALA D 193 -9.31 -20.48 40.61
C ALA D 193 -10.54 -20.23 41.47
N ILE D 194 -11.62 -20.94 41.14
CA ILE D 194 -12.87 -20.87 41.90
C ILE D 194 -13.11 -22.22 42.55
N SER D 195 -13.30 -22.21 43.86
CA SER D 195 -13.71 -23.40 44.62
C SER D 195 -15.23 -23.32 44.77
N ALA D 196 -15.94 -24.02 43.91
CA ALA D 196 -17.40 -23.94 43.87
C ALA D 196 -18.01 -25.02 44.76
N GLY D 197 -19.11 -24.67 45.41
CA GLY D 197 -19.89 -25.65 46.13
C GLY D 197 -20.37 -26.75 45.20
N PRO D 198 -20.76 -27.89 45.77
CA PRO D 198 -21.22 -29.00 44.94
C PRO D 198 -22.58 -28.68 44.33
N ILE D 199 -22.73 -28.97 43.03
CA ILE D 199 -23.98 -28.70 42.36
C ILE D 199 -24.23 -29.74 41.27
N ARG D 200 -25.51 -30.08 41.09
CA ARG D 200 -25.93 -31.07 40.11
C ARG D 200 -25.60 -30.65 38.69
N THR D 201 -24.52 -31.20 38.15
CA THR D 201 -24.10 -31.02 36.76
C THR D 201 -23.82 -32.39 36.15
N LEU D 202 -23.25 -32.42 34.94
CA LEU D 202 -22.90 -33.70 34.34
C LEU D 202 -21.84 -34.43 35.14
N ALA D 203 -21.16 -33.73 36.03
CA ALA D 203 -20.25 -34.35 36.98
C ALA D 203 -20.99 -34.92 38.18
N ALA D 204 -22.32 -34.99 38.08
CA ALA D 204 -23.17 -35.62 39.07
C ALA D 204 -23.66 -36.98 38.58
N SER D 205 -23.34 -37.33 37.34
CA SER D 205 -23.72 -38.62 36.77
C SER D 205 -22.91 -39.75 37.39
N GLY D 206 -23.61 -40.78 37.85
CA GLY D 206 -22.94 -41.95 38.38
C GLY D 206 -22.55 -41.92 39.84
N ILE D 207 -22.83 -40.82 40.54
CA ILE D 207 -22.49 -40.71 41.96
C ILE D 207 -23.75 -40.95 42.78
N LYS D 208 -23.80 -42.11 43.44
CA LYS D 208 -25.01 -42.49 44.16
C LYS D 208 -25.21 -41.63 45.40
N SER D 209 -24.12 -41.24 46.06
CA SER D 209 -24.21 -40.44 47.27
C SER D 209 -24.52 -38.98 46.98
N PHE D 210 -24.53 -38.58 45.71
CA PHE D 210 -24.53 -37.17 45.35
C PHE D 210 -25.64 -36.42 46.08
N ARG D 211 -26.87 -36.91 45.97
CA ARG D 211 -28.01 -36.17 46.53
C ARG D 211 -27.88 -36.00 48.04
N LYS D 212 -27.36 -37.02 48.74
CA LYS D 212 -27.09 -36.86 50.16
C LYS D 212 -25.98 -35.84 50.40
N MET D 213 -25.02 -35.75 49.49
CA MET D 213 -24.01 -34.71 49.59
C MET D 213 -24.64 -33.32 49.47
N LEU D 214 -25.50 -33.12 48.49
CA LEU D 214 -26.17 -31.83 48.38
C LEU D 214 -27.02 -31.56 49.61
N ASP D 215 -27.84 -32.55 50.01
CA ASP D 215 -28.83 -32.29 51.06
C ASP D 215 -28.17 -31.86 52.36
N ALA D 216 -26.98 -32.38 52.63
CA ALA D 216 -26.23 -31.92 53.79
C ALA D 216 -25.68 -30.52 53.56
N ASN D 217 -25.14 -30.26 52.36
CA ASN D 217 -24.55 -28.95 52.09
C ASN D 217 -25.53 -27.81 52.35
N GLU D 218 -26.81 -27.96 51.97
CA GLU D 218 -27.76 -26.90 52.32
C GLU D 218 -27.88 -26.78 53.82
N LYS D 219 -27.69 -27.86 54.56
CA LYS D 219 -27.82 -27.78 56.00
C LYS D 219 -26.52 -27.33 56.68
N VAL D 220 -25.36 -27.49 56.03
CA VAL D 220 -24.10 -27.03 56.64
C VAL D 220 -23.75 -25.60 56.21
N ALA D 221 -24.00 -25.22 54.96
CA ALA D 221 -23.59 -23.91 54.46
C ALA D 221 -24.27 -22.78 55.24
N PRO D 222 -23.52 -21.76 55.69
CA PRO D 222 -24.12 -20.65 56.47
C PRO D 222 -25.42 -20.10 55.91
N LEU D 223 -25.56 -20.00 54.59
CA LEU D 223 -26.82 -19.54 54.02
C LEU D 223 -27.78 -20.68 53.81
N LYS D 224 -27.28 -21.90 53.99
CA LYS D 224 -28.09 -23.12 54.03
C LYS D 224 -28.82 -23.36 52.72
N ARG D 225 -28.08 -23.16 51.64
CA ARG D 225 -28.56 -23.36 50.28
C ARG D 225 -27.34 -23.64 49.43
N ASN D 226 -27.58 -24.20 48.26
CA ASN D 226 -26.50 -24.52 47.33
C ASN D 226 -26.42 -23.44 46.27
N VAL D 227 -25.21 -23.20 45.79
CA VAL D 227 -24.94 -22.12 44.85
C VAL D 227 -25.62 -22.50 43.54
N THR D 228 -25.51 -21.63 42.54
CA THR D 228 -26.03 -21.92 41.20
C THR D 228 -24.90 -21.77 40.19
N ILE D 229 -25.15 -22.24 38.95
CA ILE D 229 -24.16 -22.04 37.90
C ILE D 229 -24.00 -20.55 37.64
N GLU D 230 -25.07 -19.79 37.88
CA GLU D 230 -25.03 -18.35 37.71
C GLU D 230 -24.09 -17.71 38.73
N GLU D 231 -24.30 -17.99 40.01
CA GLU D 231 -23.49 -17.36 41.04
C GLU D 231 -22.01 -17.65 40.82
N VAL D 232 -21.70 -18.85 40.32
CA VAL D 232 -20.32 -19.13 39.92
C VAL D 232 -19.96 -18.31 38.70
N GLY D 233 -20.86 -18.25 37.71
CA GLY D 233 -20.60 -17.41 36.55
C GLY D 233 -20.31 -15.97 36.92
N ASN D 234 -21.15 -15.38 37.79
CA ASN D 234 -20.92 -14.01 38.21
C ASN D 234 -19.55 -13.85 38.84
N ALA D 235 -19.16 -14.79 39.69
CA ALA D 235 -17.85 -14.70 40.34
C ALA D 235 -16.73 -14.87 39.33
N ALA D 236 -16.83 -15.88 38.46
CA ALA D 236 -15.82 -16.05 37.42
C ALA D 236 -15.75 -14.83 36.52
N LEU D 237 -16.91 -14.23 36.23
CA LEU D 237 -16.93 -12.99 35.46
C LEU D 237 -16.05 -11.92 36.09
N PHE D 238 -16.20 -11.71 37.40
CA PHE D 238 -15.40 -10.71 38.10
C PHE D 238 -13.91 -11.00 37.95
N LEU D 239 -13.50 -12.24 38.18
CA LEU D 239 -12.08 -12.56 38.14
C LEU D 239 -11.49 -12.41 36.75
N CYS D 240 -12.32 -12.55 35.71
CA CYS D 240 -11.87 -12.37 34.34
C CYS D 240 -11.94 -10.91 33.88
N SER D 241 -12.05 -9.99 34.83
CA SER D 241 -12.32 -8.59 34.54
C SER D 241 -11.23 -7.70 35.13
N PRO D 242 -11.07 -6.48 34.63
CA PRO D 242 -10.10 -5.56 35.24
C PRO D 242 -10.43 -5.26 36.69
N TRP D 243 -11.68 -5.51 37.11
CA TRP D 243 -12.04 -5.33 38.51
C TRP D 243 -11.22 -6.25 39.41
N ALA D 244 -10.79 -7.39 38.88
CA ALA D 244 -9.93 -8.33 39.60
C ALA D 244 -8.45 -8.13 39.28
N SER D 245 -8.06 -6.92 38.89
CA SER D 245 -6.68 -6.69 38.48
C SER D 245 -5.67 -6.84 39.61
N GLY D 246 -6.09 -6.70 40.86
CA GLY D 246 -5.19 -6.83 41.99
C GLY D 246 -5.11 -8.20 42.62
N ILE D 247 -5.64 -9.23 41.97
CA ILE D 247 -5.74 -10.56 42.55
C ILE D 247 -5.14 -11.57 41.59
N THR D 248 -4.19 -12.35 42.07
CA THR D 248 -3.65 -13.46 41.31
C THR D 248 -3.31 -14.59 42.27
N GLY D 249 -3.36 -15.82 41.76
CA GLY D 249 -3.09 -16.97 42.59
C GLY D 249 -4.07 -17.14 43.73
N GLU D 250 -5.29 -16.64 43.57
CA GLU D 250 -6.31 -16.68 44.62
C GLU D 250 -7.28 -17.83 44.36
N ILE D 251 -7.67 -18.52 45.42
CA ILE D 251 -8.69 -19.55 45.38
C ILE D 251 -9.93 -18.96 46.04
N LEU D 252 -10.91 -18.58 45.22
CA LEU D 252 -12.13 -17.97 45.71
C LEU D 252 -13.18 -19.04 45.97
N TYR D 253 -13.69 -19.08 47.20
CA TYR D 253 -14.68 -20.09 47.58
C TYR D 253 -16.07 -19.55 47.29
N VAL D 254 -16.80 -20.25 46.43
CA VAL D 254 -18.19 -19.92 46.14
C VAL D 254 -19.06 -21.09 46.59
N ASP D 255 -19.24 -21.21 47.91
CA ASP D 255 -19.95 -22.34 48.50
C ASP D 255 -20.96 -21.90 49.54
N ALA D 256 -21.41 -20.65 49.49
CA ALA D 256 -22.28 -20.10 50.52
C ALA D 256 -21.62 -20.19 51.89
N GLY D 257 -20.30 -20.16 51.92
CA GLY D 257 -19.57 -20.25 53.16
C GLY D 257 -19.45 -21.64 53.73
N PHE D 258 -19.91 -22.66 53.02
CA PHE D 258 -19.84 -24.02 53.55
C PHE D 258 -18.46 -24.34 54.11
N ASN D 259 -17.40 -23.98 53.38
CA ASN D 259 -16.05 -24.32 53.81
C ASN D 259 -15.70 -23.77 55.17
N THR D 260 -16.42 -22.76 55.66
CA THR D 260 -16.04 -22.07 56.88
C THR D 260 -16.70 -22.63 58.13
N VAL D 261 -17.62 -23.59 58.00
CA VAL D 261 -18.30 -24.14 59.16
C VAL D 261 -17.56 -25.37 59.62
N GLY D 262 -17.18 -25.39 60.90
CA GLY D 262 -16.53 -26.56 61.47
C GLY D 262 -17.48 -27.65 61.85
N MET D 263 -18.71 -27.28 62.22
CA MET D 263 -19.59 -28.12 63.00
C MET D 263 -20.99 -27.53 62.87
N SER D 264 -21.96 -28.34 62.47
CA SER D 264 -23.30 -27.82 62.31
C SER D 264 -24.16 -28.22 63.50
N GLN D 265 -25.22 -27.47 63.74
CA GLN D 265 -26.27 -27.97 64.62
C GLN D 265 -26.63 -29.37 64.15
N SER D 266 -26.54 -30.35 65.05
CA SER D 266 -26.48 -31.77 64.71
C SER D 266 -26.71 -32.10 63.23
N GLN E 7 -5.93 26.60 -36.24
CA GLN E 7 -4.65 26.81 -35.57
C GLN E 7 -4.62 26.12 -34.20
N GLY E 8 -4.26 24.83 -34.20
CA GLY E 8 -4.14 24.06 -32.99
C GLY E 8 -2.70 24.03 -32.48
N LEU E 9 -2.51 23.26 -31.40
CA LEU E 9 -1.19 23.19 -30.78
C LEU E 9 -0.14 22.72 -31.77
N LEU E 10 -0.48 21.75 -32.62
CA LEU E 10 0.45 21.20 -33.60
C LEU E 10 0.26 21.81 -34.99
N ALA E 11 0.01 23.11 -35.06
CA ALA E 11 -0.12 23.79 -36.35
C ALA E 11 1.16 23.67 -37.14
N GLY E 12 1.10 23.06 -38.32
CA GLY E 12 2.24 22.95 -39.18
C GLY E 12 3.24 21.87 -38.80
N LYS E 13 2.96 21.09 -37.76
CA LYS E 13 3.84 20.03 -37.31
C LYS E 13 3.52 18.73 -38.05
N ARG E 14 4.56 17.92 -38.23
CA ARG E 14 4.43 16.67 -38.97
C ARG E 14 4.75 15.49 -38.06
N PHE E 15 4.11 14.35 -38.32
CA PHE E 15 4.29 13.17 -37.49
C PHE E 15 4.09 11.90 -38.32
N LEU E 16 4.95 10.92 -38.09
CA LEU E 16 4.81 9.59 -38.69
C LEU E 16 4.16 8.65 -37.68
N ILE E 17 3.15 7.90 -38.13
CA ILE E 17 2.41 6.98 -37.28
C ILE E 17 2.58 5.57 -37.83
N ALA E 18 3.31 4.74 -37.11
CA ALA E 18 3.43 3.32 -37.42
C ALA E 18 2.59 2.51 -36.43
N GLY E 19 1.73 1.64 -36.96
CA GLY E 19 1.05 0.69 -36.12
C GLY E 19 -0.46 0.77 -36.11
N VAL E 20 -1.06 1.49 -37.05
CA VAL E 20 -2.51 1.54 -37.17
C VAL E 20 -2.98 0.26 -37.85
N ALA E 21 -3.65 -0.60 -37.09
CA ALA E 21 -4.24 -1.82 -37.63
C ALA E 21 -5.74 -1.77 -37.75
N SER E 22 -6.42 -1.00 -36.90
CA SER E 22 -7.87 -0.90 -36.93
C SER E 22 -8.28 0.35 -36.18
N LYS E 23 -9.58 0.66 -36.25
CA LYS E 23 -10.14 1.78 -35.49
C LYS E 23 -9.95 1.63 -33.98
N LEU E 24 -9.55 0.46 -33.52
CA LEU E 24 -9.28 0.21 -32.11
C LEU E 24 -7.81 0.38 -31.77
N SER E 25 -6.93 0.43 -32.76
CA SER E 25 -5.51 0.58 -32.53
C SER E 25 -5.24 1.70 -31.53
N ILE E 26 -4.20 1.50 -30.70
CA ILE E 26 -3.76 2.58 -29.83
C ILE E 26 -3.22 3.71 -30.68
N ALA E 27 -2.54 3.37 -31.79
CA ALA E 27 -2.08 4.38 -32.73
C ALA E 27 -3.23 5.18 -33.32
N TYR E 28 -4.40 4.55 -33.49
CA TYR E 28 -5.51 5.26 -34.12
C TYR E 28 -6.01 6.40 -33.24
N GLY E 29 -6.29 6.12 -31.98
CA GLY E 29 -6.68 7.19 -31.07
C GLY E 29 -5.60 8.24 -30.95
N ILE E 30 -4.34 7.82 -31.04
CA ILE E 30 -3.24 8.78 -31.08
C ILE E 30 -3.38 9.66 -32.32
N ALA E 31 -3.42 9.03 -33.49
CA ALA E 31 -3.59 9.78 -34.74
C ALA E 31 -4.74 10.76 -34.63
N GLN E 32 -5.87 10.31 -34.10
CA GLN E 32 -7.02 11.18 -33.94
C GLN E 32 -6.66 12.40 -33.07
N ALA E 33 -5.92 12.16 -31.99
CA ALA E 33 -5.56 13.25 -31.09
C ALA E 33 -4.60 14.24 -31.76
N LEU E 34 -3.57 13.74 -32.44
CA LEU E 34 -2.65 14.65 -33.12
C LEU E 34 -3.38 15.44 -34.20
N HIS E 35 -4.12 14.75 -35.06
CA HIS E 35 -4.85 15.45 -36.12
C HIS E 35 -5.83 16.46 -35.54
N ARG E 36 -6.54 16.09 -34.48
CA ARG E 36 -7.48 17.00 -33.85
C ARG E 36 -6.85 18.36 -33.57
N GLU E 37 -5.54 18.40 -33.37
CA GLU E 37 -4.84 19.63 -33.02
C GLU E 37 -4.09 20.25 -34.18
N GLY E 38 -4.25 19.72 -35.39
CA GLY E 38 -3.68 20.34 -36.57
C GLY E 38 -2.41 19.70 -37.09
N ALA E 39 -2.01 18.56 -36.54
CA ALA E 39 -0.76 17.92 -36.93
C ALA E 39 -0.82 17.35 -38.33
N GLU E 40 0.36 17.21 -38.93
CA GLU E 40 0.53 16.54 -40.20
C GLU E 40 0.71 15.05 -39.92
N LEU E 41 0.08 14.19 -40.73
CA LEU E 41 0.06 12.77 -40.41
C LEU E 41 0.63 11.94 -41.55
N ALA E 42 1.28 10.83 -41.17
CA ALA E 42 1.77 9.82 -42.10
C ALA E 42 1.63 8.44 -41.46
N PHE E 43 1.52 7.40 -42.28
CA PHE E 43 1.20 6.07 -41.79
C PHE E 43 1.96 5.00 -42.57
N THR E 44 2.30 3.91 -41.89
CA THR E 44 2.88 2.72 -42.49
C THR E 44 1.96 1.53 -42.29
N TYR E 45 2.17 0.50 -43.10
CA TYR E 45 1.45 -0.76 -43.00
C TYR E 45 2.43 -1.91 -43.15
N PRO E 46 2.19 -3.03 -42.47
CA PRO E 46 3.17 -4.12 -42.48
C PRO E 46 3.22 -4.89 -43.79
N ASN E 47 2.10 -5.02 -44.51
CA ASN E 47 2.11 -5.77 -45.76
C ASN E 47 0.84 -5.47 -46.55
N GLU E 48 0.69 -6.18 -47.67
CA GLU E 48 -0.37 -5.89 -48.65
C GLU E 48 -1.76 -6.04 -48.02
N LYS E 49 -2.01 -7.16 -47.35
CA LYS E 49 -3.32 -7.43 -46.77
C LYS E 49 -3.89 -6.22 -46.04
N LEU E 50 -3.05 -5.46 -45.35
CA LEU E 50 -3.49 -4.33 -44.55
C LEU E 50 -3.53 -3.03 -45.34
N LYS E 51 -3.01 -3.05 -46.57
CA LYS E 51 -2.93 -1.84 -47.40
C LYS E 51 -4.27 -1.11 -47.46
N LYS E 52 -5.34 -1.80 -47.84
CA LYS E 52 -6.62 -1.14 -48.05
C LYS E 52 -7.06 -0.35 -46.83
N ARG E 53 -6.93 -0.95 -45.64
CA ARG E 53 -7.45 -0.30 -44.44
C ARG E 53 -6.58 0.90 -44.04
N VAL E 54 -5.25 0.77 -44.18
CA VAL E 54 -4.37 1.88 -43.82
C VAL E 54 -4.56 3.05 -44.79
N ASP E 55 -4.56 2.76 -46.09
CA ASP E 55 -4.91 3.78 -47.08
C ASP E 55 -6.18 4.52 -46.66
N GLU E 56 -7.15 3.79 -46.12
CA GLU E 56 -8.44 4.38 -45.80
C GLU E 56 -8.37 5.21 -44.52
N PHE E 57 -7.61 4.74 -43.54
CA PHE E 57 -7.47 5.50 -42.30
C PHE E 57 -6.70 6.79 -42.51
N ALA E 58 -5.72 6.78 -43.42
CA ALA E 58 -4.97 7.99 -43.71
C ALA E 58 -5.89 9.05 -44.30
N GLU E 59 -6.76 8.66 -45.22
CA GLU E 59 -7.59 9.64 -45.91
C GLU E 59 -8.74 10.12 -45.03
N GLN E 60 -8.96 9.47 -43.89
CA GLN E 60 -9.87 9.98 -42.89
C GLN E 60 -9.21 11.08 -42.08
N PHE E 61 -7.90 11.24 -42.26
CA PHE E 61 -7.10 12.30 -41.64
C PHE E 61 -6.49 13.21 -42.69
N GLY E 62 -7.07 13.24 -43.90
CA GLY E 62 -6.58 14.10 -44.96
C GLY E 62 -5.22 13.73 -45.49
N SER E 63 -4.76 12.51 -45.24
CA SER E 63 -3.43 12.08 -45.62
C SER E 63 -3.49 10.87 -46.55
N LYS E 64 -2.52 10.81 -47.45
CA LYS E 64 -2.23 9.62 -48.23
C LYS E 64 -0.86 9.05 -47.91
N LEU E 65 -0.08 9.74 -47.08
CA LEU E 65 1.30 9.35 -46.86
C LEU E 65 1.33 8.00 -46.17
N VAL E 66 1.36 6.94 -46.96
CA VAL E 66 1.23 5.57 -46.50
C VAL E 66 2.29 4.74 -47.20
N PHE E 67 3.23 4.20 -46.44
CA PHE E 67 4.36 3.53 -47.05
C PHE E 67 4.48 2.11 -46.50
N PRO E 68 4.91 1.16 -47.33
CA PRO E 68 5.07 -0.21 -46.83
C PRO E 68 6.25 -0.30 -45.88
N CYS E 69 6.02 -0.92 -44.73
CA CYS E 69 7.09 -1.07 -43.74
C CYS E 69 6.78 -2.29 -42.87
N ASP E 70 7.42 -3.40 -43.20
CA ASP E 70 7.52 -4.54 -42.30
C ASP E 70 8.85 -4.43 -41.57
N VAL E 71 8.80 -4.29 -40.24
CA VAL E 71 10.01 -3.99 -39.49
C VAL E 71 10.93 -5.18 -39.33
N ALA E 72 10.57 -6.33 -39.90
CA ALA E 72 11.48 -7.47 -39.88
C ALA E 72 12.59 -7.33 -40.93
N VAL E 73 12.34 -6.57 -41.99
CA VAL E 73 13.29 -6.40 -43.09
C VAL E 73 14.00 -5.06 -42.92
N ASP E 74 15.33 -5.09 -42.93
CA ASP E 74 16.12 -3.87 -42.79
C ASP E 74 15.79 -2.89 -43.91
N ALA E 75 15.79 -3.37 -45.16
CA ALA E 75 15.58 -2.49 -46.31
C ALA E 75 14.25 -1.76 -46.20
N GLU E 76 13.17 -2.48 -45.91
CA GLU E 76 11.84 -1.88 -45.84
C GLU E 76 11.83 -0.66 -44.93
N ILE E 77 12.61 -0.69 -43.85
CA ILE E 77 12.66 0.43 -42.92
C ILE E 77 13.26 1.65 -43.59
N ASP E 78 14.51 1.53 -44.06
CA ASP E 78 15.18 2.67 -44.66
C ASP E 78 14.43 3.14 -45.91
N ASN E 79 13.93 2.20 -46.71
CA ASN E 79 13.16 2.59 -47.89
C ASN E 79 11.93 3.41 -47.49
N ALA E 80 11.23 2.97 -46.44
CA ALA E 80 10.06 3.73 -46.00
C ALA E 80 10.43 5.15 -45.62
N PHE E 81 11.61 5.31 -45.00
CA PHE E 81 12.09 6.65 -44.67
C PHE E 81 12.77 7.32 -45.84
N ALA E 82 13.29 6.54 -46.78
CA ALA E 82 13.73 7.12 -48.05
C ALA E 82 12.56 7.68 -48.82
N GLU E 83 11.44 6.97 -48.84
CA GLU E 83 10.25 7.45 -49.52
C GLU E 83 9.84 8.81 -48.94
N LEU E 84 9.57 8.85 -47.63
CA LEU E 84 9.14 10.09 -46.91
C LEU E 84 10.22 11.15 -46.82
N ALA E 85 11.47 10.82 -47.08
CA ALA E 85 12.38 11.92 -47.28
C ALA E 85 11.88 12.77 -48.43
N LYS E 86 11.35 12.09 -49.46
CA LYS E 86 10.85 12.73 -50.67
C LYS E 86 9.69 13.69 -50.38
N HIS E 87 8.78 13.34 -49.48
CA HIS E 87 7.58 14.18 -49.33
C HIS E 87 7.72 15.28 -48.29
N TRP E 88 8.45 15.02 -47.21
CA TRP E 88 8.56 15.97 -46.11
C TRP E 88 9.98 16.47 -45.96
N ASP E 89 10.12 17.78 -45.78
CA ASP E 89 11.42 18.35 -45.46
C ASP E 89 12.00 17.69 -44.22
N GLY E 90 11.26 17.71 -43.12
CA GLY E 90 11.70 17.08 -41.88
C GLY E 90 10.53 16.45 -41.16
N VAL E 91 10.68 16.16 -39.87
CA VAL E 91 9.61 15.54 -39.11
C VAL E 91 9.74 15.97 -37.66
N ASP E 92 8.59 16.26 -37.03
CA ASP E 92 8.54 16.68 -35.65
C ASP E 92 8.33 15.53 -34.67
N GLY E 93 8.26 14.30 -35.17
CA GLY E 93 8.06 13.18 -34.28
C GLY E 93 7.70 11.90 -34.99
N VAL E 94 8.08 10.77 -34.39
CA VAL E 94 7.78 9.45 -34.92
C VAL E 94 7.15 8.64 -33.79
N VAL E 95 6.00 8.04 -34.07
CA VAL E 95 5.22 7.29 -33.08
C VAL E 95 5.38 5.81 -33.37
N HIS E 96 5.87 5.06 -32.39
CA HIS E 96 6.12 3.62 -32.51
C HIS E 96 5.11 2.87 -31.65
N SER E 97 4.16 2.21 -32.30
CA SER E 97 3.09 1.48 -31.63
C SER E 97 3.02 0.05 -32.15
N ILE E 98 4.16 -0.65 -32.11
CA ILE E 98 4.30 -1.97 -32.71
C ILE E 98 4.79 -2.95 -31.66
N GLY E 99 4.12 -4.10 -31.55
CA GLY E 99 4.58 -5.18 -30.71
C GLY E 99 3.99 -6.49 -31.21
N PHE E 100 4.76 -7.57 -31.06
CA PHE E 100 4.30 -8.85 -31.58
C PHE E 100 5.15 -9.97 -31.04
N ALA E 101 4.52 -11.10 -30.73
CA ALA E 101 5.19 -12.33 -30.36
C ALA E 101 4.34 -13.51 -30.76
N PRO E 102 4.95 -14.65 -31.07
CA PRO E 102 4.20 -15.86 -31.45
C PRO E 102 3.17 -16.28 -30.42
N ALA E 103 1.90 -16.04 -30.73
CA ALA E 103 0.76 -16.48 -29.93
C ALA E 103 1.08 -17.58 -28.91
N HIS E 104 1.80 -18.62 -29.34
CA HIS E 104 2.05 -19.76 -28.45
C HIS E 104 2.93 -19.37 -27.27
N THR E 105 3.83 -18.41 -27.45
CA THR E 105 4.65 -17.93 -26.35
C THR E 105 3.87 -17.13 -25.32
N LEU E 106 2.63 -16.75 -25.62
CA LEU E 106 1.81 -15.96 -24.71
C LEU E 106 0.63 -16.75 -24.16
N ASP E 107 0.71 -18.08 -24.16
CA ASP E 107 -0.41 -18.93 -23.75
C ASP E 107 0.18 -20.17 -23.09
N GLY E 108 0.33 -20.11 -21.77
CA GLY E 108 0.81 -21.21 -20.97
C GLY E 108 1.94 -20.77 -20.05
N ASP E 109 2.50 -21.75 -19.36
CA ASP E 109 3.63 -21.49 -18.47
C ASP E 109 4.75 -20.80 -19.22
N PHE E 110 5.34 -19.78 -18.58
CA PHE E 110 6.44 -19.05 -19.20
C PHE E 110 7.58 -19.98 -19.58
N THR E 111 8.01 -20.84 -18.66
CA THR E 111 9.15 -21.72 -18.94
C THR E 111 8.84 -22.64 -20.11
N ASP E 112 7.67 -23.29 -20.09
CA ASP E 112 7.39 -24.34 -21.05
C ASP E 112 7.28 -23.81 -22.48
N VAL E 113 6.67 -22.63 -22.66
CA VAL E 113 6.26 -22.19 -24.00
C VAL E 113 7.22 -21.19 -24.62
N THR E 114 8.26 -20.76 -23.90
CA THR E 114 9.18 -19.74 -24.40
C THR E 114 10.33 -20.41 -25.13
N ASP E 115 10.21 -20.56 -26.44
CA ASP E 115 11.30 -21.10 -27.24
C ASP E 115 12.23 -19.98 -27.69
N ARG E 116 13.36 -20.38 -28.26
CA ARG E 116 14.36 -19.40 -28.67
C ARG E 116 13.83 -18.50 -29.78
N ASP E 117 13.21 -19.11 -30.80
CA ASP E 117 12.67 -18.33 -31.89
C ASP E 117 11.61 -17.35 -31.38
N GLY E 118 10.55 -17.87 -30.77
CA GLY E 118 9.51 -16.99 -30.24
C GLY E 118 10.11 -15.87 -29.42
N PHE E 119 11.21 -16.13 -28.73
CA PHE E 119 11.95 -15.07 -28.07
C PHE E 119 12.57 -14.13 -29.10
N LYS E 120 13.24 -14.68 -30.11
CA LYS E 120 13.88 -13.85 -31.13
C LYS E 120 12.89 -12.91 -31.79
N ILE E 121 11.80 -13.46 -32.35
CA ILE E 121 10.81 -12.61 -33.01
C ILE E 121 10.24 -11.59 -32.03
N ALA E 122 9.88 -12.05 -30.82
CA ALA E 122 9.33 -11.15 -29.82
C ALA E 122 10.20 -9.92 -29.65
N HIS E 123 11.48 -10.12 -29.32
CA HIS E 123 12.37 -8.98 -29.10
C HIS E 123 12.66 -8.24 -30.40
N ASP E 124 12.71 -8.95 -31.52
CA ASP E 124 13.01 -8.31 -32.80
C ASP E 124 11.91 -7.34 -33.18
N ILE E 125 10.68 -7.84 -33.31
CA ILE E 125 9.58 -6.99 -33.79
C ILE E 125 9.26 -5.90 -32.78
N SER E 126 9.34 -6.22 -31.49
CA SER E 126 8.80 -5.35 -30.45
C SER E 126 9.84 -4.43 -29.82
N ALA E 127 11.13 -4.76 -29.90
CA ALA E 127 12.16 -3.98 -29.23
C ALA E 127 13.15 -3.35 -30.21
N TYR E 128 13.83 -4.15 -31.03
CA TYR E 128 14.82 -3.59 -31.95
C TYR E 128 14.19 -2.61 -32.93
N SER E 129 12.99 -2.93 -33.42
CA SER E 129 12.34 -2.10 -34.43
C SER E 129 12.41 -0.61 -34.08
N PHE E 130 12.09 -0.26 -32.83
CA PHE E 130 12.14 1.15 -32.43
C PHE E 130 13.52 1.74 -32.65
N VAL E 131 14.57 1.00 -32.27
CA VAL E 131 15.93 1.53 -32.42
C VAL E 131 16.29 1.67 -33.90
N ALA E 132 15.88 0.69 -34.72
CA ALA E 132 16.16 0.79 -36.15
C ALA E 132 15.41 1.97 -36.75
N MET E 133 14.10 2.03 -36.55
CA MET E 133 13.32 3.19 -36.99
C MET E 133 13.95 4.48 -36.51
N ALA E 134 14.33 4.53 -35.22
CA ALA E 134 14.97 5.72 -34.68
C ALA E 134 16.17 6.13 -35.52
N ARG E 135 16.98 5.16 -35.95
CA ARG E 135 18.14 5.47 -36.77
C ARG E 135 17.71 6.00 -38.13
N ALA E 136 16.90 5.22 -38.86
CA ALA E 136 16.42 5.65 -40.16
C ALA E 136 15.68 6.98 -40.12
N ALA E 137 15.17 7.37 -38.94
CA ALA E 137 14.43 8.62 -38.80
C ALA E 137 15.29 9.78 -38.31
N LYS E 138 16.52 9.52 -37.88
CA LYS E 138 17.36 10.57 -37.31
C LYS E 138 17.51 11.78 -38.21
N PRO E 139 17.88 11.65 -39.49
CA PRO E 139 18.05 12.85 -40.32
C PRO E 139 16.82 13.72 -40.37
N LEU E 140 15.69 13.14 -40.79
CA LEU E 140 14.45 13.91 -40.86
C LEU E 140 14.04 14.46 -39.51
N LEU E 141 14.44 13.79 -38.42
CA LEU E 141 14.08 14.29 -37.11
C LEU E 141 14.99 15.42 -36.67
N GLN E 142 16.25 15.41 -37.14
CA GLN E 142 17.15 16.51 -36.86
C GLN E 142 16.68 17.79 -37.52
N ALA E 143 16.15 17.67 -38.75
CA ALA E 143 15.66 18.85 -39.47
C ALA E 143 14.79 19.72 -38.59
N ARG E 144 13.84 19.11 -37.88
CA ARG E 144 12.92 19.86 -37.04
C ARG E 144 13.05 19.47 -35.58
N GLN E 145 14.02 18.63 -35.24
CA GLN E 145 14.23 18.14 -33.88
C GLN E 145 12.92 17.69 -33.23
N GLY E 146 12.20 16.84 -33.97
CA GLY E 146 11.00 16.24 -33.43
C GLY E 146 11.35 15.30 -32.30
N CYS E 147 10.43 14.40 -31.94
CA CYS E 147 10.64 13.50 -30.81
C CYS E 147 10.25 12.09 -31.23
N LEU E 148 10.64 11.12 -30.41
CA LEU E 148 10.30 9.73 -30.61
C LEU E 148 9.45 9.23 -29.46
N LEU E 149 8.52 8.32 -29.76
CA LEU E 149 7.60 7.80 -28.77
C LEU E 149 7.25 6.35 -29.10
N THR E 150 7.21 5.52 -28.07
CA THR E 150 6.80 4.13 -28.19
C THR E 150 5.76 3.81 -27.13
N LEU E 151 5.13 2.65 -27.29
CA LEU E 151 4.13 2.16 -26.35
C LEU E 151 4.68 0.94 -25.64
N THR E 152 4.70 0.98 -24.32
CA THR E 152 5.18 -0.13 -23.50
C THR E 152 4.06 -0.58 -22.57
N TYR E 153 4.39 -1.54 -21.72
CA TYR E 153 3.42 -2.12 -20.80
C TYR E 153 4.16 -2.50 -19.54
N GLN E 154 3.51 -2.31 -18.39
CA GLN E 154 4.18 -2.52 -17.12
C GLN E 154 4.42 -3.99 -16.82
N GLY E 155 4.09 -4.89 -17.75
CA GLY E 155 4.54 -6.26 -17.63
C GLY E 155 6.05 -6.35 -17.65
N SER E 156 6.74 -5.28 -18.06
CA SER E 156 8.20 -5.28 -17.98
C SER E 156 8.68 -5.21 -16.54
N GLU E 157 8.01 -4.47 -15.68
CA GLU E 157 8.47 -4.68 -14.34
C GLU E 157 7.76 -5.74 -13.55
N ARG E 158 6.53 -6.07 -13.87
CA ARG E 158 5.82 -6.94 -12.97
C ARG E 158 5.24 -8.07 -13.77
N VAL E 159 5.12 -9.20 -13.09
CA VAL E 159 4.74 -10.44 -13.77
C VAL E 159 3.25 -10.38 -14.00
N MET E 160 2.85 -10.47 -15.25
CA MET E 160 1.49 -10.67 -15.67
C MET E 160 1.33 -12.07 -16.24
N PRO E 161 0.26 -12.77 -15.89
CA PRO E 161 0.09 -14.14 -16.41
C PRO E 161 -0.13 -14.11 -17.92
N ASN E 162 0.59 -15.00 -18.61
CA ASN E 162 0.49 -15.19 -20.05
C ASN E 162 1.12 -14.05 -20.85
N TYR E 163 1.68 -13.03 -20.19
CA TYR E 163 2.41 -11.99 -20.92
C TYR E 163 3.83 -12.45 -21.26
N ASN E 164 4.44 -13.25 -20.39
CA ASN E 164 5.66 -14.00 -20.68
C ASN E 164 6.73 -13.19 -21.41
N VAL E 165 7.20 -13.72 -22.54
CA VAL E 165 8.36 -13.17 -23.22
C VAL E 165 8.12 -11.71 -23.61
N MET E 166 6.86 -11.31 -23.79
CA MET E 166 6.59 -9.91 -24.08
C MET E 166 7.06 -9.00 -22.96
N GLY E 167 7.02 -9.48 -21.71
CA GLY E 167 7.56 -8.69 -20.61
C GLY E 167 9.03 -8.40 -20.78
N MET E 168 9.82 -9.42 -21.11
CA MET E 168 11.25 -9.22 -21.34
C MET E 168 11.48 -8.25 -22.48
N ALA E 169 10.72 -8.39 -23.57
CA ALA E 169 10.87 -7.49 -24.70
C ALA E 169 10.57 -6.05 -24.30
N LYS E 170 9.45 -5.84 -23.60
CA LYS E 170 9.12 -4.49 -23.15
C LYS E 170 10.18 -3.95 -22.21
N ALA E 171 10.76 -4.81 -21.36
CA ALA E 171 11.84 -4.36 -20.50
C ALA E 171 13.04 -3.92 -21.34
N SER E 172 13.34 -4.67 -22.40
CA SER E 172 14.38 -4.23 -23.34
C SER E 172 13.99 -2.92 -24.01
N LEU E 173 12.75 -2.85 -24.51
CA LEU E 173 12.24 -1.60 -25.07
C LEU E 173 12.49 -0.43 -24.15
N GLU E 174 12.06 -0.53 -22.90
CA GLU E 174 12.16 0.60 -21.97
C GLU E 174 13.61 1.01 -21.78
N ALA E 175 14.52 0.04 -21.70
CA ALA E 175 15.94 0.37 -21.64
C ALA E 175 16.38 1.12 -22.90
N GLY E 176 15.85 0.71 -24.05
CA GLY E 176 16.18 1.41 -25.29
C GLY E 176 15.84 2.88 -25.22
N VAL E 177 14.62 3.20 -24.76
CA VAL E 177 14.20 4.60 -24.66
C VAL E 177 15.25 5.42 -23.93
N ARG E 178 15.79 4.89 -22.84
CA ARG E 178 16.78 5.63 -22.06
C ARG E 178 18.07 5.83 -22.86
N TYR E 179 18.53 4.79 -23.54
CA TYR E 179 19.76 4.91 -24.32
C TYR E 179 19.56 5.77 -25.56
N LEU E 180 18.39 5.66 -26.20
CA LEU E 180 18.06 6.55 -27.30
C LEU E 180 18.02 8.00 -26.81
N ALA E 181 17.34 8.23 -25.69
CA ALA E 181 17.23 9.59 -25.16
C ALA E 181 18.60 10.17 -24.86
N SER E 182 19.51 9.35 -24.33
CA SER E 182 20.87 9.82 -24.05
C SER E 182 21.65 9.99 -25.35
N SER E 183 21.46 9.10 -26.31
CA SER E 183 22.14 9.20 -27.59
C SER E 183 21.68 10.42 -28.38
N LEU E 184 20.36 10.57 -28.54
CA LEU E 184 19.79 11.60 -29.39
C LEU E 184 19.51 12.91 -28.66
N GLY E 185 19.63 12.92 -27.32
CA GLY E 185 19.35 14.14 -26.59
C GLY E 185 20.26 15.28 -26.96
N VAL E 186 21.55 14.99 -27.17
CA VAL E 186 22.50 16.05 -27.55
C VAL E 186 22.02 16.76 -28.80
N ASP E 187 21.44 16.01 -29.74
CA ASP E 187 20.89 16.58 -30.96
C ASP E 187 19.49 17.15 -30.76
N GLY E 188 19.04 17.31 -29.51
CA GLY E 188 17.76 17.91 -29.25
C GLY E 188 16.55 17.04 -29.52
N ILE E 189 16.74 15.75 -29.73
CA ILE E 189 15.64 14.82 -30.00
C ILE E 189 15.23 14.15 -28.70
N ARG E 190 13.98 14.33 -28.32
CA ARG E 190 13.47 13.74 -27.09
C ARG E 190 12.93 12.35 -27.38
N VAL E 191 13.14 11.44 -26.44
CA VAL E 191 12.71 10.05 -26.57
C VAL E 191 11.98 9.67 -25.30
N ASN E 192 10.72 9.27 -25.44
CA ASN E 192 9.89 8.92 -24.30
C ASN E 192 8.97 7.77 -24.71
N ALA E 193 8.30 7.19 -23.71
CA ALA E 193 7.38 6.09 -23.94
C ALA E 193 6.18 6.23 -23.03
N ILE E 194 5.08 5.61 -23.44
CA ILE E 194 3.85 5.56 -22.65
C ILE E 194 3.60 4.13 -22.23
N SER E 195 3.45 3.92 -20.92
CA SER E 195 3.04 2.62 -20.38
C SER E 195 1.54 2.68 -20.18
N ALA E 196 0.80 2.14 -21.13
CA ALA E 196 -0.65 2.25 -21.16
C ALA E 196 -1.29 1.10 -20.40
N GLY E 197 -2.39 1.39 -19.71
CA GLY E 197 -3.18 0.33 -19.13
C GLY E 197 -3.62 -0.63 -20.22
N PRO E 198 -4.04 -1.82 -19.83
CA PRO E 198 -4.45 -2.83 -20.82
C PRO E 198 -5.76 -2.43 -21.48
N ILE E 199 -5.87 -2.62 -22.79
CA ILE E 199 -7.11 -2.27 -23.47
C ILE E 199 -7.34 -3.23 -24.64
N ARG E 200 -8.61 -3.53 -24.86
CA ARG E 200 -9.14 -4.35 -25.94
C ARG E 200 -8.87 -3.67 -27.28
N THR E 201 -7.80 -4.10 -27.93
CA THR E 201 -7.42 -3.66 -29.26
C THR E 201 -7.16 -4.92 -30.08
N LEU E 202 -6.62 -4.75 -31.28
CA LEU E 202 -6.28 -5.93 -32.07
C LEU E 202 -5.22 -6.78 -31.39
N ALA E 203 -4.56 -6.25 -30.37
CA ALA E 203 -3.62 -7.00 -29.55
C ALA E 203 -4.29 -7.82 -28.45
N ALA E 204 -5.62 -7.95 -28.47
CA ALA E 204 -6.33 -8.81 -27.53
C ALA E 204 -6.85 -10.09 -28.15
N SER E 205 -6.77 -10.23 -29.47
CA SER E 205 -7.27 -11.42 -30.14
C SER E 205 -6.39 -12.62 -29.82
N GLY E 206 -7.01 -13.72 -29.43
CA GLY E 206 -6.30 -14.93 -29.09
C GLY E 206 -5.88 -15.05 -27.63
N ILE E 207 -6.20 -14.06 -26.81
CA ILE E 207 -5.86 -14.07 -25.39
C ILE E 207 -7.12 -14.45 -24.63
N LYS E 208 -7.14 -15.67 -24.07
CA LYS E 208 -8.35 -16.17 -23.44
C LYS E 208 -8.65 -15.45 -22.14
N SER E 209 -7.62 -15.07 -21.38
CA SER E 209 -7.81 -14.43 -20.08
C SER E 209 -8.18 -12.95 -20.17
N PHE E 210 -8.18 -12.37 -21.37
CA PHE E 210 -8.23 -10.91 -21.50
C PHE E 210 -9.35 -10.31 -20.67
N ARG E 211 -10.58 -10.80 -20.87
CA ARG E 211 -11.73 -10.19 -20.20
C ARG E 211 -11.61 -10.26 -18.68
N LYS E 212 -11.10 -11.37 -18.15
CA LYS E 212 -10.84 -11.43 -16.71
C LYS E 212 -9.75 -10.45 -16.30
N MET E 213 -8.76 -10.26 -17.17
CA MET E 213 -7.75 -9.24 -16.94
C MET E 213 -8.36 -7.84 -16.97
N LEU E 214 -9.23 -7.56 -17.94
CA LEU E 214 -9.87 -6.25 -18.02
C LEU E 214 -10.67 -5.96 -16.76
N ASP E 215 -11.43 -6.94 -16.28
CA ASP E 215 -12.25 -6.73 -15.10
C ASP E 215 -11.41 -6.55 -13.85
N ALA E 216 -10.24 -7.19 -13.80
CA ALA E 216 -9.36 -7.04 -12.64
C ALA E 216 -8.78 -5.63 -12.57
N ASN E 217 -8.23 -5.14 -13.69
CA ASN E 217 -7.70 -3.79 -13.71
C ASN E 217 -8.76 -2.78 -13.31
N GLU E 218 -10.00 -3.01 -13.75
CA GLU E 218 -11.11 -2.14 -13.38
C GLU E 218 -11.33 -2.10 -11.87
N LYS E 219 -11.03 -3.21 -11.18
CA LYS E 219 -11.23 -3.27 -9.74
C LYS E 219 -10.05 -2.73 -8.96
N VAL E 220 -8.84 -2.84 -9.51
CA VAL E 220 -7.63 -2.43 -8.79
C VAL E 220 -7.28 -0.97 -9.04
N ALA E 221 -7.49 -0.49 -10.26
CA ALA E 221 -7.04 0.85 -10.62
C ALA E 221 -7.67 1.88 -9.69
N PRO E 222 -6.88 2.77 -9.09
CA PRO E 222 -7.43 3.79 -8.17
C PRO E 222 -8.70 4.44 -8.70
N LEU E 223 -8.79 4.61 -10.02
CA LEU E 223 -9.95 5.22 -10.64
C LEU E 223 -11.07 4.23 -10.92
N LYS E 224 -10.83 2.93 -10.67
CA LYS E 224 -11.87 1.91 -10.79
C LYS E 224 -12.37 1.79 -12.23
N ARG E 225 -11.48 2.00 -13.18
CA ARG E 225 -11.86 1.92 -14.58
C ARG E 225 -10.62 1.70 -15.42
N ASN E 226 -10.84 1.30 -16.66
CA ASN E 226 -9.77 1.07 -17.63
C ASN E 226 -9.67 2.27 -18.55
N VAL E 227 -8.46 2.58 -18.99
CA VAL E 227 -8.21 3.76 -19.80
C VAL E 227 -8.83 3.56 -21.19
N THR E 228 -8.82 4.62 -21.99
CA THR E 228 -9.27 4.57 -23.37
C THR E 228 -8.17 5.11 -24.28
N ILE E 229 -8.35 4.89 -25.59
CA ILE E 229 -7.41 5.47 -26.54
C ILE E 229 -7.48 6.98 -26.49
N GLU E 230 -8.58 7.55 -25.98
CA GLU E 230 -8.63 9.00 -25.80
C GLU E 230 -7.52 9.45 -24.88
N GLU E 231 -7.46 8.86 -23.69
CA GLU E 231 -6.47 9.24 -22.70
C GLU E 231 -5.05 8.89 -23.15
N VAL E 232 -4.88 7.77 -23.86
CA VAL E 232 -3.56 7.45 -24.39
C VAL E 232 -3.17 8.39 -25.53
N GLY E 233 -4.08 8.60 -26.47
CA GLY E 233 -3.82 9.56 -27.54
C GLY E 233 -3.49 10.94 -27.01
N ASN E 234 -4.32 11.45 -26.09
CA ASN E 234 -4.11 12.78 -25.54
C ASN E 234 -2.76 12.90 -24.85
N ALA E 235 -2.36 11.87 -24.10
CA ALA E 235 -1.09 11.95 -23.36
C ALA E 235 0.10 11.98 -24.30
N ALA E 236 0.13 11.07 -25.27
CA ALA E 236 1.21 11.09 -26.25
C ALA E 236 1.21 12.40 -27.02
N LEU E 237 0.04 12.95 -27.29
CA LEU E 237 -0.04 14.26 -27.94
C LEU E 237 0.83 15.26 -27.17
N PHE E 238 0.71 15.26 -25.84
CA PHE E 238 1.57 16.10 -25.02
C PHE E 238 3.03 15.78 -25.27
N LEU E 239 3.37 14.49 -25.24
CA LEU E 239 4.77 14.09 -25.36
C LEU E 239 5.34 14.46 -26.72
N CYS E 240 4.49 14.55 -27.74
CA CYS E 240 4.89 14.98 -29.07
C CYS E 240 4.78 16.49 -29.23
N SER E 241 4.68 17.23 -28.14
CA SER E 241 4.38 18.65 -28.16
C SER E 241 5.46 19.45 -27.44
N PRO E 242 5.56 20.75 -27.74
CA PRO E 242 6.56 21.58 -27.02
C PRO E 242 6.30 21.69 -25.53
N TRP E 243 5.09 21.39 -25.06
CA TRP E 243 4.85 21.40 -23.62
C TRP E 243 5.72 20.36 -22.91
N ALA E 244 6.09 19.30 -23.61
CA ALA E 244 6.95 18.24 -23.07
C ALA E 244 8.42 18.44 -23.43
N SER E 245 8.84 19.67 -23.70
CA SER E 245 10.21 19.92 -24.13
C SER E 245 11.23 19.62 -23.03
N GLY E 246 10.82 19.61 -21.75
CA GLY E 246 11.71 19.32 -20.66
C GLY E 246 11.76 17.87 -20.20
N ILE E 247 11.20 16.95 -20.99
CA ILE E 247 11.07 15.54 -20.60
C ILE E 247 11.65 14.69 -21.71
N THR E 248 12.60 13.83 -21.35
CA THR E 248 13.12 12.84 -22.29
C THR E 248 13.45 11.58 -21.51
N GLY E 249 13.40 10.45 -22.21
CA GLY E 249 13.65 9.17 -21.56
C GLY E 249 12.67 8.84 -20.46
N GLU E 250 11.45 9.37 -20.54
CA GLU E 250 10.45 9.18 -19.51
C GLU E 250 9.46 8.09 -19.93
N ILE E 251 9.08 7.27 -18.96
CA ILE E 251 8.03 6.26 -19.15
C ILE E 251 6.81 6.77 -18.40
N LEU E 252 5.84 7.30 -19.14
CA LEU E 252 4.63 7.86 -18.55
C LEU E 252 3.56 6.79 -18.45
N TYR E 253 3.05 6.57 -17.24
CA TYR E 253 2.04 5.54 -17.00
C TYR E 253 0.64 6.12 -17.18
N VAL E 254 -0.09 5.56 -18.13
CA VAL E 254 -1.49 5.91 -18.36
C VAL E 254 -2.34 4.68 -18.08
N ASP E 255 -2.52 4.36 -16.81
CA ASP E 255 -3.21 3.15 -16.40
C ASP E 255 -4.23 3.41 -15.29
N ALA E 256 -4.71 4.64 -15.17
CA ALA E 256 -5.59 5.01 -14.08
C ALA E 256 -4.95 4.74 -12.72
N GLY E 257 -3.62 4.81 -12.66
CA GLY E 257 -2.92 4.59 -11.42
C GLY E 257 -2.79 3.14 -10.99
N PHE E 258 -3.21 2.19 -11.83
CA PHE E 258 -3.13 0.78 -11.47
C PHE E 258 -1.75 0.42 -10.91
N ASN E 259 -0.68 0.90 -11.56
CA ASN E 259 0.68 0.52 -11.18
C ASN E 259 1.02 0.86 -9.73
N THR E 260 0.26 1.73 -9.07
CA THR E 260 0.63 2.23 -7.75
C THR E 260 0.08 1.38 -6.61
N VAL E 261 -0.74 0.39 -6.90
CA VAL E 261 -1.43 -0.42 -5.91
C VAL E 261 -0.64 -1.69 -5.62
N GLY E 262 -0.48 -2.01 -4.34
CA GLY E 262 0.12 -3.28 -3.97
C GLY E 262 -0.96 -4.32 -4.14
N MET E 263 -2.18 -3.87 -3.84
CA MET E 263 -3.42 -4.57 -4.13
C MET E 263 -4.50 -4.01 -3.22
N SER E 264 -5.70 -3.89 -3.77
CA SER E 264 -6.85 -3.28 -3.13
C SER E 264 -7.61 -4.30 -2.32
N GLN E 265 -8.62 -3.82 -1.59
CA GLN E 265 -9.58 -4.69 -0.92
C GLN E 265 -9.87 -5.91 -1.76
N SER E 266 -9.69 -7.08 -1.15
CA SER E 266 -9.58 -8.38 -1.83
C SER E 266 -9.88 -8.35 -3.33
N GLN F 7 32.94 -21.44 16.78
CA GLN F 7 33.51 -20.52 15.81
C GLN F 7 32.61 -20.38 14.58
N GLY F 8 31.65 -19.47 14.66
CA GLY F 8 30.74 -19.20 13.57
C GLY F 8 31.17 -18.00 12.74
N LEU F 9 30.32 -17.65 11.77
CA LEU F 9 30.64 -16.55 10.87
C LEU F 9 30.89 -15.25 11.64
N LEU F 10 30.11 -15.01 12.69
CA LEU F 10 30.23 -13.79 13.50
C LEU F 10 31.05 -14.03 14.77
N ALA F 11 32.12 -14.81 14.68
CA ALA F 11 32.99 -15.04 15.83
C ALA F 11 33.61 -13.73 16.29
N GLY F 12 33.33 -13.35 17.54
CA GLY F 12 33.92 -12.16 18.10
C GLY F 12 33.26 -10.86 17.68
N LYS F 13 32.21 -10.92 16.88
CA LYS F 13 31.51 -9.72 16.45
C LYS F 13 30.40 -9.36 17.42
N ARG F 14 30.16 -8.06 17.57
CA ARG F 14 29.15 -7.55 18.48
C ARG F 14 28.09 -6.78 17.69
N PHE F 15 26.86 -6.78 18.22
CA PHE F 15 25.75 -6.13 17.53
C PHE F 15 24.74 -5.62 18.54
N LEU F 16 24.23 -4.41 18.30
CA LEU F 16 23.14 -3.84 19.09
C LEU F 16 21.83 -4.06 18.37
N ILE F 17 20.83 -4.58 19.10
CA ILE F 17 19.53 -4.90 18.53
C ILE F 17 18.48 -4.07 19.28
N ALA F 18 17.90 -3.10 18.58
CA ALA F 18 16.78 -2.33 19.10
C ALA F 18 15.49 -2.82 18.46
N GLY F 19 14.49 -3.12 19.28
CA GLY F 19 13.17 -3.41 18.76
C GLY F 19 12.62 -4.77 19.10
N VAL F 20 13.23 -5.46 20.06
CA VAL F 20 12.70 -6.74 20.52
C VAL F 20 11.56 -6.46 21.49
N ALA F 21 10.33 -6.76 21.07
CA ALA F 21 9.15 -6.65 21.93
C ALA F 21 8.63 -7.98 22.40
N SER F 22 8.85 -9.05 21.63
CA SER F 22 8.40 -10.39 22.02
C SER F 22 9.18 -11.40 21.22
N LYS F 23 8.99 -12.67 21.58
CA LYS F 23 9.60 -13.74 20.79
C LYS F 23 9.18 -13.70 19.33
N LEU F 24 8.18 -12.88 18.97
CA LEU F 24 7.69 -12.77 17.59
C LEU F 24 8.22 -11.57 16.78
N SER F 25 8.68 -10.47 17.41
CA SER F 25 9.20 -9.29 16.69
C SER F 25 10.22 -9.73 15.65
N ILE F 26 10.34 -8.95 14.59
CA ILE F 26 11.39 -9.22 13.61
C ILE F 26 12.77 -9.15 14.27
N ALA F 27 12.98 -8.24 15.23
CA ALA F 27 14.29 -8.17 15.87
C ALA F 27 14.70 -9.49 16.52
N TYR F 28 13.74 -10.26 17.04
CA TYR F 28 14.07 -11.52 17.71
C TYR F 28 14.66 -12.54 16.75
N GLY F 29 14.01 -12.73 15.60
CA GLY F 29 14.55 -13.64 14.60
C GLY F 29 15.93 -13.23 14.14
N ILE F 30 16.18 -11.91 14.05
CA ILE F 30 17.51 -11.42 13.73
C ILE F 30 18.49 -11.82 14.82
N ALA F 31 18.20 -11.43 16.07
CA ALA F 31 19.06 -11.79 17.19
C ALA F 31 19.38 -13.28 17.21
N GLN F 32 18.36 -14.13 17.05
CA GLN F 32 18.61 -15.56 17.08
C GLN F 32 19.58 -15.98 15.99
N ALA F 33 19.41 -15.45 14.78
CA ALA F 33 20.31 -15.82 13.69
C ALA F 33 21.72 -15.31 13.96
N LEU F 34 21.85 -14.07 14.44
CA LEU F 34 23.16 -13.54 14.77
C LEU F 34 23.83 -14.37 15.87
N HIS F 35 23.11 -14.60 16.97
CA HIS F 35 23.67 -15.41 18.05
C HIS F 35 24.01 -16.81 17.57
N ARG F 36 23.12 -17.40 16.78
CA ARG F 36 23.37 -18.73 16.23
C ARG F 36 24.75 -18.82 15.58
N GLU F 37 25.26 -17.70 15.08
CA GLU F 37 26.54 -17.67 14.38
C GLU F 37 27.68 -17.12 15.23
N GLY F 38 27.43 -16.90 16.52
CA GLY F 38 28.49 -16.57 17.45
C GLY F 38 28.61 -15.11 17.84
N ALA F 39 27.69 -14.25 17.40
CA ALA F 39 27.77 -12.84 17.74
C ALA F 39 27.42 -12.62 19.21
N GLU F 40 28.00 -11.57 19.78
CA GLU F 40 27.60 -11.11 21.10
C GLU F 40 26.56 -10.00 20.94
N LEU F 41 25.57 -10.00 21.82
CA LEU F 41 24.37 -9.21 21.60
C LEU F 41 24.14 -8.18 22.70
N ALA F 42 23.49 -7.09 22.32
CA ALA F 42 23.03 -6.05 23.23
C ALA F 42 21.63 -5.62 22.78
N PHE F 43 20.84 -5.11 23.72
CA PHE F 43 19.43 -4.87 23.46
C PHE F 43 18.99 -3.57 24.13
N THR F 44 18.01 -2.91 23.51
CA THR F 44 17.35 -1.75 24.08
C THR F 44 15.88 -2.07 24.33
N TYR F 45 15.27 -1.30 25.24
CA TYR F 45 13.86 -1.38 25.52
C TYR F 45 13.35 0.10 25.62
N PRO F 46 12.12 0.29 25.18
CA PRO F 46 11.64 1.71 25.03
C PRO F 46 11.27 2.46 26.30
N ASN F 47 11.41 1.87 27.49
CA ASN F 47 10.13 1.57 28.11
C ASN F 47 10.18 0.39 29.06
N GLU F 48 10.05 0.63 30.35
CA GLU F 48 10.34 -0.40 31.33
C GLU F 48 9.17 -1.34 31.60
N LYS F 49 7.97 -1.01 31.13
CA LYS F 49 6.94 -2.01 30.88
C LYS F 49 7.61 -3.20 30.22
N LEU F 50 8.57 -2.90 29.33
CA LEU F 50 9.29 -3.89 28.56
C LEU F 50 10.63 -4.30 29.17
N LYS F 51 11.14 -3.56 30.16
CA LYS F 51 12.48 -3.82 30.70
C LYS F 51 12.64 -5.28 31.12
N LYS F 52 11.80 -5.74 32.05
CA LYS F 52 11.96 -7.08 32.58
C LYS F 52 11.93 -8.12 31.47
N ARG F 53 11.03 -7.96 30.50
CA ARG F 53 10.91 -8.96 29.46
C ARG F 53 12.12 -8.94 28.54
N VAL F 54 12.63 -7.75 28.22
CA VAL F 54 13.83 -7.63 27.37
C VAL F 54 15.09 -8.02 28.15
N ASP F 55 15.20 -7.56 29.40
CA ASP F 55 16.44 -7.70 30.18
C ASP F 55 17.12 -9.05 30.06
N GLU F 56 16.37 -10.12 30.29
CA GLU F 56 16.90 -11.47 30.27
C GLU F 56 16.02 -12.35 29.39
N PHE F 57 15.22 -11.70 28.54
CA PHE F 57 15.12 -12.03 27.13
C PHE F 57 16.50 -11.96 26.49
N ALA F 58 17.32 -11.03 26.97
CA ALA F 58 18.72 -11.00 26.59
C ALA F 58 19.40 -12.28 27.05
N GLU F 59 18.93 -12.84 28.16
CA GLU F 59 19.66 -13.94 28.75
C GLU F 59 19.41 -15.29 28.04
N GLN F 60 18.50 -15.42 27.02
CA GLN F 60 18.98 -16.49 26.11
C GLN F 60 20.19 -16.11 25.31
N PHE F 61 20.65 -14.90 25.28
CA PHE F 61 21.64 -14.75 24.23
C PHE F 61 23.01 -14.53 24.82
N GLY F 62 23.18 -14.98 26.07
CA GLY F 62 24.46 -14.82 26.72
C GLY F 62 24.72 -13.39 27.04
N SER F 63 23.68 -12.57 27.06
CA SER F 63 23.82 -11.14 27.25
C SER F 63 23.07 -10.69 28.50
N LYS F 64 23.66 -9.71 29.17
CA LYS F 64 23.00 -8.94 30.22
C LYS F 64 22.90 -7.47 29.86
N LEU F 65 23.51 -7.05 28.76
CA LEU F 65 23.60 -5.65 28.36
C LEU F 65 22.23 -5.17 27.89
N VAL F 66 21.48 -4.54 28.79
CA VAL F 66 20.10 -4.15 28.53
C VAL F 66 19.93 -2.70 28.98
N PHE F 67 19.64 -1.81 28.02
CA PHE F 67 19.63 -0.39 28.26
C PHE F 67 18.30 0.24 27.87
N PRO F 68 17.86 1.25 28.60
CA PRO F 68 16.61 1.95 28.23
C PRO F 68 16.82 2.82 27.01
N CYS F 69 15.89 2.74 26.06
CA CYS F 69 15.99 3.55 24.85
C CYS F 69 14.58 3.78 24.30
N ASP F 70 14.01 4.94 24.62
CA ASP F 70 12.84 5.46 23.92
C ASP F 70 13.32 6.45 22.86
N VAL F 71 13.05 6.14 21.60
CA VAL F 71 13.62 6.93 20.50
C VAL F 71 12.92 8.27 20.32
N ALA F 72 11.92 8.57 21.13
CA ALA F 72 11.29 9.89 21.08
C ALA F 72 12.12 10.94 21.78
N VAL F 73 12.95 10.54 22.74
CA VAL F 73 13.76 11.46 23.54
C VAL F 73 15.18 11.46 23.00
N ASP F 74 15.70 12.65 22.68
CA ASP F 74 17.07 12.76 22.19
C ASP F 74 18.07 12.20 23.20
N ALA F 75 17.91 12.58 24.47
CA ALA F 75 18.87 12.16 25.49
C ALA F 75 18.96 10.64 25.59
N GLU F 76 17.80 9.97 25.65
CA GLU F 76 17.79 8.52 25.79
C GLU F 76 18.65 7.84 24.73
N ILE F 77 18.71 8.41 23.53
CA ILE F 77 19.52 7.82 22.46
C ILE F 77 21.00 7.89 22.81
N ASP F 78 21.53 9.11 22.96
CA ASP F 78 22.95 9.29 23.22
C ASP F 78 23.36 8.62 24.53
N ASN F 79 22.54 8.74 25.57
CA ASN F 79 22.84 8.08 26.83
C ASN F 79 22.97 6.58 26.65
N ALA F 80 22.05 5.98 25.89
CA ALA F 80 22.12 4.55 25.66
C ALA F 80 23.42 4.16 24.96
N PHE F 81 23.92 5.02 24.07
CA PHE F 81 25.17 4.74 23.39
C PHE F 81 26.39 5.15 24.20
N ALA F 82 26.25 6.15 25.07
CA ALA F 82 27.33 6.44 26.01
C ALA F 82 27.44 5.34 27.04
N GLU F 83 26.30 4.91 27.60
CA GLU F 83 26.30 3.77 28.51
C GLU F 83 26.87 2.54 27.81
N LEU F 84 26.32 2.21 26.64
CA LEU F 84 26.83 1.06 25.90
C LEU F 84 28.29 1.27 25.52
N ALA F 85 28.72 2.53 25.39
CA ALA F 85 30.13 2.81 25.19
C ALA F 85 30.96 2.34 26.37
N LYS F 86 30.44 2.51 27.58
CA LYS F 86 31.20 2.16 28.79
C LYS F 86 31.68 0.72 28.75
N HIS F 87 30.87 -0.20 28.22
CA HIS F 87 31.25 -1.60 28.24
C HIS F 87 32.01 -2.06 27.01
N TRP F 88 31.66 -1.53 25.84
CA TRP F 88 32.19 -2.02 24.57
C TRP F 88 33.06 -0.98 23.87
N ASP F 89 34.16 -1.45 23.30
CA ASP F 89 34.95 -0.61 22.41
C ASP F 89 34.06 -0.06 21.32
N GLY F 90 33.62 -0.95 20.42
CA GLY F 90 32.79 -0.56 19.31
C GLY F 90 31.79 -1.66 19.00
N VAL F 91 31.22 -1.62 17.80
CA VAL F 91 30.21 -2.59 17.39
C VAL F 91 30.30 -2.77 15.88
N ASP F 92 30.11 -4.00 15.42
CA ASP F 92 30.18 -4.30 14.00
C ASP F 92 28.83 -4.14 13.31
N GLY F 93 27.80 -3.72 14.05
CA GLY F 93 26.50 -3.49 13.47
C GLY F 93 25.47 -3.01 14.46
N VAL F 94 24.53 -2.20 13.98
CA VAL F 94 23.38 -1.77 14.77
C VAL F 94 22.13 -2.12 13.99
N VAL F 95 21.20 -2.82 14.64
CA VAL F 95 19.99 -3.32 14.00
C VAL F 95 18.82 -2.46 14.44
N HIS F 96 18.14 -1.83 13.48
CA HIS F 96 17.00 -0.96 13.73
C HIS F 96 15.73 -1.66 13.30
N SER F 97 14.92 -2.09 14.27
CA SER F 97 13.68 -2.82 14.05
C SER F 97 12.52 -2.13 14.76
N ILE F 98 12.36 -0.82 14.51
CA ILE F 98 11.42 0.02 15.24
C ILE F 98 10.51 0.74 14.25
N GLY F 99 9.20 0.67 14.49
CA GLY F 99 8.24 1.46 13.75
C GLY F 99 6.97 1.63 14.55
N PHE F 100 6.32 2.77 14.36
CA PHE F 100 5.10 3.04 15.14
C PHE F 100 4.36 4.23 14.55
N ALA F 101 3.03 4.15 14.58
CA ALA F 101 2.14 5.25 14.23
C ALA F 101 0.86 5.11 15.03
N PRO F 102 0.19 6.22 15.35
CA PRO F 102 -1.08 6.16 16.10
C PRO F 102 -2.13 5.32 15.41
N ALA F 103 -2.38 4.14 15.96
CA ALA F 103 -3.42 3.21 15.53
C ALA F 103 -4.50 3.84 14.63
N HIS F 104 -5.02 5.00 15.03
CA HIS F 104 -6.12 5.61 14.28
C HIS F 104 -5.71 6.00 12.87
N THR F 105 -4.45 6.39 12.67
CA THR F 105 -3.96 6.71 11.34
C THR F 105 -3.84 5.49 10.44
N LEU F 106 -3.95 4.29 10.99
CA LEU F 106 -3.82 3.06 10.22
C LEU F 106 -5.13 2.30 10.10
N ASP F 107 -6.27 2.98 10.28
CA ASP F 107 -7.58 2.32 10.28
C ASP F 107 -8.57 3.31 9.66
N GLY F 108 -8.75 3.21 8.34
CA GLY F 108 -9.68 4.03 7.62
C GLY F 108 -9.04 4.67 6.41
N ASP F 109 -9.81 5.53 5.74
CA ASP F 109 -9.33 6.28 4.59
C ASP F 109 -8.05 7.04 4.96
N PHE F 110 -7.08 6.99 4.05
CA PHE F 110 -5.83 7.72 4.27
C PHE F 110 -6.07 9.20 4.47
N THR F 111 -6.87 9.82 3.61
CA THR F 111 -7.11 11.26 3.71
C THR F 111 -7.75 11.63 5.03
N ASP F 112 -8.82 10.91 5.40
CA ASP F 112 -9.63 11.32 6.55
C ASP F 112 -8.87 11.20 7.85
N VAL F 113 -8.05 10.15 8.02
CA VAL F 113 -7.51 9.79 9.32
C VAL F 113 -6.09 10.27 9.53
N THR F 114 -5.45 10.84 8.51
CA THR F 114 -4.05 11.25 8.62
C THR F 114 -4.00 12.69 9.11
N ASP F 115 -3.89 12.86 10.42
CA ASP F 115 -3.75 14.16 11.03
C ASP F 115 -2.27 14.55 11.12
N ARG F 116 -2.03 15.81 11.51
CA ARG F 116 -0.66 16.30 11.59
C ARG F 116 0.13 15.57 12.68
N ASP F 117 -0.46 15.44 13.86
CA ASP F 117 0.22 14.74 14.94
C ASP F 117 0.51 13.30 14.56
N GLY F 118 -0.53 12.54 14.19
CA GLY F 118 -0.31 11.18 13.73
C GLY F 118 0.77 11.09 12.67
N PHE F 119 0.89 12.12 11.83
CA PHE F 119 1.98 12.20 10.87
C PHE F 119 3.33 12.36 11.58
N LYS F 120 3.41 13.28 12.53
CA LYS F 120 4.67 13.54 13.23
C LYS F 120 5.22 12.28 13.87
N ILE F 121 4.42 11.61 14.70
CA ILE F 121 4.90 10.43 15.41
C ILE F 121 5.35 9.35 14.42
N ALA F 122 4.53 9.09 13.40
CA ALA F 122 4.90 8.09 12.41
C ALA F 122 6.30 8.33 11.86
N HIS F 123 6.53 9.52 11.30
CA HIS F 123 7.83 9.82 10.71
C HIS F 123 8.90 9.94 11.78
N ASP F 124 8.55 10.46 12.95
CA ASP F 124 9.52 10.64 14.02
C ASP F 124 10.03 9.30 14.53
N ILE F 125 9.11 8.46 15.03
CA ILE F 125 9.52 7.20 15.65
C ILE F 125 10.11 6.24 14.62
N SER F 126 9.55 6.23 13.41
CA SER F 126 9.84 5.18 12.44
C SER F 126 10.92 5.55 11.42
N ALA F 127 11.16 6.84 11.20
CA ALA F 127 12.11 7.26 10.17
C ALA F 127 13.31 8.01 10.76
N TYR F 128 13.08 9.12 11.47
CA TYR F 128 14.21 9.87 12.00
C TYR F 128 15.03 9.03 12.97
N SER F 129 14.35 8.21 13.78
CA SER F 129 15.06 7.39 14.78
C SER F 129 16.28 6.71 14.19
N PHE F 130 16.11 6.10 13.01
CA PHE F 130 17.22 5.41 12.37
C PHE F 130 18.40 6.35 12.16
N VAL F 131 18.13 7.58 11.71
CA VAL F 131 19.19 8.55 11.47
C VAL F 131 19.84 8.97 12.78
N ALA F 132 19.03 9.16 13.83
CA ALA F 132 19.58 9.56 15.11
C ALA F 132 20.49 8.49 15.69
N MET F 133 19.98 7.26 15.80
CA MET F 133 20.80 6.14 16.26
C MET F 133 22.10 6.07 15.49
N ALA F 134 22.03 6.17 14.16
CA ALA F 134 23.23 6.12 13.33
C ALA F 134 24.28 7.12 13.80
N ARG F 135 23.86 8.34 14.14
CA ARG F 135 24.82 9.34 14.58
C ARG F 135 25.41 8.96 15.93
N ALA F 136 24.56 8.76 16.94
CA ALA F 136 25.04 8.36 18.26
C ALA F 136 25.87 7.08 18.20
N ALA F 137 25.69 6.27 17.15
CA ALA F 137 26.42 5.03 17.00
C ALA F 137 27.67 5.19 16.14
N LYS F 138 27.83 6.32 15.46
CA LYS F 138 28.96 6.52 14.55
C LYS F 138 30.30 6.22 15.22
N PRO F 139 30.62 6.78 16.39
CA PRO F 139 31.92 6.48 17.00
C PRO F 139 32.14 4.99 17.16
N LEU F 140 31.19 4.30 17.81
CA LEU F 140 31.31 2.86 17.99
C LEU F 140 31.43 2.12 16.67
N LEU F 141 30.86 2.68 15.59
CA LEU F 141 30.90 2.01 14.30
C LEU F 141 32.18 2.30 13.52
N GLN F 142 32.75 3.49 13.65
CA GLN F 142 34.00 3.75 12.93
C GLN F 142 35.13 2.88 13.46
N ALA F 143 35.22 2.76 14.79
CA ALA F 143 36.21 1.88 15.39
C ALA F 143 36.19 0.51 14.74
N ARG F 144 34.99 0.02 14.46
CA ARG F 144 34.80 -1.36 14.00
C ARG F 144 34.27 -1.45 12.60
N GLN F 145 34.03 -0.33 11.97
CA GLN F 145 33.56 -0.22 10.61
C GLN F 145 32.46 -1.23 10.38
N GLY F 146 31.55 -1.21 11.33
CA GLY F 146 30.35 -1.99 11.31
C GLY F 146 29.40 -1.48 10.25
N CYS F 147 28.17 -1.93 10.38
CA CYS F 147 27.14 -1.65 9.41
C CYS F 147 25.87 -1.33 10.17
N LEU F 148 24.94 -0.73 9.46
CA LEU F 148 23.62 -0.42 9.97
C LEU F 148 22.58 -1.16 9.16
N LEU F 149 21.49 -1.52 9.83
CA LEU F 149 20.41 -2.25 9.20
C LEU F 149 19.09 -1.80 9.81
N THR F 150 18.10 -1.57 8.96
CA THR F 150 16.75 -1.20 9.38
C THR F 150 15.75 -2.09 8.65
N LEU F 151 14.51 -2.05 9.11
CA LEU F 151 13.43 -2.83 8.52
C LEU F 151 12.42 -1.90 7.85
N THR F 152 12.16 -2.14 6.58
CA THR F 152 11.20 -1.37 5.80
C THR F 152 10.12 -2.29 5.24
N TYR F 153 9.21 -1.70 4.49
CA TYR F 153 8.08 -2.43 3.94
C TYR F 153 7.71 -1.82 2.59
N GLN F 154 7.32 -2.66 1.65
CA GLN F 154 7.07 -2.17 0.30
C GLN F 154 5.83 -1.33 0.19
N GLY F 155 5.14 -1.05 1.30
CA GLY F 155 4.09 -0.05 1.30
C GLY F 155 4.60 1.36 1.04
N SER F 156 5.91 1.59 1.20
CA SER F 156 6.50 2.86 0.82
C SER F 156 6.48 3.06 -0.69
N GLU F 157 6.64 1.99 -1.45
CA GLU F 157 6.67 2.06 -2.90
C GLU F 157 5.30 1.86 -3.53
N ARG F 158 4.39 1.20 -2.81
CA ARG F 158 3.05 0.87 -3.33
C ARG F 158 2.00 1.14 -2.27
N VAL F 159 0.76 1.34 -2.72
CA VAL F 159 -0.35 1.57 -1.82
C VAL F 159 -0.89 0.21 -1.36
N MET F 160 -0.91 0.01 -0.05
CA MET F 160 -1.64 -1.06 0.63
C MET F 160 -2.76 -0.45 1.45
N PRO F 161 -3.95 -1.05 1.48
CA PRO F 161 -5.04 -0.44 2.26
C PRO F 161 -4.71 -0.41 3.74
N ASN F 162 -4.97 0.73 4.36
CA ASN F 162 -4.80 0.99 5.79
C ASN F 162 -3.35 1.15 6.23
N TYR F 163 -2.37 1.07 5.32
CA TYR F 163 -1.00 1.36 5.71
C TYR F 163 -0.74 2.87 5.77
N ASN F 164 -1.42 3.62 4.90
CA ASN F 164 -1.52 5.07 5.01
C ASN F 164 -0.19 5.74 5.34
N VAL F 165 -0.16 6.54 6.41
CA VAL F 165 1.01 7.38 6.69
C VAL F 165 2.25 6.52 6.91
N MET F 166 2.09 5.27 7.32
CA MET F 166 3.26 4.40 7.46
C MET F 166 3.96 4.18 6.13
N GLY F 167 3.21 4.20 5.03
CA GLY F 167 3.86 4.13 3.72
C GLY F 167 4.78 5.30 3.49
N MET F 168 4.31 6.52 3.78
CA MET F 168 5.16 7.70 3.66
C MET F 168 6.38 7.60 4.55
N ALA F 169 6.19 7.13 5.79
CA ALA F 169 7.32 7.01 6.70
C ALA F 169 8.36 6.02 6.17
N LYS F 170 7.91 4.85 5.74
CA LYS F 170 8.85 3.86 5.20
C LYS F 170 9.55 4.39 3.96
N ALA F 171 8.85 5.16 3.13
CA ALA F 171 9.49 5.77 1.98
C ALA F 171 10.57 6.76 2.40
N SER F 172 10.29 7.54 3.44
CA SER F 172 11.32 8.41 3.99
C SER F 172 12.48 7.59 4.56
N LEU F 173 12.17 6.58 5.36
CA LEU F 173 13.20 5.67 5.87
C LEU F 173 14.11 5.19 4.74
N GLU F 174 13.52 4.66 3.66
CA GLU F 174 14.32 4.09 2.58
C GLU F 174 15.24 5.14 1.96
N ALA F 175 14.75 6.38 1.81
CA ALA F 175 15.60 7.45 1.34
C ALA F 175 16.76 7.69 2.30
N GLY F 176 16.49 7.59 3.61
CA GLY F 176 17.55 7.74 4.59
C GLY F 176 18.69 6.76 4.38
N VAL F 177 18.35 5.48 4.21
CA VAL F 177 19.38 4.45 3.99
C VAL F 177 20.36 4.89 2.91
N ARG F 178 19.85 5.45 1.81
CA ARG F 178 20.73 5.87 0.74
C ARG F 178 21.63 7.03 1.15
N TYR F 179 21.07 8.00 1.89
CA TYR F 179 21.87 9.14 2.33
C TYR F 179 22.85 8.73 3.42
N LEU F 180 22.42 7.85 4.33
CA LEU F 180 23.35 7.31 5.32
C LEU F 180 24.48 6.54 4.64
N ALA F 181 24.14 5.73 3.63
CA ALA F 181 25.18 4.95 2.95
C ALA F 181 26.25 5.84 2.34
N SER F 182 25.85 6.97 1.74
CA SER F 182 26.85 7.91 1.24
C SER F 182 27.50 8.67 2.39
N SER F 183 26.76 8.98 3.45
CA SER F 183 27.37 9.68 4.58
C SER F 183 28.44 8.81 5.24
N LEU F 184 28.10 7.59 5.59
CA LEU F 184 28.97 6.71 6.34
C LEU F 184 29.83 5.79 5.47
N GLY F 185 29.57 5.74 4.16
CA GLY F 185 30.34 4.85 3.30
C GLY F 185 31.82 5.16 3.29
N VAL F 186 32.17 6.45 3.33
CA VAL F 186 33.58 6.83 3.34
C VAL F 186 34.29 6.24 4.56
N ASP F 187 33.59 6.18 5.69
CA ASP F 187 34.15 5.61 6.92
C ASP F 187 34.02 4.10 6.96
N GLY F 188 33.77 3.45 5.83
CA GLY F 188 33.67 2.01 5.75
C GLY F 188 32.46 1.41 6.42
N ILE F 189 31.46 2.21 6.78
CA ILE F 189 30.26 1.73 7.45
C ILE F 189 29.18 1.52 6.39
N ARG F 190 28.68 0.30 6.28
CA ARG F 190 27.64 -0.03 5.31
C ARG F 190 26.25 0.21 5.90
N VAL F 191 25.33 0.67 5.07
CA VAL F 191 23.97 0.97 5.48
C VAL F 191 23.01 0.32 4.49
N ASN F 192 22.14 -0.55 4.99
CA ASN F 192 21.20 -1.27 4.13
C ASN F 192 19.89 -1.47 4.89
N ALA F 193 18.88 -1.94 4.16
CA ALA F 193 17.56 -2.19 4.72
C ALA F 193 16.97 -3.45 4.10
N ILE F 194 16.05 -4.08 4.82
CA ILE F 194 15.33 -5.26 4.36
C ILE F 194 13.86 -4.89 4.20
N SER F 195 13.31 -5.15 3.02
CA SER F 195 11.88 -5.01 2.76
C SER F 195 11.25 -6.38 2.94
N ALA F 196 10.67 -6.62 4.12
CA ALA F 196 10.15 -7.92 4.47
C ALA F 196 8.68 -8.04 4.11
N GLY F 197 8.29 -9.23 3.65
CA GLY F 197 6.90 -9.57 3.48
C GLY F 197 6.16 -9.46 4.79
N PRO F 198 4.83 -9.42 4.73
CA PRO F 198 4.04 -9.30 5.96
C PRO F 198 4.19 -10.53 6.84
N ILE F 199 4.32 -10.29 8.15
CA ILE F 199 4.47 -11.37 9.13
C ILE F 199 3.63 -11.03 10.35
N ARG F 200 2.95 -12.05 10.88
CA ARG F 200 2.13 -11.89 12.08
C ARG F 200 3.03 -11.68 13.29
N THR F 201 3.18 -10.42 13.70
CA THR F 201 3.89 -10.10 14.94
C THR F 201 3.04 -9.16 15.78
N LEU F 202 3.60 -8.66 16.88
CA LEU F 202 2.87 -7.68 17.68
C LEU F 202 2.65 -6.39 16.91
N ALA F 203 3.29 -6.23 15.76
CA ALA F 203 3.02 -5.12 14.86
C ALA F 203 1.77 -5.36 14.03
N ALA F 204 1.01 -6.41 14.33
CA ALA F 204 -0.28 -6.68 13.70
C ALA F 204 -1.46 -6.48 14.64
N SER F 205 -1.21 -6.23 15.93
CA SER F 205 -2.30 -6.09 16.89
C SER F 205 -3.09 -4.81 16.60
N GLY F 206 -4.41 -4.95 16.54
CA GLY F 206 -5.28 -3.83 16.22
C GLY F 206 -5.54 -3.64 14.74
N ILE F 207 -4.99 -4.50 13.89
CA ILE F 207 -5.19 -4.42 12.45
C ILE F 207 -6.20 -5.50 12.07
N LYS F 208 -7.42 -5.07 11.73
CA LYS F 208 -8.50 -6.03 11.49
C LYS F 208 -8.28 -6.82 10.21
N SER F 209 -7.71 -6.18 9.19
CA SER F 209 -7.54 -6.85 7.91
C SER F 209 -6.39 -7.84 7.87
N PHE F 210 -5.65 -8.02 8.95
CA PHE F 210 -4.28 -8.54 8.84
C PHE F 210 -4.16 -9.89 8.10
N ARG F 211 -4.68 -11.01 8.64
CA ARG F 211 -4.39 -12.25 7.90
C ARG F 211 -5.24 -12.35 6.65
N LYS F 212 -6.26 -11.49 6.48
CA LYS F 212 -6.82 -11.37 5.14
C LYS F 212 -5.75 -10.84 4.21
N MET F 213 -4.90 -9.92 4.73
CA MET F 213 -3.67 -9.53 4.06
C MET F 213 -2.69 -10.70 4.00
N LEU F 214 -2.54 -11.43 5.10
CA LEU F 214 -1.65 -12.59 5.11
C LEU F 214 -2.08 -13.62 4.08
N ASP F 215 -3.39 -13.89 4.02
CA ASP F 215 -3.89 -14.88 3.06
C ASP F 215 -3.72 -14.40 1.63
N ALA F 216 -3.82 -13.09 1.39
CA ALA F 216 -3.61 -12.57 0.05
C ALA F 216 -2.15 -12.70 -0.35
N ASN F 217 -1.25 -12.27 0.53
CA ASN F 217 0.18 -12.40 0.25
C ASN F 217 0.54 -13.86 0.00
N GLU F 218 -0.08 -14.78 0.72
CA GLU F 218 0.20 -16.20 0.56
C GLU F 218 -0.12 -16.69 -0.85
N LYS F 219 -1.16 -16.15 -1.48
CA LYS F 219 -1.55 -16.57 -2.81
C LYS F 219 -0.81 -15.83 -3.93
N VAL F 220 -0.36 -14.60 -3.67
CA VAL F 220 0.28 -13.79 -4.71
C VAL F 220 1.77 -14.08 -4.79
N ALA F 221 2.42 -14.32 -3.66
CA ALA F 221 3.87 -14.48 -3.65
C ALA F 221 4.27 -15.67 -4.54
N PRO F 222 5.23 -15.49 -5.46
CA PRO F 222 5.63 -16.59 -6.34
C PRO F 222 5.81 -17.91 -5.63
N LEU F 223 6.28 -17.86 -4.38
CA LEU F 223 6.50 -19.06 -3.60
C LEU F 223 5.25 -19.53 -2.87
N LYS F 224 4.15 -18.77 -2.94
CA LYS F 224 2.87 -19.19 -2.38
C LYS F 224 2.91 -19.35 -0.87
N ARG F 225 3.69 -18.51 -0.19
CA ARG F 225 3.81 -18.60 1.26
C ARG F 225 4.28 -17.25 1.79
N ASN F 226 4.12 -17.07 3.09
CA ASN F 226 4.56 -15.86 3.76
C ASN F 226 5.88 -16.13 4.49
N VAL F 227 6.74 -15.11 4.53
CA VAL F 227 8.07 -15.29 5.09
C VAL F 227 7.97 -15.43 6.60
N THR F 228 9.08 -15.81 7.23
CA THR F 228 9.14 -15.95 8.68
C THR F 228 10.24 -15.05 9.23
N ILE F 229 10.21 -14.86 10.56
CA ILE F 229 11.26 -14.10 11.21
C ILE F 229 12.60 -14.80 11.08
N GLU F 230 12.59 -16.12 10.91
CA GLU F 230 13.83 -16.84 10.64
C GLU F 230 14.42 -16.42 9.30
N GLU F 231 13.60 -16.47 8.24
CA GLU F 231 14.10 -16.08 6.92
C GLU F 231 14.56 -14.62 6.92
N VAL F 232 13.86 -13.78 7.67
CA VAL F 232 14.29 -12.38 7.80
C VAL F 232 15.57 -12.31 8.62
N GLY F 233 15.63 -13.04 9.73
CA GLY F 233 16.87 -13.08 10.50
C GLY F 233 18.05 -13.53 9.67
N ASN F 234 17.88 -14.61 8.91
CA ASN F 234 18.97 -15.10 8.06
C ASN F 234 19.42 -14.04 7.07
N ALA F 235 18.47 -13.31 6.48
CA ALA F 235 18.83 -12.27 5.54
C ALA F 235 19.54 -11.12 6.24
N ALA F 236 19.01 -10.68 7.38
CA ALA F 236 19.70 -9.64 8.15
C ALA F 236 21.09 -10.10 8.58
N LEU F 237 21.21 -11.37 8.95
CA LEU F 237 22.53 -11.92 9.28
C LEU F 237 23.51 -11.72 8.14
N PHE F 238 23.10 -12.04 6.91
CA PHE F 238 23.98 -11.87 5.76
C PHE F 238 24.41 -10.42 5.60
N LEU F 239 23.46 -9.48 5.69
CA LEU F 239 23.78 -8.09 5.46
C LEU F 239 24.72 -7.52 6.51
N CYS F 240 24.69 -8.09 7.73
CA CYS F 240 25.57 -7.66 8.80
C CYS F 240 26.88 -8.43 8.82
N SER F 241 27.24 -9.09 7.72
CA SER F 241 28.36 -10.00 7.66
C SER F 241 29.35 -9.58 6.59
N PRO F 242 30.60 -10.02 6.68
CA PRO F 242 31.59 -9.68 5.64
C PRO F 242 31.20 -10.18 4.26
N TRP F 243 30.31 -11.18 4.16
CA TRP F 243 29.85 -11.61 2.86
C TRP F 243 29.11 -10.49 2.13
N ALA F 244 28.49 -9.58 2.89
CA ALA F 244 27.80 -8.43 2.32
C ALA F 244 28.66 -7.18 2.32
N SER F 245 29.99 -7.36 2.28
CA SER F 245 30.89 -6.22 2.36
C SER F 245 30.80 -5.33 1.13
N GLY F 246 30.34 -5.85 0.00
CA GLY F 246 30.21 -5.10 -1.23
C GLY F 246 28.87 -4.46 -1.48
N ILE F 247 28.00 -4.39 -0.47
CA ILE F 247 26.63 -3.91 -0.63
C ILE F 247 26.38 -2.81 0.37
N THR F 248 25.94 -1.65 -0.12
CA THR F 248 25.50 -0.57 0.75
C THR F 248 24.34 0.14 0.08
N GLY F 249 23.49 0.75 0.91
CA GLY F 249 22.32 1.44 0.41
C GLY F 249 21.34 0.57 -0.33
N GLU F 250 21.31 -0.73 -0.04
CA GLU F 250 20.47 -1.69 -0.75
C GLU F 250 19.22 -1.99 0.05
N ILE F 251 18.09 -2.09 -0.65
CA ILE F 251 16.82 -2.51 -0.07
C ILE F 251 16.54 -3.92 -0.58
N LEU F 252 16.76 -4.91 0.27
CA LEU F 252 16.55 -6.31 -0.09
C LEU F 252 15.13 -6.72 0.26
N TYR F 253 14.42 -7.23 -0.73
CA TYR F 253 13.03 -7.65 -0.54
C TYR F 253 12.99 -9.10 -0.09
N VAL F 254 12.46 -9.32 1.11
CA VAL F 254 12.27 -10.66 1.64
C VAL F 254 10.77 -10.89 1.78
N ASP F 255 10.11 -11.10 0.65
CA ASP F 255 8.66 -11.22 0.61
C ASP F 255 8.23 -12.41 -0.24
N ALA F 256 9.10 -13.40 -0.41
CA ALA F 256 8.83 -14.54 -1.29
C ALA F 256 8.57 -14.06 -2.71
N GLY F 257 9.17 -12.94 -3.09
CA GLY F 257 8.98 -12.41 -4.43
C GLY F 257 7.67 -11.69 -4.64
N PHE F 258 6.88 -11.50 -3.59
CA PHE F 258 5.58 -10.83 -3.73
C PHE F 258 5.71 -9.55 -4.54
N ASN F 259 6.74 -8.75 -4.26
CA ASN F 259 6.88 -7.45 -4.92
C ASN F 259 6.97 -7.56 -6.43
N THR F 260 7.24 -8.74 -6.98
CA THR F 260 7.49 -8.88 -8.40
C THR F 260 6.24 -9.21 -9.20
N VAL F 261 5.11 -9.42 -8.55
CA VAL F 261 3.88 -9.82 -9.22
C VAL F 261 3.03 -8.60 -9.52
N GLY F 262 2.64 -8.46 -10.78
CA GLY F 262 1.69 -7.42 -11.17
C GLY F 262 0.24 -7.84 -10.98
N MET F 263 -0.04 -9.14 -11.15
CA MET F 263 -1.32 -9.62 -11.63
C MET F 263 -1.43 -11.13 -11.41
N SER F 264 -2.04 -11.58 -10.31
CA SER F 264 -2.11 -13.03 -10.11
C SER F 264 -3.47 -13.57 -10.55
N GLN F 265 -3.48 -14.86 -10.88
CA GLN F 265 -4.73 -15.60 -11.08
C GLN F 265 -5.66 -15.39 -9.91
N SER F 266 -6.49 -14.35 -9.98
CA SER F 266 -7.28 -13.83 -8.86
C SER F 266 -7.36 -14.75 -7.64
PA NAD G . 9.67 28.63 -4.11
O1A NAD G . 8.79 29.79 -3.74
O2A NAD G . 11.07 28.87 -3.63
O5B NAD G . 9.09 27.24 -3.40
C5B NAD G . 9.00 27.24 -2.01
C4B NAD G . 7.56 27.76 -1.60
O4B NAD G . 7.04 27.00 -0.34
C3B NAD G . 7.59 28.98 -1.28
O3B NAD G . 6.94 29.78 -2.33
C2B NAD G . 6.77 29.17 0.16
O2B NAD G . 5.77 30.20 0.02
C1B NAD G . 6.22 28.05 0.42
N9A NAD G . 6.30 27.77 1.90
C8A NAD G . 7.39 27.45 2.56
N7A NAD G . 7.09 27.26 3.84
C5A NAD G . 5.76 27.46 4.00
C6A NAD G . 4.87 27.40 5.10
N6A NAD G . 5.35 27.07 6.40
N1A NAD G . 3.59 27.66 4.90
C2A NAD G . 3.14 27.96 3.70
N3A NAD G . 3.93 28.02 2.66
C4A NAD G . 5.25 27.78 2.77
O3 NAD G . 9.69 28.50 -5.75
PN NAD G . 9.78 27.12 -6.70
O1N NAD G . 11.14 27.04 -7.29
O2N NAD G . 8.81 27.32 -7.88
O5D NAD G . 9.59 25.67 -5.80
C5D NAD G . 8.37 24.86 -5.70
C4D NAD G . 8.70 23.35 -5.37
O4D NAD G . 9.38 22.79 -6.32
C3D NAD G . 9.59 23.09 -4.10
O3D NAD G . 8.82 22.91 -2.99
C2D NAD G . 10.38 21.81 -4.40
O2D NAD G . 10.01 20.68 -3.48
C1D NAD G . 10.06 21.49 -5.67
N1N NAD G . 11.21 21.14 -6.43
C2N NAD G . 11.99 22.13 -6.89
C3N NAD G . 13.12 21.80 -7.66
C7N NAD G . 14.02 22.91 -8.18
O7N NAD G . 15.03 22.64 -8.75
N7N NAD G . 13.62 24.36 -7.98
C4N NAD G . 13.42 20.48 -7.94
C5N NAD G . 12.57 19.49 -7.43
C6N NAD G . 11.46 19.87 -6.66
C4 NUC H . 15.06 24.29 -0.17
N3 NUC H . 13.87 29.67 3.13
C2 NUC H . 14.50 22.32 -1.68
N1 NUC H . 14.99 24.36 2.25
C7 NUC H . 15.08 27.53 3.67
C6 NUC H . 15.40 25.63 2.19
O2 NUC H . 15.34 27.94 4.78
C5 NUC H . 14.82 23.71 1.09
C1 NUC H . 14.38 21.77 -3.02
C10 NUC H . 16.14 27.75 1.06
C11 NUC H . 15.67 26.30 1.00
C12 NUC H . 15.50 25.62 -0.19
C13 NUC H . 14.73 23.67 -4.60
C14 NUC H . 16.09 21.51 -4.80
C15 NUC H . 17.40 21.48 -4.04
C16 NUC H . 18.65 21.39 -4.54
C17 NUC H . 19.02 21.31 -6.00
C18 NUC H . 19.55 21.40 -3.45
C19 NUC H . 20.94 21.33 -3.32
C20 NUC H . 21.51 21.36 -2.05
C21 NUC H . 20.69 21.45 -0.90
C22 NUC H . 19.31 21.53 -1.03
C23 NUC H . 18.77 21.49 -2.32
C3 NUC H . 14.90 23.60 -1.44
C8 NUC H . 14.24 28.32 2.65
C9 NUC H . 14.95 28.67 1.32
N2 NUC H . 15.55 26.28 3.38
N4 NUC H . 15.10 22.35 -4.06
O1 NUC H . 13.66 20.82 -3.30
O3 NUC H . 17.44 21.53 -2.67
H1 NUC H . 13.02 29.60 3.68
H2 NUC H . 14.61 29.99 3.75
H4 NUC H . 14.24 21.67 -0.89
H5 NUC H . 14.49 22.70 1.16
H6 NUC H . 16.61 28.03 0.12
H7 NUC H . 16.88 27.87 1.86
H8 NUC H . 15.70 26.09 -1.12
H9 NUC H . 13.67 23.84 -4.41
H10 NUC H . 14.92 23.67 -5.68
H11 NUC H . 15.32 24.43 -4.11
H12 NUC H . 15.73 20.49 -4.86
H13 NUC H . 16.29 21.93 -5.78
H14 NUC H . 19.30 20.27 -6.22
H15 NUC H . 19.84 21.99 -6.18
H16 NUC H . 18.14 21.60 -6.58
H17 NUC H . 21.56 21.27 -4.17
H18 NUC H . 22.56 21.33 -1.93
H19 NUC H . 21.13 21.48 0.06
H20 NUC H . 18.68 21.59 -0.18
H21 NUC H . 15.14 24.20 -2.29
H22 NUC H . 13.36 27.72 2.50
H23 NUC H . 14.23 28.59 0.50
H24 NUC H . 15.29 29.71 1.36
H25 NUC H . 16.07 25.80 4.12
C4 NUC I . -31.60 24.23 -6.35
N3 NUC I . -28.45 19.60 -9.46
C2 NUC I . -33.18 25.14 -4.59
N1 NUC I . -32.19 23.44 -8.56
C7 NUC I . -29.83 21.57 -10.21
C6 NUC I . -30.91 23.18 -8.78
O2 NUC I . -29.65 21.25 -11.37
C5 NUC I . -32.53 23.96 -7.37
C1 NUC I . -33.39 25.69 -3.25
C10 NUC I . -28.46 23.07 -8.21
C11 NUC I . -29.90 23.40 -7.85
C12 NUC I . -30.25 23.94 -6.62
C13 NUC I . -31.19 25.55 -2.10
C14 NUC I . -32.52 27.74 -2.19
C15 NUC I . -32.18 28.64 -3.37
C16 NUC I . -31.59 29.85 -3.36
C17 NUC I . -31.14 30.60 -2.13
C18 NUC I . -31.47 30.28 -4.70
C19 NUC I . -30.96 31.41 -5.33
C20 NUC I . -31.01 31.50 -6.73
C21 NUC I . -31.56 30.46 -7.48
C22 NUC I . -32.08 29.32 -6.86
C23 NUC I . -32.02 29.25 -5.47
C3 NUC I . -31.94 24.79 -5.05
C8 NUC I . -29.23 20.78 -9.02
C9 NUC I . -28.21 21.55 -8.16
N2 NUC I . -30.60 22.65 -10.01
N4 NUC I . -32.35 26.32 -2.59
O1 NUC I . -34.47 25.62 -2.67
O3 NUC I . -32.45 28.25 -4.66
H1 NUC I . -29.07 18.95 -9.92
H2 NUC I . -27.79 19.94 -10.16
H4 NUC I . -34.04 25.02 -5.18
H5 NUC I . -33.56 24.16 -7.21
H6 NUC I . -27.77 23.56 -7.51
H7 NUC I . -28.24 23.43 -9.22
H8 NUC I . -29.52 24.13 -5.88
H9 NUC I . -31.52 24.56 -1.83
H10 NUC I . -30.78 26.06 -1.23
H11 NUC I . -30.45 25.50 -2.89
H12 NUC I . -33.56 27.94 -1.93
H13 NUC I . -31.85 27.99 -1.38
H14 NUC I . -31.88 31.39 -1.94
H15 NUC I . -30.16 31.02 -2.34
H16 NUC I . -31.11 29.90 -1.30
H17 NUC I . -30.54 32.20 -4.76
H18 NUC I . -30.63 32.36 -7.21
H19 NUC I . -31.59 30.53 -8.55
H20 NUC I . -32.50 28.52 -7.42
H21 NUC I . -31.11 24.93 -4.40
H22 NUC I . -30.08 20.45 -8.43
H23 NUC I . -28.28 21.21 -7.13
H24 NUC I . -27.21 21.34 -8.54
H25 NUC I . -30.99 23.13 -10.83
PA NAD J . -28.89 18.99 -1.23
O1A NAD J . -27.65 18.57 -0.44
O2A NAD J . -28.61 18.91 -2.71
O5B NAD J . -30.17 18.00 -0.84
C5B NAD J . -31.10 17.68 -1.82
C4B NAD J . -31.09 16.11 -1.99
O4B NAD J . -32.35 15.63 -2.79
C3B NAD J . -30.07 15.76 -2.67
O3B NAD J . -29.27 14.82 -1.89
C2B NAD J . -30.63 15.02 -4.06
O2B NAD J . -29.75 13.94 -4.45
C1B NAD J . -31.78 14.57 -3.75
N9A NAD J . -32.63 14.47 -4.99
C8A NAD J . -32.98 15.48 -5.75
N7A NAD J . -33.73 15.03 -6.76
C5A NAD J . -33.85 13.68 -6.62
C6A NAD J . -34.48 12.67 -7.36
N6A NAD J . -35.23 13.01 -8.53
N1A NAD J . -34.40 11.42 -6.95
C2A NAD J . -33.72 11.11 -5.87
N3A NAD J . -33.09 12.03 -5.15
C4A NAD J . -33.15 13.33 -5.51
O3 NAD J . -29.31 20.52 -0.82
PN NAD J . -30.19 20.82 0.56
O1N NAD J . -29.80 22.15 1.11
O2N NAD J . -29.87 19.73 1.59
O5D NAD J . -31.83 20.80 0.21
C5D NAD J . -32.74 20.14 1.18
C4D NAD J . -34.20 20.52 0.83
O4D NAD J . -34.56 21.60 1.48
C3D NAD J . -34.31 20.88 -0.70
O3D NAD J . -35.56 20.57 -1.14
C2D NAD J . -34.13 22.38 -0.69
O2D NAD J . -34.69 22.97 -1.93
C1D NAD J . -34.85 22.75 0.38
N1N NAD J . -34.42 24.02 0.88
C2N NAD J . -33.13 24.32 0.80
C3N NAD J . -32.69 25.57 1.29
C7N NAD J . -31.21 25.91 1.21
O7N NAD J . -30.81 27.00 1.48
N7N NAD J . -30.23 24.84 0.75
C4N NAD J . -33.60 26.46 1.83
C5N NAD J . -34.95 26.08 1.89
C6N NAD J . -35.33 24.82 1.38
C4 NUC K . 30.91 -7.41 -22.30
N3 NUC K . 35.53 -9.37 -26.51
C2 NUC K . 29.32 -6.95 -20.36
N1 NUC K . 30.40 -8.07 -24.55
C7 NUC K . 33.09 -9.07 -26.61
C6 NUC K . 31.70 -8.07 -24.81
O2 NUC K . 33.04 -9.19 -27.81
C5 NUC K . 30.00 -7.75 -23.32
C1 NUC K . 29.16 -6.56 -18.97
C10 NUC K . 34.17 -7.77 -24.22
C11 NUC K . 32.70 -7.76 -23.88
C12 NUC K . 32.28 -7.43 -22.60
C13 NUC K . 31.42 -7.10 -18.03
C14 NUC K . 30.34 -4.82 -17.63
C15 NUC K . 30.47 -3.79 -18.74
C16 NUC K . 30.59 -2.45 -18.66
C17 NUC K . 30.60 -1.63 -17.39
C18 NUC K . 30.68 -1.95 -19.97
C19 NUC K . 30.80 -0.66 -20.52
C20 NUC K . 30.87 -0.53 -21.89
C21 NUC K . 30.80 -1.65 -22.73
C22 NUC K . 30.68 -2.93 -22.19
C23 NUC K . 30.61 -3.05 -20.81
C3 NUC K . 30.55 -7.06 -20.94
C8 NUC K . 34.26 -9.69 -25.80
C9 NUC K . 34.61 -9.23 -24.38
N2 NUC K . 32.01 -8.41 -26.11
N4 NUC K . 30.27 -6.19 -18.22
O1 NUC K . 28.07 -6.55 -18.40
O3 NUC K . 30.49 -4.19 -20.06
H1 NUC K . 35.32 -8.88 -27.37
H2 NUC K . 36.04 -8.68 -25.97
H4 NUC K . 28.43 -7.15 -20.91
H5 NUC K . 28.97 -7.75 -23.14
H6 NUC K . 34.75 -7.30 -23.43
H7 NUC K . 34.35 -7.24 -25.15
H8 NUC K . 32.98 -7.18 -21.85
H9 NUC K . 31.12 -8.10 -18.33
H10 NUC K . 31.70 -7.09 -16.99
H11 NUC K . 32.23 -6.74 -18.65
H12 NUC K . 29.42 -4.59 -17.09
H13 NUC K . 31.21 -4.72 -17.00
H14 NUC K . 30.25 -0.62 -17.64
H15 NUC K . 31.61 -1.61 -17.01
H16 NUC K . 29.92 -2.09 -16.68
H17 NUC K . 30.85 0.18 -19.88
H18 NUC K . 30.97 0.44 -22.33
H19 NUC K . 30.84 -1.53 -23.79
H20 NUC K . 30.64 -3.80 -22.80
H21 NUC K . 31.38 -6.84 -20.32
H22 NUC K . 33.98 -10.73 -25.73
H23 NUC K . 34.11 -9.86 -23.65
H24 NUC K . 35.70 -9.30 -24.23
H25 NUC K . 31.32 -8.12 -26.80
PA NAD L . 33.92 -13.42 -18.05
O1A NAD L . 34.57 -14.75 -18.41
O2A NAD L . 34.67 -12.30 -18.71
O5B NAD L . 32.35 -13.42 -18.59
C5B NAD L . 32.11 -13.76 -19.93
C4B NAD L . 31.79 -15.30 -19.99
O4B NAD L . 30.61 -15.57 -21.00
C3B NAD L . 32.78 -15.96 -20.43
O3B NAD L . 33.33 -16.79 -19.37
C2B NAD L . 32.24 -16.93 -21.69
O2B NAD L . 32.73 -18.28 -21.50
C1B NAD L . 30.97 -16.91 -21.66
N9A NAD L . 30.43 -16.94 -23.06
C8A NAD L . 30.48 -15.95 -23.92
N7A NAD L . 29.89 -16.32 -25.06
C5A NAD L . 29.45 -17.59 -24.91
C6A NAD L . 28.77 -18.50 -25.74
N6A NAD L . 28.40 -18.13 -27.06
N1A NAD L . 28.47 -19.70 -25.27
C2A NAD L . 28.81 -20.05 -24.04
N3A NAD L . 29.45 -19.22 -23.24
C4A NAD L . 29.78 -17.98 -23.65
O3 NAD L . 33.99 -13.25 -16.41
PN NAD L . 33.01 -12.35 -15.41
O1N NAD L . 33.71 -11.06 -15.14
O2N NAD L . 32.89 -13.12 -14.08
O5D NAD L . 31.55 -11.93 -16.19
C5D NAD L . 30.29 -12.68 -16.00
C4D NAD L . 29.03 -11.74 -16.10
O4D NAD L . 29.10 -10.76 -15.25
C3D NAD L . 28.88 -11.01 -17.48
O3D NAD L . 28.12 -11.75 -18.33
C2D NAD L . 28.17 -9.69 -17.17
O2D NAD L . 26.80 -9.64 -17.78
C1D NAD L . 28.10 -9.63 -15.82
N1N NAD L . 28.48 -8.36 -15.29
C2N NAD L . 29.78 -8.09 -15.15
C3N NAD L . 30.16 -6.83 -14.61
C7N NAD L . 31.64 -6.47 -14.43
O7N NAD L . 31.94 -5.35 -14.15
N7N NAD L . 32.71 -7.52 -14.64
C4N NAD L . 29.19 -5.93 -14.23
C5N NAD L . 27.85 -6.29 -14.40
C6N NAD L . 27.53 -7.54 -14.94
PA NAD M . -19.18 -30.45 32.89
O1A NAD M . -19.32 -30.62 31.39
O2A NAD M . -19.98 -31.52 33.59
O5B NAD M . -17.59 -30.56 33.37
C5B NAD M . -16.79 -31.54 32.79
C4B NAD M . -16.23 -30.92 31.45
O4B NAD M . -14.74 -31.34 31.24
C3B NAD M . -16.87 -31.38 30.46
O3B NAD M . -17.67 -30.31 29.85
C2B NAD M . -15.78 -31.98 29.35
O2B NAD M . -16.07 -31.44 28.05
C1B NAD M . -14.62 -31.63 29.73
N9A NAD M . -13.66 -32.78 29.54
C8A NAD M . -13.63 -33.89 30.23
N7A NAD M . -12.66 -34.66 29.78
C5A NAD M . -12.05 -34.02 28.76
C6A NAD M . -10.98 -34.32 27.90
N6A NAD M . -10.28 -35.56 28.02
N1A NAD M . -10.63 -33.44 26.97
C2A NAD M . -11.26 -32.29 26.85
N3A NAD M . -12.27 -31.97 27.64
C4A NAD M . -12.69 -32.82 28.60
O3 NAD M . -19.75 -28.96 33.29
PN NAD M . -19.55 -28.26 34.78
O1N NAD M . -20.54 -28.90 35.70
O2N NAD M . -19.88 -26.75 34.70
O5D NAD M . -18.01 -28.61 35.40
C5D NAD M . -16.95 -27.58 35.42
C4D NAD M . -15.88 -27.83 36.53
O4D NAD M . -16.28 -27.39 37.70
C3D NAD M . -15.56 -29.35 36.76
O3D NAD M . -14.36 -29.66 36.20
C2D NAD M . -15.48 -29.52 38.27
O2D NAD M . -14.21 -30.21 38.65
C1D NAD M . -15.49 -28.28 38.78
N1N NAD M . -16.19 -28.25 40.02
C2N NAD M . -17.49 -28.52 39.99
C3N NAD M . -18.22 -28.50 41.19
C7N NAD M . -19.72 -28.82 41.16
O7N NAD M . -20.33 -28.89 42.18
N7N NAD M . -20.41 -29.06 39.82
C4N NAD M . -17.60 -28.20 42.38
C5N NAD M . -16.23 -27.91 42.34
C6N NAD M . -15.54 -27.95 41.12
C4 NUC N . -16.58 -36.10 38.34
N3 NUC N . -17.51 -38.87 32.64
C2 NUC N . -15.82 -34.23 39.89
N1 NUC N . -15.22 -37.89 37.47
C7 NUC N . -16.51 -39.65 34.80
C6 NUC N . -16.29 -38.35 36.84
O2 NUC N . -16.27 -40.73 34.30
C5 NUC N . -15.36 -36.78 38.21
C1 NUC N . -16.13 -33.02 40.65
C10 NUC N . -18.71 -38.37 36.11
C11 NUC N . -17.54 -37.75 36.87
C12 NUC N . -17.69 -36.61 37.64
C13 NUC N . -18.46 -32.31 40.11
C14 NUC N . -17.68 -32.64 42.53
C15 NUC N . -17.88 -34.02 43.13
C16 NUC N . -18.72 -34.41 44.10
C17 NUC N . -19.68 -33.50 44.84
C18 NUC N . -18.54 -35.79 44.31
C19 NUC N . -19.10 -36.74 45.17
C20 NUC N . -18.67 -38.06 45.10
C21 NUC N . -17.67 -38.44 44.17
C22 NUC N . -17.11 -37.49 43.33
C23 NUC N . -17.56 -36.18 43.41
C3 NUC N . -16.76 -34.88 39.13
C8 NUC N . -17.22 -38.50 34.03
C9 NUC N . -18.59 -38.11 34.59
N2 NUC N . -16.10 -39.48 36.08
N4 NUC N . -17.42 -32.76 41.06
O1 NUC N . -15.28 -32.18 40.93
O3 NUC N . -17.15 -35.10 42.67
H1 NUC N . -16.64 -39.06 32.16
H2 NUC N . -18.03 -39.75 32.67
H4 NUC N . -14.83 -34.57 39.93
H5 NUC N . -14.49 -36.43 38.71
H6 NUC N . -19.65 -37.95 36.45
H7 NUC N . -18.73 -39.44 36.27
H8 NUC N . -18.63 -36.12 37.72
H9 NUC N . -17.96 -31.91 39.23
H10 NUC N . -19.04 -31.52 40.59
H11 NUC N . -19.08 -33.14 39.87
H12 NUC N . -16.83 -32.19 43.02
H13 NUC N . -18.59 -32.08 42.71
H14 NUC N . -19.27 -33.31 45.82
H15 NUC N . -20.64 -34.03 44.91
H16 NUC N . -19.78 -32.58 44.27
H17 NUC N . -19.85 -36.46 45.86
H18 NUC N . -19.09 -38.79 45.74
H19 NUC N . -17.35 -39.45 44.14
H20 NUC N . -16.36 -37.76 42.63
H21 NUC N . -17.74 -34.48 39.13
H22 NUC N . -16.54 -37.66 34.05
H23 NUC N . -18.76 -37.05 34.40
H24 NUC N . -19.37 -38.68 34.07
H25 NUC N . -15.62 -40.27 36.53
C4 NUC O . 0.08 -9.15 -28.36
N3 NUC O . -0.96 -11.04 -34.38
C2 NUC O . 0.87 -7.53 -26.57
N1 NUC O . 1.42 -10.81 -29.50
C7 NUC O . 0.08 -12.15 -32.38
C6 NUC O . 0.34 -11.16 -30.18
O2 NUC O . 0.30 -13.14 -33.03
C5 NUC O . 1.29 -9.82 -28.61
C1 NUC O . 0.58 -6.44 -25.63
C10 NUC O . -2.08 -11.08 -30.87
C11 NUC O . -0.91 -10.57 -30.03
C12 NUC O . -1.04 -9.56 -29.10
C13 NUC O . -1.76 -5.68 -26.02
C14 NUC O . -0.93 -6.34 -23.69
C15 NUC O . -1.15 -7.79 -23.31
C16 NUC O . -2.01 -8.30 -22.41
C17 NUC O . -2.98 -7.50 -21.57
C18 NUC O . -1.86 -9.70 -22.41
C19 NUC O . -2.45 -10.76 -21.72
C20 NUC O . -2.03 -12.06 -21.98
C21 NUC O . -1.02 -12.32 -22.92
C22 NUC O . -0.43 -11.26 -23.62
C23 NUC O . -0.87 -9.97 -23.34
C3 NUC O . -0.09 -8.06 -27.39
C8 NUC O . -0.62 -10.89 -32.96
C9 NUC O . -1.98 -10.55 -32.31
N2 NUC O . 0.51 -12.18 -31.09
N4 NUC O . -0.70 -6.25 -25.16
O1 NUC O . 1.45 -5.67 -25.24
O3 NUC O . -0.43 -8.80 -23.90
H1 NUC O . -0.13 -11.06 -34.92
H2 NUC O . -1.42 -11.95 -34.47
H4 NUC O . 1.86 -7.88 -26.59
H5 NUC O . 2.17 -9.54 -28.07
H6 NUC O . -3.02 -10.74 -30.45
H7 NUC O . -2.08 -12.17 -30.90
H8 NUC O . -1.98 -9.08 -28.95
H9 NUC O . -1.30 -5.08 -26.79
H10 NUC O . -2.42 -5.08 -25.42
H11 NUC O . -2.31 -6.51 -26.46
H12 NUC O . -0.05 -5.99 -23.15
H13 NUC O . -1.82 -5.79 -23.41
H14 NUC O . -2.50 -7.32 -20.60
H15 NUC O . -3.89 -8.08 -21.45
H16 NUC O . -3.18 -6.57 -22.10
H17 NUC O . -3.21 -10.57 -21.00
H18 NUC O . -2.47 -12.88 -21.45
H19 NUC O . -0.72 -13.32 -23.12
H20 NUC O . 0.33 -11.44 -24.34
H21 NUC O . -1.07 -7.67 -27.33
H22 NUC O . 0.10 -10.08 -32.84
H23 NUC O . -2.10 -9.46 -32.31
H24 NUC O . -2.77 -10.98 -32.91
H25 NUC O . 0.98 -13.02 -30.77
PA NAD P . -2.68 -3.15 -32.55
O1A NAD P . -4.00 -2.52 -33.03
O2A NAD P . -2.56 -4.55 -33.09
O5B NAD P . -1.40 -2.24 -33.08
C5B NAD P . -0.14 -2.82 -33.10
C4B NAD P . 0.44 -2.62 -34.56
O4B NAD P . 1.89 -3.20 -34.70
C3B NAD P . -0.27 -3.28 -35.39
O3B NAD P . -1.09 -2.35 -36.17
C2B NAD P . 0.79 -4.09 -36.39
O2B NAD P . 0.39 -3.98 -37.77
C1B NAD P . 1.92 -3.52 -36.21
N9A NAD P . 3.02 -4.45 -36.60
C8A NAD P . 3.23 -5.66 -36.13
N7A NAD P . 4.29 -6.18 -36.72
C5A NAD P . 4.78 -5.28 -37.60
C6A NAD P . 5.86 -5.25 -38.50
N6A NAD P . 6.74 -6.36 -38.62
N1A NAD P . 6.06 -4.16 -39.24
C2A NAD P . 5.26 -3.13 -39.13
N3A NAD P . 4.24 -3.12 -38.31
C4A NAD P . 3.97 -4.18 -37.53
O3 NAD P . -2.66 -3.17 -30.90
PN NAD P . -2.21 -1.86 -29.99
O1N NAD P . -2.31 -0.62 -30.82
O2N NAD P . -3.13 -1.73 -28.77
O5D NAD P . -0.62 -2.04 -29.46
C5D NAD P . 0.43 -1.24 -30.13
C4D NAD P . 1.60 -1.06 -29.15
O4D NAD P . 1.15 -0.65 -27.98
C3D NAD P . 2.27 -2.46 -28.88
O3D NAD P . 3.61 -2.32 -28.81
C2D NAD P . 1.70 -2.86 -27.53
O2D NAD P . 2.64 -3.81 -26.86
C1D NAD P . 1.66 -1.69 -26.89
N1N NAD P . 0.80 -1.74 -25.75
C2N NAD P . -0.47 -2.13 -25.89
C3N NAD P . -1.29 -2.16 -24.76
C7N NAD P . -2.76 -2.60 -24.86
O7N NAD P . -3.38 -2.82 -23.87
N7N NAD P . -3.42 -2.75 -26.22
C4N NAD P . -0.79 -1.80 -23.52
C5N NAD P . 0.55 -1.41 -23.43
C6N NAD P . 1.32 -1.39 -24.60
C4 NUC Q . 2.73 -0.74 12.76
N3 NUC Q . 0.16 -1.03 18.75
C2 NUC Q . 4.33 -1.13 10.78
N1 NUC Q . 2.38 1.22 14.10
C7 NUC Q . 0.56 0.78 17.05
C6 NUC Q . 1.47 0.54 14.79
O2 NUC Q . 0.00 1.59 17.76
C5 NUC Q . 3.01 0.60 13.10
C1 NUC Q . 4.82 -2.07 9.77
C10 NUC Q . 0.05 -1.45 15.37
C11 NUC Q . 1.12 -0.77 14.53
C12 NUC Q . 1.76 -1.42 13.49
C13 NUC Q . 4.42 -4.23 10.98
C14 NUC Q . 3.92 -4.00 8.48
C15 NUC Q . 2.43 -3.72 8.28
C16 NUC Q . 1.53 -4.43 7.58
C17 NUC Q . 1.80 -5.69 6.80
C18 NUC Q . 0.29 -3.77 7.69
C19 NUC Q . -1.00 -4.00 7.20
C20 NUC Q . -2.02 -3.10 7.52
C21 NUC Q . -1.76 -1.99 8.34
C22 NUC Q . -0.48 -1.76 8.84
C23 NUC Q . 0.52 -2.66 8.49
C3 NUC Q . 3.37 -1.50 11.67
C8 NUC Q . 0.96 -0.62 17.58
C9 NUC Q . 0.68 -1.86 16.69
N2 NUC Q . 0.85 1.23 15.80
N4 NUC Q . 4.37 -3.38 9.76
O1 NUC Q . 5.63 -1.74 8.90
O3 NUC Q . 1.84 -2.63 8.86
H1 NUC Q . 0.73 -1.54 19.41
H2 NUC Q . -0.19 -0.20 19.22
H4 NUC Q . 4.76 -0.17 10.79
H5 NUC Q . 3.74 1.14 12.57
H6 NUC Q . -0.34 -2.33 14.86
H7 NUC Q . -0.79 -0.77 15.55
H8 NUC Q . 1.52 -2.43 13.26
H9 NUC Q . 5.00 -3.71 11.73
H10 NUC Q . 4.88 -5.17 10.73
H11 NUC Q . 3.41 -4.38 11.32
H12 NUC Q . 4.44 -3.55 7.65
H13 NUC Q . 4.04 -5.07 8.52
H14 NUC Q . 1.90 -5.42 5.75
H15 NUC Q . 0.96 -6.36 6.96
H16 NUC Q . 2.72 -6.13 7.17
H17 NUC Q . -1.20 -4.84 6.58
H18 NUC Q . -3.00 -3.27 7.17
H19 NUC Q . -2.55 -1.32 8.58
H20 NUC Q . -0.26 -0.92 9.45
H21 NUC Q . 2.99 -2.50 11.58
H22 NUC Q . 2.01 -0.49 17.77
H23 NUC Q . 1.63 -2.38 16.51
H24 NUC Q . 0.01 -2.54 17.22
H25 NUC Q . 0.57 2.20 15.59
PA NAD R . 7.90 -5.34 16.97
O1A NAD R . 8.50 -5.50 18.35
O2A NAD R . 6.39 -5.32 17.10
O5B NAD R . 8.42 -3.90 16.31
C5B NAD R . 8.10 -2.70 16.96
C4B NAD R . 9.31 -2.38 17.92
O4B NAD R . 9.57 -0.85 17.87
C3B NAD R . 9.01 -2.66 19.12
O3B NAD R . 9.81 -3.80 19.59
C2B NAD R . 9.34 -1.32 20.06
O2B NAD R . 10.17 -1.70 21.18
C1B NAD R . 9.96 -0.49 19.32
N9A NAD R . 9.50 0.91 19.61
C8A NAD R . 8.35 1.43 19.25
N7A NAD R . 8.28 2.68 19.68
C5A NAD R . 9.43 2.97 20.33
C6A NAD R . 9.93 4.10 20.99
N6A NAD R . 9.16 5.31 21.07
N1A NAD R . 11.13 4.04 21.54
C2A NAD R . 11.84 2.95 21.48
N3A NAD R . 11.41 1.86 20.88
C4A NAD R . 10.20 1.84 20.30
O3 NAD R . 8.35 -6.66 16.08
PN NAD R . 8.76 -6.77 14.48
O1N NAD R . 7.64 -7.46 13.78
O2N NAD R . 9.98 -7.72 14.42
O5D NAD R . 8.93 -5.26 13.73
C5D NAD R . 10.27 -4.76 13.39
C4D NAD R . 10.19 -3.81 12.16
O4D NAD R . 9.93 -4.49 11.09
C3D NAD R . 8.94 -2.87 12.34
O3D NAD R . 9.39 -1.61 12.63
C2D NAD R . 8.24 -2.87 11.00
O2D NAD R . 8.04 -1.48 10.54
C1D NAD R . 9.08 -3.51 10.16
N1N NAD R . 8.36 -4.27 9.19
C2N NAD R . 7.57 -5.25 9.62
C3N NAD R . 6.85 -6.01 8.68
C7N NAD R . 5.94 -7.14 9.14
O7N NAD R . 5.22 -7.70 8.37
N7N NAD R . 5.94 -7.57 10.60
C4N NAD R . 6.99 -5.74 7.32
C5N NAD R . 7.84 -4.70 6.94
C6N NAD R . 8.53 -3.97 7.92
#